data_8SQ9
#
_entry.id   8SQ9
#
_cell.length_a   1.00
_cell.length_b   1.00
_cell.length_c   1.00
_cell.angle_alpha   90.00
_cell.angle_beta   90.00
_cell.angle_gamma   90.00
#
_symmetry.space_group_name_H-M   'P 1'
#
loop_
_entity.id
_entity.type
_entity.pdbx_description
1 polymer 'RNA-directed RNA polymerase'
2 polymer 'Non-structural protein 8'
3 polymer 'Non-structural protein 7'
4 polymer 'Non-structural protein 9'
5 polymer 'Primer RNA'
6 polymer 'Template RNA'
7 non-polymer 'ZINC ION'
8 non-polymer 'MAGNESIUM ION'
9 non-polymer "5'-O-[(S)-hydroxy{[(S)-hydroxy(phosphonooxy)phosphoryl]methyl}phosphoryl]uridine"
10 water water
#
loop_
_entity_poly.entity_id
_entity_poly.type
_entity_poly.pdbx_seq_one_letter_code
_entity_poly.pdbx_strand_id
1 'polypeptide(L)'
;SADAQSFLNRVCGVSAARLTPCGTGTSTDVVYRAFDIYNDKVAGFAKFLKTNCCRFQEKDEDDNLIDSYFVVKRHTFSNY
QHEETIYNLLKDCPAVAKHDFFKFRIDGDMVPHISRQRLTKYTMADLVYALRHFDEGNCDTLKEILVTYNCCDDDYFNKK
DWYDFVENPDILRVYANLGERVRQALLKTVQFCDAMRNAGIVGVLTLDNQDLNGNWYDFGDFIQTTPGSGVPVVDSYYSL
LMPILTLTRALTAESHVDTDLTKPYIKWDLLKYDFTEERLKLFDRYFKYWDQTYHPNCVNCLDDRCILHCANFNVLFSTV
FPPTSFGPLVRKIFVDGVPFVVSTGYHFRELGVVHNQDVNLHSSRLSFKELLVYAADPAMHAASGNLLLDKRTTCFSVAA
LTNNVAFQTVKPGNFNKDFYDFAVSKGFFKEGSSVELKHFFFAQDGNAAISDYDYYRYNLPTMCDIRQLLFVVEVVDKYF
DCYDGGCINANQVIVNNLDKSAGFPFNKWGKARLYYDSMSYEDQDALFAYTKRNVIPTITQMNLKYAISAKNRARTVAGV
SICSTMTNRQFHQKLLKSIAATRGATVVIGTSKFYGGWHNMLKTVYSDVENPHLMGWDYPKCDRAMPNMLRIMASLVLAR
KHTTCCSLSHRFYRLANECAQVLSEMVMCGGSLYVKPGGTSSGDATTAYANSVFNICQAVTANVNALLSTDGNKIADKYV
RNLQHRLYECLYRNRDVDTDFVNEFYAYLRKHFSMMILSDDAVVCFNSTYASQGLVASIKNFKSVLYYQNNVFMSEAKCW
TETDLTKGPHEFCSQHTMLVKQGDDYVYLPYPDPSRILGAGCFVDDIVKTDGTLMIERFVSLAIDAYPLTKHPNQEYADV
FHLYLQYIRKLHDELTGHMLDMYSVMLTNDNTSRYWEPEFYEAMYTPHTVLQ
;
A
2 'polypeptide(L)'
;AIASEFSSLPSYAAFATAQEAYEQAVANGDSEVVLKKLKKSLNVAKSEFDRDAAMQRKLEKMADQAMTQMYKQARSEDKR
AKVTSAMQTMLFTMLRKLDNDALNNIINNARDGCVPLNIIPLTTAAKLMVVIPDYNTYKNTCDGTTFTYASALWEIQQVV
DADSKIVQLSEISMDNSPNLAWPLIVTALRANSAVKLQ
;
B,D
3 'polypeptide(L)'
;SKMSDVKCTSVVLLSVLQQLRVESSSKLWAQCVQLHNDILLAKDTTEAFEKMVSLLSVLLSMQGAVDINKLCEEMLDNRA
TLQ
;
C
4 'polypeptide(L)'
;NNELSPVALRQMSCAAGTTQTACTDDNALAYYNTTKGGRFVLALLSDLQDLKWARFPKSDGTGTIYTELEPPCRFVTDTP
KGPKVKYLYFIKGLNNLNRGMVLGSLAATVRLQ
;
G
5 'polyribonucleotide' CGCGUAGCAUGCUACGUCAUUCUCCACGCGAAGCA P
6 'polyribonucleotide' CUAUCCCCAUUUUGUUGUCAUGCUUCGCGUGGAGAAUGACGUAGCAUGCUACGCG T
#
# COMPACT_ATOMS: atom_id res chain seq x y z
N ALA A 4 -42.72 4.61 47.47
CA ALA A 4 -41.53 4.64 46.62
C ALA A 4 -40.37 5.33 47.32
N GLN A 5 -40.69 6.17 48.32
CA GLN A 5 -39.64 6.76 49.13
C GLN A 5 -39.08 5.77 50.14
N SER A 6 -39.91 4.84 50.61
CA SER A 6 -39.40 3.76 51.47
C SER A 6 -38.43 2.88 50.70
N PHE A 7 -38.73 2.62 49.42
CA PHE A 7 -37.82 1.84 48.59
C PHE A 7 -36.48 2.54 48.45
N LEU A 8 -36.49 3.84 48.20
CA LEU A 8 -35.24 4.58 48.02
C LEU A 8 -34.38 4.58 49.28
N ASN A 9 -34.97 4.33 50.45
CA ASN A 9 -34.22 4.26 51.69
C ASN A 9 -33.72 2.86 52.00
N ARG A 10 -34.16 1.84 51.26
CA ARG A 10 -33.58 0.50 51.38
C ARG A 10 -32.62 0.16 50.25
N VAL A 11 -32.68 0.88 49.12
CA VAL A 11 -31.64 0.73 48.12
C VAL A 11 -30.33 1.31 48.64
N CYS A 12 -30.40 2.42 49.37
CA CYS A 12 -29.20 2.98 49.99
C CYS A 12 -28.67 2.05 51.07
N GLY A 13 -29.56 1.43 51.84
CA GLY A 13 -29.12 0.50 52.86
C GLY A 13 -28.37 1.20 53.96
N VAL A 14 -27.16 0.74 54.24
CA VAL A 14 -26.31 1.30 55.27
C VAL A 14 -24.97 1.76 54.73
N SER A 15 -24.80 1.78 53.41
CA SER A 15 -23.57 2.31 52.82
C SER A 15 -23.44 3.81 52.98
N ALA A 16 -24.50 4.49 53.46
CA ALA A 16 -24.47 5.93 53.72
C ALA A 16 -24.16 6.70 52.44
N ALA A 17 -25.07 6.57 51.48
CA ALA A 17 -25.02 7.32 50.23
C ALA A 17 -26.26 8.20 50.15
N ARG A 18 -26.42 8.91 49.03
CA ARG A 18 -27.62 9.70 48.78
C ARG A 18 -27.95 9.57 47.30
N LEU A 19 -29.20 9.23 47.01
CA LEU A 19 -29.60 8.78 45.69
C LEU A 19 -30.62 9.74 45.07
N THR A 20 -30.33 10.16 43.84
CA THR A 20 -31.31 10.82 42.97
C THR A 20 -32.00 9.75 42.12
N PRO A 21 -33.34 9.67 42.15
CA PRO A 21 -33.99 8.58 41.41
C PRO A 21 -33.86 8.73 39.90
N CYS A 22 -32.63 8.69 39.40
CA CYS A 22 -32.42 8.80 37.95
C CYS A 22 -33.33 7.84 37.21
N GLY A 23 -33.40 6.59 37.67
CA GLY A 23 -34.45 5.69 37.27
C GLY A 23 -35.56 5.74 38.29
N THR A 24 -36.81 5.82 37.82
CA THR A 24 -37.93 5.95 38.73
C THR A 24 -37.94 4.78 39.70
N GLY A 25 -38.23 5.09 40.97
CA GLY A 25 -38.03 4.16 42.07
C GLY A 25 -38.57 2.77 41.84
N THR A 26 -39.90 2.62 41.84
CA THR A 26 -40.51 1.31 41.67
C THR A 26 -40.82 1.00 40.22
N SER A 27 -40.64 1.95 39.31
CA SER A 27 -40.71 1.68 37.88
C SER A 27 -39.31 1.43 37.35
N THR A 28 -39.18 1.21 36.05
CA THR A 28 -37.95 0.67 35.46
C THR A 28 -37.30 1.71 34.55
N ASP A 29 -36.19 1.31 33.93
CA ASP A 29 -35.42 2.16 33.02
C ASP A 29 -35.10 1.35 31.77
N VAL A 30 -35.30 1.95 30.60
CA VAL A 30 -35.13 1.26 29.32
C VAL A 30 -34.22 2.08 28.43
N VAL A 31 -33.17 1.45 27.89
CA VAL A 31 -32.24 2.12 27.00
C VAL A 31 -31.63 1.11 26.02
N TYR A 32 -30.77 1.58 25.13
CA TYR A 32 -30.10 0.72 24.15
C TYR A 32 -28.66 0.51 24.57
N ARG A 33 -28.30 -0.74 24.87
CA ARG A 33 -26.97 -1.05 25.38
C ARG A 33 -26.43 -2.30 24.69
N ALA A 34 -25.11 -2.33 24.50
CA ALA A 34 -24.47 -3.43 23.79
C ALA A 34 -24.29 -4.63 24.71
N PHE A 35 -24.68 -5.80 24.21
CA PHE A 35 -24.57 -7.05 24.95
C PHE A 35 -23.84 -8.08 24.11
N ASP A 36 -23.21 -9.02 24.78
CA ASP A 36 -22.57 -10.18 24.15
C ASP A 36 -23.39 -11.40 24.57
N ILE A 37 -24.38 -11.76 23.75
CA ILE A 37 -25.43 -12.69 24.13
C ILE A 37 -25.25 -13.98 23.34
N TYR A 38 -25.56 -15.11 23.98
CA TYR A 38 -25.55 -16.40 23.31
C TYR A 38 -26.49 -17.33 24.08
N ASN A 39 -27.70 -17.51 23.57
CA ASN A 39 -28.66 -18.45 24.08
C ASN A 39 -28.76 -19.63 23.11
N ASP A 40 -29.70 -20.53 23.39
CA ASP A 40 -30.07 -21.52 22.39
C ASP A 40 -30.94 -20.92 21.29
N LYS A 41 -31.42 -19.69 21.49
N LYS A 41 -31.40 -19.69 21.46
CA LYS A 41 -32.29 -19.01 20.55
CA LYS A 41 -32.28 -19.04 20.48
C LYS A 41 -31.53 -17.95 19.75
C LYS A 41 -31.67 -17.83 19.80
N VAL A 42 -30.76 -17.11 20.44
CA VAL A 42 -30.12 -15.94 19.84
C VAL A 42 -28.62 -15.98 20.13
N ALA A 43 -27.88 -15.25 19.30
CA ALA A 43 -26.43 -15.12 19.47
C ALA A 43 -25.99 -13.82 18.82
N GLY A 44 -24.79 -13.38 19.17
CA GLY A 44 -24.19 -12.22 18.57
C GLY A 44 -23.78 -11.19 19.60
N PHE A 45 -23.25 -10.07 19.11
CA PHE A 45 -22.79 -8.96 19.92
C PHE A 45 -23.45 -7.70 19.37
N ALA A 46 -24.65 -7.40 19.86
CA ALA A 46 -25.49 -6.36 19.28
C ALA A 46 -26.10 -5.51 20.38
N LYS A 47 -26.55 -4.32 20.00
CA LYS A 47 -27.19 -3.40 20.94
C LYS A 47 -28.63 -3.82 21.15
N PHE A 48 -28.94 -4.34 22.32
CA PHE A 48 -30.29 -4.71 22.66
C PHE A 48 -30.93 -3.62 23.51
N LEU A 49 -32.18 -3.83 23.88
CA LEU A 49 -32.97 -2.86 24.64
C LEU A 49 -33.01 -3.32 26.10
N LYS A 50 -32.07 -2.81 26.89
CA LYS A 50 -32.07 -3.12 28.32
C LYS A 50 -33.27 -2.49 28.99
N THR A 51 -33.89 -3.24 29.89
CA THR A 51 -35.13 -2.81 30.54
C THR A 51 -35.25 -3.52 31.88
N ASN A 52 -36.24 -3.08 32.67
CA ASN A 52 -36.64 -3.65 33.95
C ASN A 52 -35.73 -3.23 35.10
N CYS A 53 -34.70 -2.42 34.86
CA CYS A 53 -33.80 -1.98 35.91
C CYS A 53 -34.12 -0.56 36.34
N CYS A 54 -33.88 -0.27 37.62
CA CYS A 54 -34.02 1.07 38.18
C CYS A 54 -32.63 1.56 38.55
N ARG A 55 -32.19 2.66 37.95
CA ARG A 55 -30.84 3.16 38.13
C ARG A 55 -30.89 4.49 38.88
N PHE A 56 -30.43 4.47 40.13
CA PHE A 56 -30.43 5.65 40.99
C PHE A 56 -29.03 6.23 40.98
N GLN A 57 -28.89 7.50 40.61
CA GLN A 57 -27.57 8.09 40.60
C GLN A 57 -27.21 8.60 42.00
N GLU A 58 -25.93 8.86 42.21
CA GLU A 58 -25.42 9.26 43.52
C GLU A 58 -24.89 10.69 43.47
N LYS A 59 -25.12 11.41 44.56
CA LYS A 59 -24.66 12.79 44.70
C LYS A 59 -23.42 12.84 45.59
N ASP A 60 -22.52 13.75 45.25
CA ASP A 60 -21.30 13.97 46.03
C ASP A 60 -21.65 14.73 47.31
N GLU A 61 -20.64 14.92 48.18
CA GLU A 61 -20.85 15.71 49.39
C GLU A 61 -21.48 17.05 49.06
N ASP A 62 -20.90 17.77 48.11
CA ASP A 62 -21.59 18.87 47.46
C ASP A 62 -22.61 18.29 46.48
N ASP A 63 -23.65 19.06 46.20
CA ASP A 63 -24.70 18.55 45.32
C ASP A 63 -24.20 18.48 43.89
N ASN A 64 -23.23 17.59 43.65
CA ASN A 64 -22.61 17.42 42.35
C ASN A 64 -22.73 15.95 41.98
N LEU A 65 -23.53 15.66 40.96
CA LEU A 65 -23.78 14.27 40.57
C LEU A 65 -22.50 13.63 40.03
N ILE A 66 -22.26 12.39 40.45
CA ILE A 66 -21.11 11.62 40.02
C ILE A 66 -21.62 10.38 39.28
N ASP A 67 -20.71 9.70 38.57
CA ASP A 67 -21.09 8.52 37.80
C ASP A 67 -20.98 7.28 38.69
N SER A 68 -21.80 7.29 39.73
CA SER A 68 -22.02 6.12 40.58
C SER A 68 -23.51 5.84 40.62
N TYR A 69 -23.90 4.66 40.18
CA TYR A 69 -25.30 4.28 40.05
C TYR A 69 -25.57 3.03 40.85
N PHE A 70 -26.63 3.07 41.66
CA PHE A 70 -27.19 1.88 42.30
C PHE A 70 -28.22 1.32 41.32
N VAL A 71 -27.99 0.09 40.86
CA VAL A 71 -28.85 -0.53 39.86
C VAL A 71 -29.64 -1.61 40.59
N VAL A 72 -30.94 -1.40 40.73
CA VAL A 72 -31.82 -2.37 41.36
C VAL A 72 -32.58 -3.12 40.28
N LYS A 73 -32.76 -4.37 40.45
CA LYS A 73 -33.38 -5.29 39.51
CA LYS A 73 -33.46 -5.21 39.48
C LYS A 73 -34.32 -6.24 40.15
N ARG A 74 -35.38 -6.64 39.56
CA ARG A 74 -36.31 -7.64 40.06
C ARG A 74 -35.93 -8.98 39.46
N HIS A 75 -35.74 -9.98 40.32
CA HIS A 75 -35.35 -11.32 39.91
C HIS A 75 -36.34 -12.32 40.45
N THR A 76 -36.40 -13.47 39.79
CA THR A 76 -37.23 -14.57 40.26
C THR A 76 -36.54 -15.30 41.40
N PHE A 77 -37.32 -15.69 42.40
CA PHE A 77 -36.82 -16.32 43.62
C PHE A 77 -35.73 -17.35 43.31
N SER A 78 -35.96 -18.17 42.29
CA SER A 78 -35.04 -19.26 41.98
C SER A 78 -33.70 -18.76 41.49
N ASN A 79 -33.67 -17.65 40.75
CA ASN A 79 -32.40 -17.07 40.34
C ASN A 79 -31.82 -16.15 41.40
N TYR A 80 -32.67 -15.56 42.23
CA TYR A 80 -32.19 -14.75 43.36
C TYR A 80 -31.38 -15.61 44.33
N GLN A 81 -31.89 -16.80 44.68
CA GLN A 81 -31.14 -17.68 45.56
C GLN A 81 -29.81 -18.10 44.93
N HIS A 82 -29.84 -18.44 43.64
CA HIS A 82 -28.63 -18.89 42.97
C HIS A 82 -27.58 -17.79 42.91
N GLU A 83 -27.99 -16.57 42.55
CA GLU A 83 -27.03 -15.48 42.51
C GLU A 83 -26.50 -15.17 43.89
N GLU A 84 -27.35 -15.25 44.92
CA GLU A 84 -26.86 -14.99 46.27
C GLU A 84 -25.81 -16.01 46.68
N THR A 85 -26.04 -17.30 46.40
CA THR A 85 -25.08 -18.31 46.81
C THR A 85 -23.84 -18.35 45.92
N ILE A 86 -23.91 -17.81 44.71
CA ILE A 86 -22.71 -17.67 43.89
C ILE A 86 -21.94 -16.39 44.20
N TYR A 87 -22.59 -15.41 44.82
CA TYR A 87 -21.91 -14.19 45.25
C TYR A 87 -21.28 -14.33 46.62
N ASN A 88 -21.88 -15.10 47.52
CA ASN A 88 -21.26 -15.30 48.82
C ASN A 88 -19.89 -15.94 48.70
N LEU A 89 -19.61 -16.64 47.61
CA LEU A 89 -18.30 -17.24 47.40
C LEU A 89 -17.30 -16.27 46.79
N LEU A 90 -17.74 -15.38 45.90
CA LEU A 90 -16.88 -14.38 45.29
C LEU A 90 -16.93 -13.04 46.01
N LYS A 91 -17.65 -12.95 47.12
CA LYS A 91 -17.82 -11.69 47.81
C LYS A 91 -16.51 -11.08 48.27
N ASP A 92 -15.47 -11.90 48.41
CA ASP A 92 -14.20 -11.43 48.98
C ASP A 92 -13.23 -10.88 47.94
N CYS A 93 -13.54 -11.02 46.65
CA CYS A 93 -12.64 -10.52 45.63
C CYS A 93 -12.78 -9.00 45.51
N PRO A 94 -11.68 -8.25 45.46
CA PRO A 94 -11.79 -6.79 45.26
C PRO A 94 -12.45 -6.41 43.96
N ALA A 95 -12.28 -7.19 42.90
CA ALA A 95 -12.85 -6.86 41.59
C ALA A 95 -14.26 -7.42 41.44
N VAL A 96 -15.12 -7.12 42.42
CA VAL A 96 -16.51 -7.56 42.39
C VAL A 96 -17.37 -6.48 43.02
N ALA A 97 -18.28 -5.91 42.25
CA ALA A 97 -19.16 -4.88 42.77
C ALA A 97 -20.04 -5.45 43.87
N LYS A 98 -20.40 -4.61 44.82
CA LYS A 98 -21.22 -5.06 45.94
C LYS A 98 -22.64 -5.36 45.46
N HIS A 99 -23.31 -6.24 46.21
CA HIS A 99 -24.70 -6.59 45.95
C HIS A 99 -25.45 -6.54 47.28
N ASP A 100 -26.75 -6.33 47.21
CA ASP A 100 -27.55 -6.16 48.42
C ASP A 100 -28.51 -7.29 48.69
N PHE A 101 -29.24 -7.80 47.70
CA PHE A 101 -30.05 -9.01 47.85
C PHE A 101 -31.10 -8.85 48.96
N PHE A 102 -32.09 -8.01 48.69
CA PHE A 102 -33.16 -7.79 49.65
C PHE A 102 -34.50 -8.22 49.07
N LYS A 103 -35.54 -8.18 49.91
CA LYS A 103 -36.90 -8.50 49.51
C LYS A 103 -37.81 -7.33 49.87
N PHE A 104 -38.51 -6.79 48.88
CA PHE A 104 -39.36 -5.62 49.09
C PHE A 104 -40.78 -5.98 48.71
N ARG A 105 -41.74 -5.53 49.51
CA ARG A 105 -43.13 -5.91 49.31
C ARG A 105 -43.76 -5.05 48.23
N ILE A 106 -44.34 -5.70 47.23
CA ILE A 106 -45.06 -5.03 46.15
C ILE A 106 -46.41 -5.73 46.04
N ASP A 107 -47.48 -5.03 46.41
CA ASP A 107 -48.85 -5.52 46.33
C ASP A 107 -49.17 -6.32 47.58
N GLY A 108 -48.79 -7.59 47.59
CA GLY A 108 -48.76 -8.38 48.79
C GLY A 108 -47.66 -9.43 48.76
N ASP A 109 -46.83 -9.39 47.73
CA ASP A 109 -45.82 -10.42 47.50
C ASP A 109 -44.44 -9.83 47.71
N MET A 110 -43.64 -10.48 48.55
CA MET A 110 -42.28 -10.00 48.79
C MET A 110 -41.43 -10.25 47.57
N VAL A 111 -41.43 -9.33 46.62
CA VAL A 111 -40.62 -9.52 45.41
C VAL A 111 -39.15 -9.46 45.79
N PRO A 112 -38.31 -10.38 45.29
CA PRO A 112 -36.87 -10.29 45.58
C PRO A 112 -36.15 -9.35 44.63
N HIS A 113 -35.41 -8.38 45.19
CA HIS A 113 -34.63 -7.44 44.41
C HIS A 113 -33.13 -7.66 44.66
N ILE A 114 -32.35 -7.50 43.60
CA ILE A 114 -30.90 -7.55 43.65
C ILE A 114 -30.40 -6.16 43.30
N SER A 115 -29.62 -5.56 44.19
CA SER A 115 -29.15 -4.18 44.05
C SER A 115 -27.64 -4.20 43.94
N ARG A 116 -27.11 -3.74 42.80
CA ARG A 116 -25.67 -3.62 42.61
C ARG A 116 -25.25 -2.18 42.84
N GLN A 117 -24.17 -1.99 43.59
CA GLN A 117 -23.83 -0.69 44.16
C GLN A 117 -22.63 -0.09 43.46
N ARG A 118 -22.75 1.18 43.08
CA ARG A 118 -21.64 2.00 42.60
C ARG A 118 -21.07 1.44 41.29
N LEU A 119 -21.95 1.32 40.30
CA LEU A 119 -21.56 0.99 38.94
C LEU A 119 -21.55 2.25 38.09
N THR A 120 -20.66 2.28 37.11
CA THR A 120 -20.61 3.41 36.19
C THR A 120 -21.87 3.41 35.32
N LYS A 121 -21.99 4.44 34.47
CA LYS A 121 -23.14 4.51 33.58
C LYS A 121 -23.04 3.48 32.46
N TYR A 122 -21.88 3.35 31.85
CA TYR A 122 -21.65 2.45 30.74
C TYR A 122 -20.73 1.32 31.16
N THR A 123 -20.93 0.16 30.55
CA THR A 123 -20.09 -1.01 30.80
C THR A 123 -18.95 -1.04 29.79
N MET A 124 -18.12 -2.08 29.85
CA MET A 124 -17.03 -2.21 28.88
C MET A 124 -17.53 -2.67 27.53
N ALA A 125 -18.65 -3.40 27.50
CA ALA A 125 -19.24 -3.78 26.22
C ALA A 125 -19.67 -2.55 25.44
N ASP A 126 -20.18 -1.53 26.12
CA ASP A 126 -20.56 -0.30 25.44
C ASP A 126 -19.35 0.38 24.83
N LEU A 127 -18.23 0.44 25.57
CA LEU A 127 -17.03 1.03 25.01
C LEU A 127 -16.53 0.26 23.80
N VAL A 128 -16.49 -1.06 23.90
CA VAL A 128 -15.98 -1.86 22.78
C VAL A 128 -16.91 -1.72 21.57
N TYR A 129 -18.22 -1.79 21.78
CA TYR A 129 -19.16 -1.65 20.68
C TYR A 129 -19.05 -0.27 20.04
N ALA A 130 -18.94 0.78 20.85
CA ALA A 130 -18.87 2.13 20.32
C ALA A 130 -17.59 2.32 19.50
N LEU A 131 -16.48 1.76 19.96
CA LEU A 131 -15.24 1.91 19.24
C LEU A 131 -15.11 0.96 18.05
N ARG A 132 -15.92 -0.08 17.98
CA ARG A 132 -15.86 -1.05 16.88
C ARG A 132 -16.92 -0.80 15.82
N HIS A 133 -18.16 -0.48 16.21
CA HIS A 133 -19.20 -0.08 15.27
C HIS A 133 -19.36 1.43 15.34
N PHE A 134 -18.47 2.13 14.65
CA PHE A 134 -18.37 3.59 14.76
C PHE A 134 -19.11 4.24 13.61
N ASP A 135 -20.10 5.06 13.93
CA ASP A 135 -20.87 5.82 12.95
C ASP A 135 -20.70 7.30 13.29
N GLU A 136 -20.10 8.05 12.37
CA GLU A 136 -19.79 9.45 12.64
C GLU A 136 -21.01 10.24 13.10
N GLY A 137 -22.17 9.93 12.54
CA GLY A 137 -23.38 10.68 12.87
C GLY A 137 -24.09 10.20 14.10
N ASN A 138 -23.64 9.07 14.66
CA ASN A 138 -24.24 8.48 15.85
C ASN A 138 -23.12 8.07 16.79
N CYS A 139 -22.70 8.99 17.66
CA CYS A 139 -21.59 8.75 18.57
C CYS A 139 -21.88 9.20 20.00
N ASP A 140 -23.14 9.47 20.35
CA ASP A 140 -23.44 10.01 21.67
C ASP A 140 -22.88 9.14 22.78
N THR A 141 -23.00 7.82 22.67
CA THR A 141 -22.52 6.92 23.70
C THR A 141 -21.01 6.92 23.83
N LEU A 142 -20.28 7.29 22.78
CA LEU A 142 -18.84 7.42 22.85
C LEU A 142 -18.42 8.79 23.35
N LYS A 143 -19.11 9.84 22.92
CA LYS A 143 -18.81 11.17 23.41
C LYS A 143 -19.04 11.25 24.92
N GLU A 144 -20.11 10.64 25.40
CA GLU A 144 -20.37 10.66 26.83
C GLU A 144 -19.26 9.93 27.60
N ILE A 145 -18.81 8.79 27.08
CA ILE A 145 -17.73 8.06 27.74
C ILE A 145 -16.46 8.91 27.77
N LEU A 146 -16.12 9.53 26.65
CA LEU A 146 -14.89 10.31 26.59
C LEU A 146 -14.94 11.51 27.53
N VAL A 147 -16.06 12.24 27.56
CA VAL A 147 -16.16 13.40 28.43
C VAL A 147 -16.20 13.00 29.89
N THR A 148 -16.88 11.88 30.20
CA THR A 148 -17.09 11.51 31.59
C THR A 148 -15.77 11.21 32.28
N TYR A 149 -14.83 10.58 31.58
CA TYR A 149 -13.56 10.17 32.17
C TYR A 149 -12.43 11.11 31.81
N ASN A 150 -12.74 12.37 31.54
CA ASN A 150 -11.75 13.43 31.39
C ASN A 150 -10.71 13.09 30.33
N CYS A 151 -11.14 12.37 29.29
CA CYS A 151 -10.29 12.14 28.13
C CYS A 151 -10.16 13.39 27.27
N CYS A 152 -11.23 14.18 27.19
CA CYS A 152 -11.22 15.45 26.49
C CYS A 152 -12.30 16.33 27.12
N ASP A 153 -12.56 17.47 26.51
CA ASP A 153 -13.59 18.39 26.97
C ASP A 153 -14.78 18.33 26.03
N ASP A 154 -15.96 18.66 26.57
CA ASP A 154 -17.18 18.57 25.80
C ASP A 154 -17.12 19.42 24.53
N ASP A 155 -16.30 20.48 24.53
CA ASP A 155 -16.14 21.34 23.38
C ASP A 155 -15.22 20.73 22.32
N TYR A 156 -14.52 19.65 22.63
CA TYR A 156 -13.62 19.04 21.67
C TYR A 156 -14.35 18.51 20.45
N PHE A 157 -15.65 18.25 20.57
CA PHE A 157 -16.42 17.68 19.48
C PHE A 157 -17.08 18.74 18.61
N ASN A 158 -17.00 20.01 18.99
CA ASN A 158 -17.39 21.08 18.08
C ASN A 158 -16.49 21.10 16.85
N LYS A 159 -15.19 20.92 17.06
CA LYS A 159 -14.29 20.65 15.95
C LYS A 159 -14.86 19.52 15.10
N LYS A 160 -14.66 19.61 13.79
CA LYS A 160 -15.13 18.57 12.88
C LYS A 160 -13.92 17.82 12.34
N ASP A 161 -14.18 16.57 11.95
CA ASP A 161 -13.13 15.58 11.72
C ASP A 161 -12.38 15.24 13.00
N TRP A 162 -12.97 15.56 14.16
CA TRP A 162 -12.32 15.23 15.42
C TRP A 162 -12.10 13.74 15.58
N TYR A 163 -12.90 12.93 14.91
CA TYR A 163 -12.78 11.48 14.95
C TYR A 163 -11.82 10.92 13.91
N ASP A 164 -11.32 11.75 13.01
CA ASP A 164 -10.50 11.27 11.90
C ASP A 164 -9.06 11.07 12.36
N PHE A 165 -8.49 9.91 12.01
CA PHE A 165 -7.12 9.60 12.41
C PHE A 165 -6.09 10.34 11.56
N VAL A 166 -6.48 10.87 10.41
CA VAL A 166 -5.58 11.55 9.50
C VAL A 166 -5.76 13.06 9.56
N GLU A 167 -6.99 13.54 9.44
CA GLU A 167 -7.24 14.98 9.48
C GLU A 167 -7.01 15.54 10.88
N ASN A 168 -7.25 14.75 11.93
CA ASN A 168 -7.08 15.17 13.31
C ASN A 168 -6.30 14.09 14.05
N PRO A 169 -4.98 14.04 13.87
CA PRO A 169 -4.18 13.01 14.55
C PRO A 169 -4.13 13.15 16.06
N ASP A 170 -4.64 14.24 16.63
CA ASP A 170 -4.67 14.40 18.07
C ASP A 170 -5.70 13.50 18.75
N ILE A 171 -6.62 12.91 17.99
CA ILE A 171 -7.61 12.02 18.58
C ILE A 171 -6.93 10.80 19.21
N LEU A 172 -5.73 10.44 18.73
CA LEU A 172 -5.01 9.32 19.32
C LEU A 172 -4.68 9.60 20.77
N ARG A 173 -4.29 10.83 21.09
CA ARG A 173 -4.05 11.19 22.48
C ARG A 173 -5.32 11.07 23.31
N VAL A 174 -6.44 11.54 22.77
CA VAL A 174 -7.71 11.48 23.49
C VAL A 174 -8.06 10.04 23.81
N TYR A 175 -7.92 9.14 22.82
CA TYR A 175 -8.17 7.73 23.09
C TYR A 175 -7.17 7.17 24.08
N ALA A 176 -5.89 7.50 23.93
CA ALA A 176 -4.86 6.98 24.82
C ALA A 176 -5.08 7.42 26.26
N ASN A 177 -5.86 8.47 26.48
CA ASN A 177 -6.23 8.82 27.85
C ASN A 177 -7.09 7.74 28.51
N LEU A 178 -7.66 6.82 27.72
CA LEU A 178 -8.40 5.68 28.25
C LEU A 178 -7.51 4.49 28.54
N GLY A 179 -6.21 4.59 28.28
CA GLY A 179 -5.36 3.41 28.36
C GLY A 179 -5.35 2.78 29.73
N GLU A 180 -5.13 3.59 30.76
CA GLU A 180 -4.94 3.00 32.09
C GLU A 180 -6.24 2.48 32.68
N ARG A 181 -7.37 3.06 32.30
CA ARG A 181 -8.65 2.47 32.72
C ARG A 181 -8.82 1.07 32.16
N VAL A 182 -8.47 0.89 30.89
CA VAL A 182 -8.54 -0.43 30.28
C VAL A 182 -7.54 -1.38 30.93
N ARG A 183 -6.33 -0.89 31.23
CA ARG A 183 -5.34 -1.74 31.88
C ARG A 183 -5.80 -2.19 33.25
N GLN A 184 -6.42 -1.28 34.01
CA GLN A 184 -6.95 -1.66 35.31
C GLN A 184 -8.11 -2.63 35.16
N ALA A 185 -8.91 -2.50 34.11
CA ALA A 185 -9.94 -3.50 33.85
C ALA A 185 -9.32 -4.87 33.59
N LEU A 186 -8.22 -4.92 32.84
CA LEU A 186 -7.56 -6.19 32.59
C LEU A 186 -7.04 -6.80 33.89
N LEU A 187 -6.42 -5.99 34.74
CA LEU A 187 -5.94 -6.51 36.02
C LEU A 187 -7.08 -7.04 36.87
N LYS A 188 -8.19 -6.30 36.91
CA LYS A 188 -9.32 -6.74 37.73
C LYS A 188 -9.97 -8.00 37.18
N THR A 189 -10.01 -8.17 35.85
CA THR A 189 -10.57 -9.42 35.33
C THR A 189 -9.65 -10.59 35.62
N VAL A 190 -8.34 -10.38 35.64
CA VAL A 190 -7.44 -11.45 36.06
C VAL A 190 -7.69 -11.81 37.53
N GLN A 191 -7.88 -10.81 38.38
CA GLN A 191 -8.22 -11.10 39.77
C GLN A 191 -9.52 -11.88 39.88
N PHE A 192 -10.53 -11.49 39.09
CA PHE A 192 -11.81 -12.18 39.12
C PHE A 192 -11.67 -13.63 38.69
N CYS A 193 -10.87 -13.87 37.63
CA CYS A 193 -10.65 -15.24 37.19
C CYS A 193 -9.96 -16.06 38.27
N ASP A 194 -8.97 -15.48 38.96
CA ASP A 194 -8.32 -16.19 40.05
C ASP A 194 -9.32 -16.53 41.15
N ALA A 195 -10.20 -15.59 41.49
CA ALA A 195 -11.20 -15.84 42.52
C ALA A 195 -12.14 -16.96 42.10
N MET A 196 -12.58 -16.95 40.84
CA MET A 196 -13.47 -18.00 40.34
C MET A 196 -12.79 -19.35 40.42
N ARG A 197 -11.53 -19.43 39.97
CA ARG A 197 -10.83 -20.71 40.01
C ARG A 197 -10.67 -21.21 41.44
N ASN A 198 -10.32 -20.31 42.37
CA ASN A 198 -10.11 -20.74 43.75
C ASN A 198 -11.41 -21.12 44.44
N ALA A 199 -12.53 -20.52 44.06
CA ALA A 199 -13.83 -20.84 44.65
C ALA A 199 -14.59 -21.91 43.89
N GLY A 200 -14.06 -22.38 42.76
CA GLY A 200 -14.73 -23.39 41.97
C GLY A 200 -16.01 -22.95 41.31
N ILE A 201 -16.01 -21.77 40.70
CA ILE A 201 -17.15 -21.28 39.93
C ILE A 201 -16.83 -21.40 38.45
N VAL A 202 -17.79 -21.89 37.67
CA VAL A 202 -17.63 -22.08 36.23
C VAL A 202 -18.60 -21.15 35.53
N GLY A 203 -18.09 -20.35 34.58
CA GLY A 203 -18.96 -19.44 33.88
C GLY A 203 -18.23 -18.75 32.75
N VAL A 204 -19.00 -18.01 31.96
CA VAL A 204 -18.51 -17.28 30.80
C VAL A 204 -18.44 -15.80 31.17
N LEU A 205 -17.26 -15.21 31.00
CA LEU A 205 -17.08 -13.79 31.25
C LEU A 205 -17.36 -13.01 29.97
N THR A 206 -18.24 -12.02 30.06
CA THR A 206 -18.61 -11.20 28.94
C THR A 206 -18.38 -9.73 29.29
N LEU A 207 -18.12 -8.92 28.25
CA LEU A 207 -17.79 -7.52 28.47
C LEU A 207 -18.93 -6.76 29.13
N ASP A 208 -20.17 -7.13 28.86
CA ASP A 208 -21.31 -6.39 29.39
C ASP A 208 -21.51 -6.55 30.88
N ASN A 209 -20.78 -7.45 31.53
CA ASN A 209 -20.88 -7.66 32.97
C ASN A 209 -19.75 -6.99 33.74
N GLN A 210 -18.97 -6.15 33.10
CA GLN A 210 -17.87 -5.43 33.75
C GLN A 210 -18.00 -3.95 33.43
N ASP A 211 -18.19 -3.13 34.45
CA ASP A 211 -18.30 -1.70 34.21
C ASP A 211 -16.93 -1.10 34.00
N LEU A 212 -16.89 0.20 33.69
CA LEU A 212 -15.65 0.85 33.30
C LEU A 212 -14.77 1.21 34.49
N ASN A 213 -15.05 0.65 35.67
CA ASN A 213 -14.09 0.61 36.77
C ASN A 213 -13.46 -0.76 36.95
N GLY A 214 -13.87 -1.75 36.15
CA GLY A 214 -13.33 -3.09 36.21
C GLY A 214 -14.14 -4.06 37.04
N ASN A 215 -15.12 -3.59 37.80
CA ASN A 215 -15.87 -4.47 38.69
C ASN A 215 -16.82 -5.37 37.90
N TRP A 216 -16.99 -6.60 38.39
CA TRP A 216 -17.88 -7.59 37.79
C TRP A 216 -19.08 -7.80 38.70
N TYR A 217 -20.28 -7.93 38.10
CA TYR A 217 -21.48 -7.85 38.92
C TYR A 217 -22.64 -8.79 38.56
N ASP A 218 -22.52 -9.66 37.57
CA ASP A 218 -23.64 -10.52 37.16
C ASP A 218 -23.22 -11.98 37.18
N PHE A 219 -24.00 -12.80 37.90
CA PHE A 219 -23.70 -14.20 38.15
C PHE A 219 -24.88 -15.08 37.80
N GLY A 220 -25.62 -14.69 36.76
CA GLY A 220 -26.84 -15.42 36.43
C GLY A 220 -26.59 -16.82 35.91
N ASP A 221 -25.55 -16.99 35.10
CA ASP A 221 -25.31 -18.23 34.37
C ASP A 221 -24.04 -18.91 34.84
N PHE A 222 -23.59 -18.60 36.04
CA PHE A 222 -22.46 -19.30 36.64
C PHE A 222 -22.96 -20.52 37.40
N ILE A 223 -22.12 -21.55 37.43
CA ILE A 223 -22.44 -22.79 38.13
C ILE A 223 -21.31 -23.13 39.09
N GLN A 224 -21.62 -23.98 40.06
CA GLN A 224 -20.74 -24.25 41.18
C GLN A 224 -20.20 -25.67 41.07
N THR A 225 -18.88 -25.81 41.20
CA THR A 225 -18.21 -27.10 41.22
C THR A 225 -17.38 -27.22 42.49
N THR A 226 -16.54 -28.25 42.57
CA THR A 226 -15.70 -28.44 43.73
C THR A 226 -14.68 -27.30 43.82
N PRO A 227 -14.42 -26.77 45.02
CA PRO A 227 -13.50 -25.63 45.13
C PRO A 227 -12.11 -25.99 44.63
N GLY A 228 -11.45 -24.99 44.04
CA GLY A 228 -10.11 -25.15 43.53
C GLY A 228 -10.03 -25.48 42.05
N SER A 229 -11.14 -25.89 41.45
CA SER A 229 -11.19 -26.26 40.03
C SER A 229 -12.33 -25.49 39.38
N GLY A 230 -12.08 -24.23 39.04
CA GLY A 230 -13.05 -23.41 38.33
C GLY A 230 -12.56 -23.12 36.94
N VAL A 231 -13.47 -22.81 36.04
CA VAL A 231 -13.12 -22.65 34.63
C VAL A 231 -13.65 -21.31 34.12
N PRO A 232 -12.99 -20.21 34.42
CA PRO A 232 -13.38 -18.94 33.80
C PRO A 232 -13.16 -18.95 32.30
N VAL A 233 -14.24 -18.88 31.52
CA VAL A 233 -14.17 -19.00 30.06
C VAL A 233 -14.07 -17.59 29.49
N VAL A 234 -12.84 -17.16 29.24
CA VAL A 234 -12.59 -15.83 28.66
C VAL A 234 -12.00 -16.00 27.26
N ASP A 235 -12.87 -16.16 26.27
CA ASP A 235 -12.42 -16.24 24.89
C ASP A 235 -13.04 -15.10 24.10
N SER A 236 -14.36 -14.98 24.19
CA SER A 236 -15.05 -13.84 23.59
C SER A 236 -14.68 -12.54 24.28
N TYR A 237 -14.51 -12.55 25.61
CA TYR A 237 -14.13 -11.34 26.33
C TYR A 237 -12.85 -10.76 25.74
N TYR A 238 -11.75 -11.49 25.84
CA TYR A 238 -10.48 -10.97 25.34
C TYR A 238 -10.51 -10.75 23.84
N SER A 239 -11.14 -11.67 23.09
CA SER A 239 -11.11 -11.55 21.63
C SER A 239 -11.81 -10.27 21.18
N LEU A 240 -12.95 -9.93 21.80
CA LEU A 240 -13.62 -8.69 21.47
C LEU A 240 -12.84 -7.49 21.96
N LEU A 241 -12.22 -7.58 23.14
CA LEU A 241 -11.51 -6.45 23.71
C LEU A 241 -10.20 -6.14 23.00
N MET A 242 -9.67 -7.06 22.21
CA MET A 242 -8.31 -6.89 21.71
C MET A 242 -8.07 -5.59 20.94
N PRO A 243 -8.89 -5.21 19.96
CA PRO A 243 -8.57 -3.96 19.23
C PRO A 243 -8.49 -2.73 20.12
N ILE A 244 -9.34 -2.67 21.14
CA ILE A 244 -9.34 -1.51 22.04
C ILE A 244 -8.02 -1.39 22.78
N LEU A 245 -7.33 -2.52 22.98
CA LEU A 245 -6.10 -2.50 23.76
C LEU A 245 -5.01 -1.69 23.06
N THR A 246 -4.90 -1.79 21.75
CA THR A 246 -3.94 -0.98 21.01
C THR A 246 -4.51 0.36 20.58
N LEU A 247 -5.83 0.46 20.38
CA LEU A 247 -6.40 1.77 20.07
C LEU A 247 -6.22 2.74 21.22
N THR A 248 -6.37 2.26 22.45
CA THR A 248 -6.23 3.09 23.64
C THR A 248 -4.85 3.03 24.25
N ARG A 249 -3.90 2.33 23.63
CA ARG A 249 -2.56 2.17 24.18
C ARG A 249 -2.63 1.86 25.68
N ALA A 250 -3.18 0.69 25.98
CA ALA A 250 -3.47 0.32 27.36
C ALA A 250 -2.25 -0.14 28.13
N LEU A 251 -1.16 -0.52 27.47
CA LEU A 251 0.01 -1.07 28.12
C LEU A 251 1.15 -0.04 28.22
N THR A 252 0.85 1.24 28.00
CA THR A 252 1.87 2.27 28.13
C THR A 252 2.40 2.40 29.55
N ALA A 253 1.66 1.92 30.54
CA ALA A 253 2.15 1.91 31.91
C ALA A 253 3.21 0.85 32.13
N GLU A 254 3.37 -0.09 31.19
CA GLU A 254 4.42 -1.10 31.31
C GLU A 254 5.79 -0.57 30.90
N SER A 255 5.86 0.61 30.31
CA SER A 255 7.12 1.21 29.91
C SER A 255 7.78 2.01 31.04
N HIS A 256 7.12 2.14 32.18
CA HIS A 256 7.63 2.89 33.32
C HIS A 256 8.11 1.94 34.40
N VAL A 257 9.03 2.44 35.22
CA VAL A 257 9.55 1.66 36.34
C VAL A 257 8.44 1.49 37.39
N ASP A 258 8.28 0.28 37.89
CA ASP A 258 7.23 -0.11 38.83
C ASP A 258 5.85 -0.10 38.19
N THR A 259 5.77 0.02 36.87
CA THR A 259 4.50 -0.02 36.15
C THR A 259 3.52 1.03 36.67
N ASP A 260 4.02 2.24 36.92
CA ASP A 260 3.19 3.38 37.28
C ASP A 260 3.56 4.55 36.39
N LEU A 261 2.55 5.27 35.91
CA LEU A 261 2.74 6.31 34.91
C LEU A 261 3.43 7.55 35.45
N THR A 262 3.62 7.66 36.77
CA THR A 262 4.25 8.85 37.35
C THR A 262 5.77 8.75 37.36
N LYS A 263 6.33 7.55 37.43
CA LYS A 263 7.77 7.37 37.51
C LYS A 263 8.39 7.40 36.11
N PRO A 264 9.71 7.56 36.03
CA PRO A 264 10.37 7.64 34.73
C PRO A 264 10.29 6.33 33.96
N TYR A 265 10.52 6.43 32.65
CA TYR A 265 10.55 5.27 31.79
C TYR A 265 11.63 4.29 32.26
N ILE A 266 11.57 3.07 31.72
CA ILE A 266 12.58 2.06 32.00
C ILE A 266 13.74 2.25 31.03
N LYS A 267 14.95 2.31 31.57
CA LYS A 267 16.17 2.44 30.77
C LYS A 267 16.68 1.03 30.51
N TRP A 268 16.16 0.41 29.45
CA TRP A 268 16.56 -0.94 29.09
C TRP A 268 18.01 -0.96 28.61
N ASP A 269 18.67 -2.08 28.84
CA ASP A 269 20.03 -2.26 28.32
C ASP A 269 20.00 -2.18 26.80
N LEU A 270 20.95 -1.43 26.24
CA LEU A 270 20.93 -1.20 24.81
C LEU A 270 21.24 -2.47 24.03
N LEU A 271 22.09 -3.34 24.56
CA LEU A 271 22.52 -4.55 23.87
C LEU A 271 21.55 -5.70 24.03
N LYS A 272 20.45 -5.49 24.74
CA LYS A 272 19.46 -6.54 25.00
C LYS A 272 18.48 -6.60 23.84
N TYR A 273 18.33 -7.79 23.25
CA TYR A 273 17.41 -8.00 22.15
C TYR A 273 16.41 -9.12 22.39
N ASP A 274 16.65 -10.01 23.36
CA ASP A 274 15.80 -11.17 23.60
C ASP A 274 14.89 -10.85 24.78
N PHE A 275 13.65 -10.47 24.48
CA PHE A 275 12.66 -10.12 25.49
C PHE A 275 11.63 -11.23 25.69
N THR A 276 12.03 -12.48 25.50
CA THR A 276 11.10 -13.59 25.67
C THR A 276 10.57 -13.64 27.10
N GLU A 277 11.45 -13.46 28.08
CA GLU A 277 11.02 -13.49 29.47
C GLU A 277 10.01 -12.38 29.76
N GLU A 278 10.27 -11.18 29.26
CA GLU A 278 9.35 -10.08 29.48
C GLU A 278 8.01 -10.33 28.79
N ARG A 279 8.04 -10.90 27.59
CA ARG A 279 6.79 -11.21 26.89
C ARG A 279 5.96 -12.22 27.67
N LEU A 280 6.61 -13.26 28.19
CA LEU A 280 5.88 -14.23 29.00
C LEU A 280 5.37 -13.60 30.28
N LYS A 281 6.14 -12.69 30.88
CA LYS A 281 5.67 -11.98 32.06
C LYS A 281 4.41 -11.18 31.77
N LEU A 282 4.40 -10.45 30.65
CA LEU A 282 3.22 -9.67 30.30
C LEU A 282 2.04 -10.58 30.03
N PHE A 283 2.25 -11.69 29.31
CA PHE A 283 1.15 -12.60 29.02
C PHE A 283 0.57 -13.17 30.32
N ASP A 284 1.43 -13.55 31.26
CA ASP A 284 0.94 -14.04 32.53
C ASP A 284 0.24 -12.97 33.34
N ARG A 285 0.69 -11.71 33.24
CA ARG A 285 0.06 -10.64 34.00
C ARG A 285 -1.33 -10.29 33.49
N TYR A 286 -1.52 -10.23 32.16
CA TYR A 286 -2.77 -9.73 31.62
C TYR A 286 -3.65 -10.78 30.97
N PHE A 287 -3.10 -11.90 30.50
CA PHE A 287 -3.90 -12.94 29.87
C PHE A 287 -3.65 -14.28 30.55
N LYS A 288 -3.79 -14.33 31.87
CA LYS A 288 -3.42 -15.54 32.60
C LYS A 288 -4.28 -16.73 32.17
N TYR A 289 -5.58 -16.52 31.99
CA TYR A 289 -6.51 -17.61 31.72
C TYR A 289 -6.92 -17.66 30.25
N TRP A 290 -6.04 -17.29 29.35
CA TRP A 290 -6.21 -17.50 27.92
C TRP A 290 -5.65 -18.89 27.61
N ASP A 291 -6.54 -19.83 27.31
CA ASP A 291 -6.16 -21.24 27.29
C ASP A 291 -5.10 -21.53 26.23
N GLN A 292 -5.29 -21.04 25.02
CA GLN A 292 -4.41 -21.42 23.93
C GLN A 292 -2.97 -21.03 24.22
N THR A 293 -2.04 -21.91 23.86
CA THR A 293 -0.64 -21.71 24.21
C THR A 293 -0.05 -20.54 23.42
N TYR A 294 0.86 -19.82 24.07
CA TYR A 294 1.50 -18.64 23.50
C TYR A 294 2.97 -18.92 23.26
N HIS A 295 3.43 -18.67 22.03
CA HIS A 295 4.84 -18.81 21.68
C HIS A 295 5.43 -17.42 21.47
N PRO A 296 6.26 -16.91 22.38
CA PRO A 296 6.83 -15.57 22.16
C PRO A 296 7.60 -15.47 20.85
N ASN A 297 8.34 -16.51 20.49
CA ASN A 297 9.05 -16.58 19.22
C ASN A 297 8.27 -17.48 18.28
N CYS A 298 7.84 -16.92 17.15
CA CYS A 298 7.00 -17.68 16.23
C CYS A 298 7.76 -18.76 15.48
N VAL A 299 9.05 -18.95 15.77
CA VAL A 299 9.78 -20.06 15.16
C VAL A 299 9.20 -21.39 15.60
N ASN A 300 8.67 -21.44 16.82
CA ASN A 300 8.16 -22.67 17.40
C ASN A 300 6.68 -22.90 17.11
N CYS A 301 6.04 -22.00 16.36
CA CYS A 301 4.62 -22.14 16.09
C CYS A 301 4.36 -23.37 15.20
N LEU A 302 3.14 -23.87 15.28
CA LEU A 302 2.79 -25.14 14.66
C LEU A 302 2.31 -25.00 13.22
N ASP A 303 1.65 -23.90 12.88
CA ASP A 303 1.17 -23.67 11.52
C ASP A 303 0.75 -22.21 11.37
N ASP A 304 0.10 -21.90 10.26
CA ASP A 304 -0.29 -20.52 9.99
C ASP A 304 -1.25 -20.00 11.06
N ARG A 305 -2.25 -20.80 11.43
CA ARG A 305 -3.22 -20.37 12.43
C ARG A 305 -2.58 -20.16 13.78
N CYS A 306 -1.47 -20.85 14.07
CA CYS A 306 -0.74 -20.60 15.30
C CYS A 306 0.27 -19.47 15.18
N ILE A 307 0.75 -19.18 13.97
CA ILE A 307 1.60 -18.02 13.78
C ILE A 307 0.79 -16.75 13.95
N LEU A 308 -0.40 -16.68 13.37
CA LEU A 308 -1.23 -15.49 13.52
C LEU A 308 -1.57 -15.24 14.97
N HIS A 309 -1.95 -16.30 15.69
CA HIS A 309 -2.38 -16.14 17.08
C HIS A 309 -1.26 -15.57 17.94
N CYS A 310 -0.04 -16.08 17.78
CA CYS A 310 1.07 -15.63 18.60
C CYS A 310 1.60 -14.28 18.14
N ALA A 311 1.56 -14.00 16.84
CA ALA A 311 2.01 -12.70 16.35
C ALA A 311 1.06 -11.58 16.77
N ASN A 312 -0.22 -11.87 16.98
CA ASN A 312 -1.10 -10.87 17.56
C ASN A 312 -0.59 -10.41 18.93
N PHE A 313 -0.29 -11.36 19.81
CA PHE A 313 0.22 -11.01 21.13
C PHE A 313 1.57 -10.34 21.03
N ASN A 314 2.42 -10.78 20.12
CA ASN A 314 3.71 -10.12 19.95
C ASN A 314 3.54 -8.68 19.49
N VAL A 315 2.57 -8.42 18.62
CA VAL A 315 2.28 -7.04 18.23
C VAL A 315 1.87 -6.22 19.44
N LEU A 316 1.01 -6.79 20.29
CA LEU A 316 0.60 -6.05 21.49
C LEU A 316 1.79 -5.77 22.39
N PHE A 317 2.63 -6.77 22.62
CA PHE A 317 3.69 -6.67 23.63
C PHE A 317 4.94 -5.97 23.13
N SER A 318 5.10 -5.77 21.83
CA SER A 318 6.29 -5.12 21.30
C SER A 318 6.23 -3.60 21.38
N THR A 319 5.10 -3.04 21.83
CA THR A 319 4.99 -1.61 22.08
C THR A 319 5.56 -1.21 23.44
N VAL A 320 5.96 -2.19 24.26
CA VAL A 320 6.51 -1.91 25.58
C VAL A 320 8.03 -1.87 25.58
N PHE A 321 8.67 -2.26 24.48
CA PHE A 321 10.11 -2.45 24.44
C PHE A 321 10.79 -1.38 23.59
N PRO A 322 12.06 -1.10 23.83
CA PRO A 322 12.71 0.02 23.13
C PRO A 322 12.72 -0.20 21.63
N PRO A 323 12.51 0.86 20.84
CA PRO A 323 12.54 0.70 19.38
C PRO A 323 13.89 0.29 18.83
N THR A 324 14.97 0.49 19.58
CA THR A 324 16.30 0.19 19.06
C THR A 324 16.64 -1.28 19.13
N SER A 325 15.84 -2.09 19.80
CA SER A 325 16.12 -3.51 19.93
C SER A 325 15.54 -4.34 18.79
N PHE A 326 14.73 -3.75 17.93
CA PHE A 326 14.10 -4.46 16.82
C PHE A 326 14.90 -4.20 15.55
N GLY A 327 15.16 -5.26 14.80
CA GLY A 327 15.89 -5.15 13.57
C GLY A 327 16.93 -6.24 13.42
N PRO A 328 17.81 -6.12 12.44
CA PRO A 328 18.84 -7.14 12.25
C PRO A 328 19.71 -7.31 13.48
N LEU A 329 20.09 -8.54 13.76
CA LEU A 329 21.00 -8.86 14.85
C LEU A 329 22.37 -9.13 14.26
N VAL A 330 23.30 -8.24 14.51
CA VAL A 330 24.60 -8.27 13.84
C VAL A 330 25.58 -9.11 14.65
N ARG A 331 26.59 -9.63 13.97
CA ARG A 331 27.61 -10.45 14.61
C ARG A 331 28.88 -10.35 13.78
N LYS A 332 30.01 -10.50 14.44
CA LYS A 332 31.32 -10.39 13.81
C LYS A 332 31.78 -11.77 13.35
N ILE A 333 32.18 -11.88 12.09
CA ILE A 333 32.66 -13.12 11.50
C ILE A 333 33.98 -12.84 10.77
N PHE A 334 34.91 -13.76 10.87
CA PHE A 334 36.23 -13.59 10.27
C PHE A 334 36.28 -14.32 8.93
N VAL A 335 36.54 -13.58 7.86
CA VAL A 335 36.73 -14.16 6.53
C VAL A 335 38.15 -13.85 6.08
N ASP A 336 38.94 -14.89 5.86
CA ASP A 336 40.34 -14.75 5.47
C ASP A 336 41.13 -13.92 6.47
N GLY A 337 40.69 -13.88 7.72
CA GLY A 337 41.35 -13.09 8.74
C GLY A 337 40.85 -11.68 8.89
N VAL A 338 39.96 -11.23 8.03
CA VAL A 338 39.39 -9.88 8.09
C VAL A 338 38.05 -9.96 8.81
N PRO A 339 37.82 -9.15 9.85
CA PRO A 339 36.52 -9.19 10.54
C PRO A 339 35.47 -8.38 9.81
N PHE A 340 34.35 -9.03 9.49
CA PHE A 340 33.16 -8.40 8.95
C PHE A 340 32.18 -8.09 10.08
N VAL A 341 31.02 -7.57 9.70
CA VAL A 341 29.90 -7.44 10.63
C VAL A 341 28.63 -7.74 9.86
N VAL A 342 28.10 -8.95 10.00
CA VAL A 342 27.02 -9.44 9.16
C VAL A 342 25.82 -9.78 10.02
N SER A 343 24.63 -9.69 9.41
CA SER A 343 23.41 -10.07 10.09
C SER A 343 23.35 -11.58 10.24
N THR A 344 23.07 -12.05 11.45
CA THR A 344 22.91 -13.47 11.74
C THR A 344 21.64 -13.70 12.52
N GLY A 345 20.57 -13.02 12.13
CA GLY A 345 19.31 -13.13 12.83
C GLY A 345 18.46 -11.90 12.58
N TYR A 346 17.40 -11.80 13.37
CA TYR A 346 16.46 -10.69 13.25
C TYR A 346 15.55 -10.69 14.46
N HIS A 347 15.04 -9.53 14.82
CA HIS A 347 14.12 -9.36 15.94
C HIS A 347 12.87 -8.68 15.40
N PHE A 348 11.89 -9.48 14.98
CA PHE A 348 10.63 -8.95 14.48
C PHE A 348 9.71 -8.55 15.62
N ARG A 349 9.06 -7.40 15.45
CA ARG A 349 8.08 -6.95 16.44
C ARG A 349 6.93 -7.94 16.59
N GLU A 350 6.64 -8.72 15.56
CA GLU A 350 5.55 -9.70 15.59
C GLU A 350 6.05 -11.13 15.72
N LEU A 351 7.16 -11.48 15.07
CA LEU A 351 7.64 -12.84 15.04
C LEU A 351 8.72 -13.13 16.08
N GLY A 352 9.08 -12.16 16.92
CA GLY A 352 10.06 -12.46 17.94
C GLY A 352 11.46 -12.59 17.34
N VAL A 353 12.29 -13.40 18.00
CA VAL A 353 13.70 -13.54 17.64
C VAL A 353 13.85 -14.72 16.70
N VAL A 354 14.48 -14.49 15.55
CA VAL A 354 14.77 -15.53 14.57
C VAL A 354 16.27 -15.57 14.37
N HIS A 355 16.85 -16.76 14.39
CA HIS A 355 18.27 -16.96 14.24
C HIS A 355 18.56 -17.73 12.96
N ASN A 356 19.52 -17.26 12.17
CA ASN A 356 19.91 -17.95 10.96
C ASN A 356 20.56 -19.28 11.31
N GLN A 357 20.29 -20.30 10.48
CA GLN A 357 20.79 -21.64 10.73
C GLN A 357 22.11 -21.93 10.02
N ASP A 358 22.47 -21.13 9.02
CA ASP A 358 23.67 -21.34 8.22
C ASP A 358 24.68 -20.23 8.43
N VAL A 359 24.77 -19.71 9.65
CA VAL A 359 25.74 -18.68 9.98
C VAL A 359 27.13 -19.31 9.94
N ASN A 360 28.00 -18.76 9.08
CA ASN A 360 29.33 -19.32 8.85
C ASN A 360 30.36 -18.41 9.54
N LEU A 361 31.09 -19.00 10.48
CA LEU A 361 32.16 -18.30 11.19
C LEU A 361 33.50 -18.87 10.77
N HIS A 362 34.49 -17.99 10.61
CA HIS A 362 35.82 -18.38 10.13
C HIS A 362 35.73 -19.06 8.77
N SER A 363 35.22 -18.31 7.80
CA SER A 363 35.12 -18.80 6.42
C SER A 363 36.47 -18.67 5.74
N SER A 364 36.50 -18.91 4.42
CA SER A 364 37.75 -18.84 3.67
C SER A 364 37.62 -17.90 2.47
N ARG A 365 36.45 -17.88 1.85
CA ARG A 365 36.24 -17.07 0.65
C ARG A 365 34.76 -16.77 0.50
N LEU A 366 34.46 -15.70 -0.24
CA LEU A 366 33.10 -15.30 -0.52
C LEU A 366 32.82 -15.49 -2.01
N SER A 367 31.91 -16.40 -2.33
CA SER A 367 31.48 -16.59 -3.71
C SER A 367 30.57 -15.45 -4.13
N PHE A 368 30.11 -15.48 -5.37
CA PHE A 368 29.25 -14.41 -5.87
C PHE A 368 27.96 -14.32 -5.05
N LYS A 369 27.38 -15.47 -4.71
CA LYS A 369 26.18 -15.45 -3.87
C LYS A 369 26.46 -14.84 -2.52
N GLU A 370 27.60 -15.18 -1.91
CA GLU A 370 27.92 -14.65 -0.59
C GLU A 370 28.20 -13.15 -0.64
N LEU A 371 28.89 -12.68 -1.68
CA LEU A 371 29.08 -11.25 -1.84
C LEU A 371 27.75 -10.54 -2.03
N LEU A 372 26.85 -11.14 -2.81
CA LEU A 372 25.54 -10.55 -3.02
C LEU A 372 24.76 -10.46 -1.71
N VAL A 373 24.87 -11.48 -0.87
CA VAL A 373 24.14 -11.49 0.40
C VAL A 373 24.73 -10.46 1.35
N TYR A 374 26.07 -10.38 1.44
CA TYR A 374 26.70 -9.45 2.37
C TYR A 374 26.60 -8.00 1.92
N ALA A 375 26.52 -7.75 0.62
CA ALA A 375 26.41 -6.39 0.10
C ALA A 375 24.99 -5.86 0.11
N ALA A 376 24.01 -6.70 0.47
CA ALA A 376 22.61 -6.30 0.50
C ALA A 376 22.11 -5.97 1.89
N ASP A 377 22.58 -6.67 2.91
CA ASP A 377 22.10 -6.43 4.25
C ASP A 377 22.60 -5.09 4.77
N PRO A 378 21.82 -4.41 5.64
CA PRO A 378 22.25 -3.11 6.14
C PRO A 378 23.33 -3.17 7.20
N ALA A 379 23.85 -4.36 7.53
CA ALA A 379 24.81 -4.47 8.62
C ALA A 379 26.02 -3.59 8.38
N MET A 380 26.76 -3.84 7.29
CA MET A 380 27.98 -3.09 7.04
C MET A 380 27.69 -1.65 6.65
N HIS A 381 26.56 -1.39 5.99
CA HIS A 381 26.24 -0.03 5.59
C HIS A 381 25.98 0.86 6.79
N ALA A 382 25.15 0.38 7.74
CA ALA A 382 24.83 1.17 8.91
C ALA A 382 25.96 1.17 9.92
N ALA A 383 26.65 0.06 10.11
CA ALA A 383 27.73 -0.01 11.08
C ALA A 383 28.91 0.87 10.71
N SER A 384 28.99 1.35 9.47
CA SER A 384 30.08 2.20 9.04
C SER A 384 29.69 3.65 8.83
N GLY A 385 28.41 3.94 8.62
CA GLY A 385 27.96 5.31 8.47
C GLY A 385 27.95 6.04 9.79
N ASN A 386 27.80 7.36 9.71
CA ASN A 386 27.76 8.20 10.90
C ASN A 386 26.33 8.33 11.39
N LEU A 387 26.21 8.66 12.68
CA LEU A 387 24.91 8.70 13.33
C LEU A 387 24.04 9.79 12.72
N LEU A 388 22.72 9.57 12.74
CA LEU A 388 21.76 10.49 12.15
C LEU A 388 20.66 10.79 13.16
N LEU A 389 20.24 12.05 13.20
CA LEU A 389 19.11 12.49 14.01
C LEU A 389 18.27 13.41 13.11
N ASP A 390 17.32 12.83 12.39
CA ASP A 390 16.51 13.55 11.43
C ASP A 390 15.24 14.04 12.12
N LYS A 391 15.16 15.34 12.35
CA LYS A 391 14.02 15.94 13.04
C LYS A 391 12.86 16.26 12.10
N ARG A 392 13.01 16.00 10.80
CA ARG A 392 11.94 16.24 9.85
C ARG A 392 10.89 15.13 9.85
N THR A 393 11.16 14.01 10.49
CA THR A 393 10.25 12.88 10.50
C THR A 393 10.26 12.24 11.88
N THR A 394 9.14 11.59 12.22
CA THR A 394 9.03 10.84 13.47
C THR A 394 9.48 9.40 13.33
N CYS A 395 9.78 8.94 12.12
CA CYS A 395 10.27 7.58 11.93
C CYS A 395 11.70 7.45 12.43
N PHE A 396 12.01 6.30 13.01
CA PHE A 396 13.34 6.08 13.56
C PHE A 396 14.40 6.21 12.47
N SER A 397 15.46 6.95 12.77
CA SER A 397 16.56 7.19 11.84
C SER A 397 17.78 6.42 12.32
N VAL A 398 18.39 5.65 11.42
CA VAL A 398 19.46 4.74 11.80
C VAL A 398 20.82 5.38 11.59
N ALA A 399 21.14 5.75 10.36
CA ALA A 399 22.47 6.25 10.06
C ALA A 399 22.44 7.10 8.81
N ALA A 400 23.49 7.88 8.61
CA ALA A 400 23.69 8.68 7.42
C ALA A 400 24.89 8.13 6.68
N LEU A 401 24.66 7.56 5.50
CA LEU A 401 25.74 6.88 4.79
C LEU A 401 26.77 7.87 4.25
N THR A 402 26.35 9.06 3.85
CA THR A 402 27.23 10.08 3.30
C THR A 402 27.42 11.21 4.31
N ASN A 403 28.24 12.19 3.93
CA ASN A 403 28.47 13.35 4.78
C ASN A 403 27.52 14.50 4.49
N ASN A 404 26.72 14.42 3.43
CA ASN A 404 25.76 15.45 3.08
C ASN A 404 24.42 14.81 2.77
N VAL A 405 23.34 15.49 3.17
CA VAL A 405 22.00 15.02 2.88
C VAL A 405 21.64 15.41 1.45
N ALA A 406 20.88 14.55 0.78
CA ALA A 406 20.48 14.78 -0.60
C ALA A 406 19.03 15.25 -0.64
N PHE A 407 18.80 16.37 -1.31
CA PHE A 407 17.46 16.92 -1.49
C PHE A 407 17.08 16.73 -2.96
N GLN A 408 15.99 16.01 -3.20
CA GLN A 408 15.56 15.66 -4.54
C GLN A 408 14.25 16.37 -4.85
N THR A 409 14.21 17.08 -5.97
CA THR A 409 13.07 17.85 -6.39
C THR A 409 12.31 17.13 -7.51
N VAL A 410 11.18 17.71 -7.90
CA VAL A 410 10.36 17.21 -9.00
C VAL A 410 10.16 18.35 -9.99
N LYS A 411 10.33 18.06 -11.27
CA LYS A 411 10.32 19.09 -12.29
C LYS A 411 8.91 19.43 -12.73
N PRO A 412 8.70 20.64 -13.25
CA PRO A 412 7.33 21.09 -13.56
C PRO A 412 6.62 20.26 -14.62
N GLY A 413 7.32 19.76 -15.62
CA GLY A 413 6.69 19.12 -16.75
C GLY A 413 6.74 20.00 -17.99
N ASN A 414 6.57 19.36 -19.14
CA ASN A 414 6.72 20.02 -20.44
C ASN A 414 5.37 20.26 -21.08
N PHE A 415 5.31 21.29 -21.91
CA PHE A 415 4.06 21.76 -22.52
C PHE A 415 4.13 21.54 -24.02
N ASN A 416 3.15 20.80 -24.55
CA ASN A 416 3.04 20.55 -25.99
C ASN A 416 2.13 21.64 -26.55
N LYS A 417 2.74 22.74 -26.99
CA LYS A 417 1.94 23.91 -27.36
C LYS A 417 1.16 23.69 -28.65
N ASP A 418 1.69 22.85 -29.57
CA ASP A 418 0.99 22.64 -30.82
C ASP A 418 -0.38 21.98 -30.60
N PHE A 419 -0.41 20.96 -29.74
CA PHE A 419 -1.68 20.30 -29.45
C PHE A 419 -2.65 21.26 -28.75
N TYR A 420 -2.15 22.07 -27.83
CA TYR A 420 -3.02 23.01 -27.14
C TYR A 420 -3.60 24.03 -28.11
N ASP A 421 -2.78 24.56 -29.02
CA ASP A 421 -3.28 25.51 -30.00
C ASP A 421 -4.29 24.87 -30.93
N PHE A 422 -4.04 23.64 -31.36
CA PHE A 422 -5.01 22.94 -32.19
C PHE A 422 -6.34 22.76 -31.45
N ALA A 423 -6.27 22.32 -30.19
CA ALA A 423 -7.48 22.09 -29.42
C ALA A 423 -8.27 23.38 -29.25
N VAL A 424 -7.58 24.47 -28.90
CA VAL A 424 -8.26 25.75 -28.73
C VAL A 424 -8.84 26.25 -30.05
N SER A 425 -8.19 25.94 -31.17
CA SER A 425 -8.78 26.26 -32.47
C SER A 425 -10.00 25.43 -32.76
N LYS A 426 -10.11 24.25 -32.15
CA LYS A 426 -11.30 23.40 -32.28
C LYS A 426 -12.31 23.66 -31.16
N GLY A 427 -12.38 24.88 -30.66
CA GLY A 427 -13.40 25.25 -29.70
C GLY A 427 -13.32 24.53 -28.37
N PHE A 428 -12.13 24.43 -27.79
CA PHE A 428 -11.93 23.77 -26.52
C PHE A 428 -11.43 24.77 -25.48
N PHE A 429 -11.55 24.38 -24.22
CA PHE A 429 -11.02 25.14 -23.10
C PHE A 429 -11.64 26.52 -23.00
N LYS A 430 -12.83 26.69 -23.55
CA LYS A 430 -13.56 27.95 -23.41
C LYS A 430 -14.18 28.02 -22.02
N GLU A 431 -14.67 29.20 -21.66
CA GLU A 431 -15.31 29.39 -20.36
C GLU A 431 -16.63 28.63 -20.31
N GLY A 432 -16.92 28.04 -19.17
CA GLY A 432 -18.15 27.29 -19.01
C GLY A 432 -18.22 26.05 -19.86
N SER A 433 -17.14 25.26 -19.92
CA SER A 433 -17.11 24.01 -20.65
C SER A 433 -17.06 22.85 -19.68
N SER A 434 -17.86 21.81 -19.97
CA SER A 434 -17.91 20.65 -19.08
C SER A 434 -16.57 19.97 -18.96
N VAL A 435 -15.71 20.10 -19.97
CA VAL A 435 -14.39 19.47 -20.00
C VAL A 435 -13.35 20.57 -19.83
N GLU A 436 -12.54 20.45 -18.78
CA GLU A 436 -11.51 21.43 -18.46
C GLU A 436 -10.30 20.71 -17.88
N LEU A 437 -9.14 21.33 -18.05
CA LEU A 437 -7.89 20.72 -17.61
C LEU A 437 -7.86 20.59 -16.09
N LYS A 438 -7.68 19.37 -15.61
CA LYS A 438 -7.59 19.10 -14.18
C LYS A 438 -6.41 18.22 -13.79
N HIS A 439 -5.69 17.65 -14.76
CA HIS A 439 -4.55 16.79 -14.50
C HIS A 439 -3.28 17.47 -14.99
N PHE A 440 -2.31 17.63 -14.09
CA PHE A 440 -1.08 18.36 -14.39
C PHE A 440 0.11 17.60 -13.82
N PHE A 441 1.30 18.05 -14.21
CA PHE A 441 2.54 17.65 -13.56
C PHE A 441 2.85 18.67 -12.48
N PHE A 442 2.81 18.24 -11.22
CA PHE A 442 3.07 19.12 -10.10
C PHE A 442 4.53 19.05 -9.68
N ALA A 443 5.08 20.19 -9.27
CA ALA A 443 6.46 20.30 -8.86
C ALA A 443 6.57 20.24 -7.35
N GLN A 444 7.71 19.76 -6.87
CA GLN A 444 7.98 19.61 -5.45
C GLN A 444 9.31 20.24 -5.11
N ASP A 445 9.42 20.71 -3.87
CA ASP A 445 10.67 21.31 -3.39
C ASP A 445 11.61 20.18 -2.94
N GLY A 446 12.68 20.55 -2.25
CA GLY A 446 13.68 19.57 -1.85
C GLY A 446 13.16 18.49 -0.94
N ASN A 447 12.23 18.81 -0.05
CA ASN A 447 11.72 17.88 0.95
C ASN A 447 10.47 17.21 0.38
N ALA A 448 10.68 16.20 -0.45
CA ALA A 448 9.59 15.46 -1.07
C ALA A 448 9.53 14.01 -0.60
N ALA A 449 10.62 13.26 -0.73
CA ALA A 449 10.60 11.87 -0.29
C ALA A 449 10.49 11.78 1.23
N ILE A 450 11.24 12.61 1.95
CA ILE A 450 11.15 12.62 3.40
C ILE A 450 9.79 13.11 3.88
N SER A 451 9.08 13.90 3.06
CA SER A 451 7.73 14.31 3.36
C SER A 451 6.70 13.22 3.08
N ASP A 452 6.94 12.37 2.07
CA ASP A 452 6.07 11.24 1.82
C ASP A 452 6.31 10.08 2.81
N TYR A 453 7.48 10.05 3.45
CA TYR A 453 7.71 9.08 4.53
C TYR A 453 6.88 9.43 5.76
N ASP A 454 6.68 10.72 6.02
CA ASP A 454 5.83 11.13 7.12
C ASP A 454 4.39 10.70 6.89
N TYR A 455 4.10 10.08 5.75
CA TYR A 455 2.82 9.42 5.56
C TYR A 455 2.86 7.96 5.98
N TYR A 456 4.00 7.29 5.84
CA TYR A 456 4.19 6.03 6.56
C TYR A 456 4.06 6.25 8.05
N ARG A 457 4.29 7.48 8.50
CA ARG A 457 4.01 7.81 9.90
C ARG A 457 2.59 7.42 10.32
N TYR A 458 1.67 7.21 9.38
CA TYR A 458 0.28 6.90 9.69
C TYR A 458 0.05 5.44 10.09
N ASN A 459 1.08 4.60 10.00
CA ASN A 459 0.95 3.19 10.36
C ASN A 459 1.11 3.04 11.87
N LEU A 460 0.15 2.37 12.51
CA LEU A 460 0.13 2.20 13.95
C LEU A 460 0.04 0.72 14.31
N PRO A 461 0.56 0.33 15.47
CA PRO A 461 0.40 -1.07 15.91
C PRO A 461 -1.06 -1.37 16.18
N THR A 462 -1.60 -2.33 15.43
CA THR A 462 -3.02 -2.69 15.51
C THR A 462 -3.12 -4.16 15.91
N MET A 463 -3.83 -4.42 16.99
CA MET A 463 -4.10 -5.77 17.46
C MET A 463 -5.47 -6.17 16.96
N CYS A 464 -5.57 -7.33 16.33
CA CYS A 464 -6.80 -7.79 15.72
C CYS A 464 -7.58 -8.70 16.67
N ASP A 465 -8.89 -8.77 16.44
CA ASP A 465 -9.73 -9.76 17.10
C ASP A 465 -9.34 -11.12 16.53
N ILE A 466 -8.57 -11.89 17.29
CA ILE A 466 -7.85 -13.01 16.71
C ILE A 466 -8.80 -14.12 16.27
N ARG A 467 -9.85 -14.37 17.05
CA ARG A 467 -10.79 -15.44 16.68
C ARG A 467 -11.51 -15.10 15.37
N GLN A 468 -12.02 -13.87 15.28
CA GLN A 468 -12.64 -13.42 14.04
C GLN A 468 -11.64 -13.39 12.90
N LEU A 469 -10.39 -13.01 13.18
CA LEU A 469 -9.39 -13.00 12.13
C LEU A 469 -9.13 -14.40 11.60
N LEU A 470 -9.08 -15.39 12.49
CA LEU A 470 -8.85 -16.77 12.05
C LEU A 470 -10.00 -17.27 11.18
N PHE A 471 -11.23 -17.03 11.62
CA PHE A 471 -12.37 -17.45 10.80
C PHE A 471 -12.35 -16.73 9.44
N VAL A 472 -12.04 -15.43 9.46
CA VAL A 472 -12.02 -14.67 8.22
C VAL A 472 -10.93 -15.18 7.29
N VAL A 473 -9.80 -15.60 7.84
CA VAL A 473 -8.75 -16.19 7.01
C VAL A 473 -9.25 -17.47 6.36
N GLU A 474 -9.93 -18.31 7.14
CA GLU A 474 -10.42 -19.56 6.56
C GLU A 474 -11.41 -19.28 5.44
N VAL A 475 -12.28 -18.29 5.60
CA VAL A 475 -13.24 -17.97 4.55
C VAL A 475 -12.56 -17.33 3.35
N VAL A 476 -11.56 -16.46 3.59
CA VAL A 476 -10.90 -15.77 2.50
C VAL A 476 -10.06 -16.73 1.67
N ASP A 477 -9.55 -17.79 2.29
CA ASP A 477 -8.76 -18.76 1.53
C ASP A 477 -9.59 -19.48 0.48
N LYS A 478 -10.91 -19.43 0.56
CA LYS A 478 -11.76 -20.07 -0.44
C LYS A 478 -11.91 -19.25 -1.70
N TYR A 479 -11.56 -17.96 -1.67
CA TYR A 479 -11.53 -17.14 -2.86
C TYR A 479 -10.31 -17.42 -3.73
N PHE A 480 -9.41 -18.29 -3.28
CA PHE A 480 -8.20 -18.64 -3.99
C PHE A 480 -8.06 -20.15 -4.11
N ASP A 481 -9.18 -20.84 -4.34
CA ASP A 481 -9.17 -22.29 -4.49
C ASP A 481 -9.04 -22.74 -5.94
N CYS A 482 -9.46 -21.91 -6.89
CA CYS A 482 -9.35 -22.26 -8.30
C CYS A 482 -7.94 -22.07 -8.84
N TYR A 483 -7.03 -21.51 -8.06
CA TYR A 483 -5.68 -21.22 -8.51
C TYR A 483 -4.73 -22.35 -8.11
N ASP A 484 -3.57 -22.36 -8.77
CA ASP A 484 -2.55 -23.37 -8.53
C ASP A 484 -1.21 -22.67 -8.41
N GLY A 485 -0.43 -23.04 -7.39
CA GLY A 485 0.81 -22.37 -7.11
C GLY A 485 1.81 -23.30 -6.45
N GLY A 486 2.99 -22.75 -6.18
CA GLY A 486 4.07 -23.51 -5.62
C GLY A 486 5.40 -22.87 -5.99
N CYS A 487 6.47 -23.58 -5.66
CA CYS A 487 7.82 -23.11 -5.95
C CYS A 487 8.23 -23.57 -7.34
N ILE A 488 9.04 -22.75 -8.02
CA ILE A 488 9.55 -23.07 -9.33
C ILE A 488 11.05 -22.86 -9.34
N ASN A 489 11.71 -23.47 -10.33
CA ASN A 489 13.14 -23.33 -10.48
C ASN A 489 13.49 -22.00 -11.13
N ALA A 490 14.79 -21.70 -11.21
CA ALA A 490 15.23 -20.49 -11.87
C ALA A 490 14.98 -20.56 -13.38
N ASN A 491 14.95 -21.76 -13.94
CA ASN A 491 14.69 -21.91 -15.37
C ASN A 491 13.33 -21.37 -15.75
N GLN A 492 12.36 -21.45 -14.84
CA GLN A 492 10.96 -21.19 -15.15
C GLN A 492 10.51 -19.78 -14.77
N VAL A 493 11.40 -18.95 -14.25
CA VAL A 493 11.03 -17.60 -13.86
C VAL A 493 11.00 -16.71 -15.09
N ILE A 494 9.91 -15.97 -15.26
CA ILE A 494 9.74 -15.04 -16.37
C ILE A 494 9.85 -13.63 -15.83
N VAL A 495 10.86 -12.90 -16.27
CA VAL A 495 11.08 -11.52 -15.88
C VAL A 495 10.63 -10.63 -17.03
N ASN A 496 9.72 -9.69 -16.73
CA ASN A 496 9.09 -8.91 -17.78
C ASN A 496 10.09 -7.94 -18.41
N ASN A 497 10.63 -7.03 -17.63
CA ASN A 497 11.60 -6.05 -18.10
C ASN A 497 12.87 -6.18 -17.26
N LEU A 498 13.99 -6.47 -17.93
CA LEU A 498 15.27 -6.62 -17.27
C LEU A 498 16.07 -5.34 -17.21
N ASP A 499 15.51 -4.22 -17.67
CA ASP A 499 16.19 -2.93 -17.69
C ASP A 499 15.68 -2.03 -16.58
N LYS A 500 15.36 -2.61 -15.43
CA LYS A 500 14.95 -1.87 -14.25
C LYS A 500 16.10 -1.82 -13.25
N SER A 501 15.97 -0.94 -12.26
CA SER A 501 17.00 -0.80 -11.25
C SER A 501 17.00 -2.01 -10.31
N ALA A 502 18.18 -2.28 -9.75
CA ALA A 502 18.36 -3.40 -8.83
C ALA A 502 18.33 -2.98 -7.37
N GLY A 503 18.00 -1.73 -7.08
CA GLY A 503 17.95 -1.26 -5.71
C GLY A 503 19.31 -0.89 -5.16
N PHE A 504 19.31 -0.50 -3.90
CA PHE A 504 20.54 -0.11 -3.22
C PHE A 504 21.16 -1.31 -2.52
N PRO A 505 22.49 -1.49 -2.60
CA PRO A 505 23.49 -0.71 -3.32
C PRO A 505 23.73 -1.22 -4.73
N PHE A 506 22.86 -2.09 -5.23
CA PHE A 506 23.10 -2.76 -6.50
C PHE A 506 22.88 -1.84 -7.71
N ASN A 507 22.24 -0.70 -7.53
CA ASN A 507 22.07 0.24 -8.63
C ASN A 507 23.34 1.03 -8.92
N LYS A 508 24.38 0.87 -8.11
CA LYS A 508 25.64 1.54 -8.35
C LYS A 508 26.43 0.94 -9.51
N TRP A 509 26.15 -0.32 -9.86
CA TRP A 509 26.96 -1.05 -10.83
C TRP A 509 26.20 -1.53 -12.05
N GLY A 510 24.87 -1.58 -12.02
CA GLY A 510 24.14 -1.99 -13.19
C GLY A 510 22.66 -2.08 -12.92
N LYS A 511 21.93 -2.55 -13.93
CA LYS A 511 20.49 -2.76 -13.85
C LYS A 511 20.22 -4.20 -13.42
N ALA A 512 18.94 -4.58 -13.41
CA ALA A 512 18.59 -5.95 -13.04
C ALA A 512 19.16 -6.96 -14.03
N ARG A 513 19.35 -6.55 -15.29
CA ARG A 513 19.87 -7.45 -16.29
C ARG A 513 21.26 -7.95 -15.91
N LEU A 514 22.10 -7.06 -15.40
CA LEU A 514 23.46 -7.43 -15.05
C LEU A 514 23.46 -8.60 -14.07
N TYR A 515 22.64 -8.52 -13.04
CA TYR A 515 22.62 -9.56 -12.02
C TYR A 515 21.88 -10.80 -12.47
N TYR A 516 20.85 -10.65 -13.30
CA TYR A 516 20.13 -11.82 -13.77
C TYR A 516 20.93 -12.63 -14.79
N ASP A 517 21.85 -12.00 -15.51
CA ASP A 517 22.71 -12.74 -16.45
C ASP A 517 24.11 -12.98 -15.91
N SER A 518 24.45 -12.43 -14.73
CA SER A 518 25.76 -12.69 -14.15
C SER A 518 25.78 -14.02 -13.41
N MET A 519 24.77 -14.26 -12.57
CA MET A 519 24.71 -15.48 -11.76
C MET A 519 23.86 -16.51 -12.48
N SER A 520 24.39 -17.73 -12.58
CA SER A 520 23.73 -18.78 -13.34
C SER A 520 22.46 -19.24 -12.62
N TYR A 521 21.77 -20.20 -13.22
CA TYR A 521 20.59 -20.76 -12.58
C TYR A 521 20.94 -21.49 -11.30
N GLU A 522 22.13 -22.10 -11.24
CA GLU A 522 22.54 -22.80 -10.03
C GLU A 522 22.71 -21.82 -8.88
N ASP A 523 23.30 -20.65 -9.14
CA ASP A 523 23.45 -19.65 -8.08
C ASP A 523 22.11 -19.14 -7.60
N GLN A 524 21.17 -18.91 -8.53
CA GLN A 524 19.85 -18.44 -8.13
C GLN A 524 19.11 -19.49 -7.31
N ASP A 525 19.22 -20.76 -7.70
CA ASP A 525 18.62 -21.83 -6.91
C ASP A 525 19.26 -21.91 -5.54
N ALA A 526 20.59 -21.76 -5.46
CA ALA A 526 21.26 -21.80 -4.17
C ALA A 526 20.80 -20.66 -3.28
N LEU A 527 20.65 -19.47 -3.83
CA LEU A 527 20.16 -18.33 -3.04
C LEU A 527 18.74 -18.57 -2.57
N PHE A 528 17.88 -19.09 -3.43
CA PHE A 528 16.50 -19.36 -3.03
C PHE A 528 16.45 -20.40 -1.92
N ALA A 529 17.26 -21.45 -2.03
CA ALA A 529 17.31 -22.46 -0.98
C ALA A 529 17.89 -21.88 0.30
N TYR A 530 18.84 -20.95 0.18
CA TYR A 530 19.40 -20.28 1.36
C TYR A 530 18.33 -19.48 2.10
N THR A 531 17.47 -18.78 1.36
CA THR A 531 16.44 -17.97 1.99
C THR A 531 15.40 -18.80 2.73
N LYS A 532 15.38 -20.12 2.53
CA LYS A 532 14.41 -20.97 3.19
C LYS A 532 14.82 -21.40 4.59
N ARG A 533 16.08 -21.16 4.97
CA ARG A 533 16.50 -21.43 6.35
C ARG A 533 17.40 -20.33 6.90
N ASN A 534 17.35 -19.13 6.31
CA ASN A 534 18.07 -17.98 6.82
C ASN A 534 17.29 -16.73 6.43
N VAL A 535 17.55 -15.65 7.15
CA VAL A 535 16.92 -14.36 6.91
C VAL A 535 17.94 -13.43 6.27
N ILE A 536 17.57 -12.81 5.16
CA ILE A 536 18.42 -11.86 4.46
C ILE A 536 17.78 -10.48 4.53
N PRO A 537 18.16 -9.62 5.46
CA PRO A 537 17.64 -8.25 5.43
C PRO A 537 18.14 -7.54 4.19
N THR A 538 17.31 -6.62 3.69
CA THR A 538 17.66 -5.84 2.51
C THR A 538 17.22 -4.40 2.71
N ILE A 539 17.75 -3.53 1.87
CA ILE A 539 17.44 -2.11 1.87
C ILE A 539 16.59 -1.80 0.65
N THR A 540 15.46 -1.13 0.86
CA THR A 540 14.56 -0.75 -0.21
C THR A 540 14.66 0.76 -0.43
N GLN A 541 15.14 1.16 -1.59
CA GLN A 541 15.29 2.57 -1.89
C GLN A 541 13.92 3.22 -2.04
N MET A 542 13.87 4.52 -1.81
CA MET A 542 12.62 5.27 -1.89
C MET A 542 12.67 6.15 -3.13
N ASN A 543 12.07 5.68 -4.22
CA ASN A 543 12.08 6.39 -5.48
C ASN A 543 10.91 7.36 -5.56
N LEU A 544 11.14 8.48 -6.23
CA LEU A 544 10.15 9.54 -6.35
C LEU A 544 9.58 9.51 -7.77
N LYS A 545 8.26 9.34 -7.87
CA LYS A 545 7.61 9.20 -9.17
C LYS A 545 7.54 10.54 -9.89
N TYR A 546 7.38 10.46 -11.21
CA TYR A 546 7.26 11.64 -12.07
C TYR A 546 6.13 11.32 -13.06
N ALA A 547 4.90 11.68 -12.69
CA ALA A 547 3.73 11.32 -13.47
C ALA A 547 2.67 12.40 -13.33
N ILE A 548 1.66 12.32 -14.18
CA ILE A 548 0.59 13.31 -14.23
C ILE A 548 -0.51 12.89 -13.28
N SER A 549 -0.99 13.82 -12.47
CA SER A 549 -2.02 13.54 -11.48
C SER A 549 -2.88 14.77 -11.27
N ALA A 550 -4.01 14.58 -10.59
CA ALA A 550 -4.97 15.64 -10.34
C ALA A 550 -4.78 16.34 -9.01
N LYS A 551 -3.85 15.87 -8.18
CA LYS A 551 -3.58 16.48 -6.89
C LYS A 551 -2.07 16.53 -6.64
N ASN A 552 -1.64 17.53 -5.88
CA ASN A 552 -0.22 17.79 -5.66
C ASN A 552 0.26 16.97 -4.47
N ARG A 553 0.54 15.70 -4.74
CA ARG A 553 1.18 14.82 -3.77
C ARG A 553 2.42 14.22 -4.42
N ALA A 554 3.52 14.18 -3.67
CA ALA A 554 4.77 13.61 -4.16
C ALA A 554 4.73 12.11 -3.91
N ARG A 555 4.19 11.36 -4.88
CA ARG A 555 4.01 9.94 -4.73
C ARG A 555 5.34 9.22 -4.88
N THR A 556 5.64 8.32 -3.94
CA THR A 556 6.87 7.56 -3.92
C THR A 556 6.58 6.08 -4.04
N VAL A 557 7.60 5.33 -4.45
CA VAL A 557 7.52 3.88 -4.55
C VAL A 557 8.78 3.28 -3.95
N ALA A 558 8.73 1.97 -3.73
CA ALA A 558 9.80 1.25 -3.03
C ALA A 558 10.59 0.42 -4.03
N GLY A 559 11.82 0.82 -4.29
CA GLY A 559 12.76 0.06 -5.09
C GLY A 559 13.48 -0.98 -4.27
N VAL A 560 12.82 -2.12 -4.06
CA VAL A 560 13.39 -3.23 -3.29
C VAL A 560 14.64 -3.74 -3.99
N SER A 561 15.52 -4.40 -3.24
CA SER A 561 16.76 -4.92 -3.79
C SER A 561 16.48 -6.02 -4.79
N ILE A 562 17.55 -6.58 -5.37
CA ILE A 562 17.40 -7.62 -6.36
C ILE A 562 17.32 -9.00 -5.70
N CYS A 563 17.98 -9.17 -4.54
CA CYS A 563 17.93 -10.47 -3.86
C CYS A 563 16.50 -10.83 -3.47
N SER A 564 15.81 -9.89 -2.81
CA SER A 564 14.43 -10.14 -2.42
C SER A 564 13.55 -10.37 -3.63
N THR A 565 13.78 -9.61 -4.70
CA THR A 565 12.96 -9.77 -5.90
C THR A 565 13.12 -11.17 -6.49
N MET A 566 14.35 -11.64 -6.63
CA MET A 566 14.57 -12.98 -7.15
C MET A 566 13.89 -14.03 -6.27
N THR A 567 14.15 -13.96 -4.96
CA THR A 567 13.69 -15.01 -4.08
C THR A 567 12.19 -14.97 -3.84
N ASN A 568 11.55 -13.82 -4.07
CA ASN A 568 10.09 -13.76 -4.02
C ASN A 568 9.46 -14.15 -5.34
N ARG A 569 10.16 -13.93 -6.46
CA ARG A 569 9.66 -14.42 -7.73
C ARG A 569 9.61 -15.94 -7.74
N GLN A 570 10.67 -16.60 -7.27
CA GLN A 570 10.66 -18.07 -7.31
C GLN A 570 9.55 -18.70 -6.46
N PHE A 571 8.70 -17.88 -5.83
CA PHE A 571 7.51 -18.32 -5.10
C PHE A 571 6.25 -17.84 -5.80
N HIS A 572 6.13 -16.54 -5.93
CA HIS A 572 4.86 -15.97 -6.33
C HIS A 572 4.75 -15.84 -7.84
N GLN A 573 5.80 -16.11 -8.60
CA GLN A 573 5.63 -16.18 -10.05
C GLN A 573 4.61 -17.23 -10.41
N LYS A 574 4.81 -18.46 -9.91
CA LYS A 574 3.84 -19.50 -10.19
C LYS A 574 2.58 -19.32 -9.37
N LEU A 575 2.68 -18.75 -8.15
CA LEU A 575 1.42 -18.49 -7.46
C LEU A 575 0.51 -17.57 -8.27
N LEU A 576 1.08 -16.55 -8.91
CA LEU A 576 0.33 -15.40 -9.42
C LEU A 576 0.05 -15.43 -10.91
N LYS A 577 0.86 -16.13 -11.71
CA LYS A 577 0.49 -16.28 -13.12
C LYS A 577 -0.86 -16.96 -13.27
N SER A 578 -1.19 -17.89 -12.37
CA SER A 578 -2.50 -18.52 -12.41
C SER A 578 -3.61 -17.56 -12.04
N ILE A 579 -3.36 -16.65 -11.08
CA ILE A 579 -4.35 -15.63 -10.75
C ILE A 579 -4.58 -14.73 -11.95
N ALA A 580 -3.50 -14.36 -12.65
CA ALA A 580 -3.61 -13.47 -13.79
C ALA A 580 -4.18 -14.16 -15.03
N ALA A 581 -4.14 -15.48 -15.08
CA ALA A 581 -4.63 -16.22 -16.25
C ALA A 581 -6.04 -16.76 -16.06
N THR A 582 -6.72 -16.43 -14.96
CA THR A 582 -8.04 -16.97 -14.65
C THR A 582 -9.10 -15.92 -14.96
N ARG A 583 -10.17 -16.34 -15.64
CA ARG A 583 -11.28 -15.49 -16.00
C ARG A 583 -12.51 -15.89 -15.21
N GLY A 584 -13.30 -14.89 -14.78
CA GLY A 584 -14.52 -15.14 -14.05
C GLY A 584 -14.36 -15.29 -12.56
N ALA A 585 -13.18 -15.01 -12.02
CA ALA A 585 -12.96 -15.09 -10.58
C ALA A 585 -13.25 -13.74 -9.92
N THR A 586 -13.23 -13.74 -8.59
CA THR A 586 -13.44 -12.50 -7.86
C THR A 586 -12.35 -11.49 -8.14
N VAL A 587 -11.09 -11.93 -8.16
CA VAL A 587 -9.97 -11.07 -8.48
C VAL A 587 -9.86 -10.98 -10.00
N VAL A 588 -9.94 -9.76 -10.53
CA VAL A 588 -10.02 -9.56 -11.98
C VAL A 588 -8.71 -8.99 -12.50
N ILE A 589 -7.61 -9.27 -11.81
CA ILE A 589 -6.29 -8.95 -12.35
C ILE A 589 -6.02 -9.84 -13.55
N GLY A 590 -5.38 -9.28 -14.58
CA GLY A 590 -5.07 -10.02 -15.77
C GLY A 590 -6.16 -10.03 -16.81
N THR A 591 -7.30 -9.39 -16.54
CA THR A 591 -8.40 -9.33 -17.50
C THR A 591 -8.39 -7.97 -18.17
N SER A 592 -8.38 -7.97 -19.50
CA SER A 592 -8.37 -6.73 -20.26
C SER A 592 -9.78 -6.13 -20.33
N LYS A 593 -9.82 -4.83 -20.58
CA LYS A 593 -11.08 -4.14 -20.80
C LYS A 593 -11.44 -4.02 -22.28
N PHE A 594 -10.62 -4.57 -23.16
CA PHE A 594 -10.85 -4.51 -24.59
C PHE A 594 -11.53 -5.78 -25.08
N TYR A 595 -12.10 -5.70 -26.27
CA TYR A 595 -12.73 -6.86 -26.93
C TYR A 595 -13.82 -7.46 -26.07
N GLY A 596 -14.57 -6.61 -25.38
CA GLY A 596 -15.69 -7.07 -24.57
C GLY A 596 -15.31 -7.57 -23.19
N GLY A 597 -14.09 -7.33 -22.73
CA GLY A 597 -13.72 -7.78 -21.39
C GLY A 597 -14.48 -7.07 -20.29
N TRP A 598 -14.68 -5.76 -20.45
CA TRP A 598 -15.40 -4.99 -19.43
C TRP A 598 -16.82 -5.50 -19.25
N HIS A 599 -17.51 -5.76 -20.37
CA HIS A 599 -18.87 -6.28 -20.29
C HIS A 599 -18.91 -7.62 -19.57
N ASN A 600 -17.97 -8.51 -19.91
CA ASN A 600 -17.94 -9.81 -19.25
C ASN A 600 -17.68 -9.67 -17.76
N MET A 601 -16.78 -8.77 -17.38
CA MET A 601 -16.49 -8.56 -15.96
C MET A 601 -17.74 -8.09 -15.23
N LEU A 602 -18.46 -7.12 -15.79
CA LEU A 602 -19.65 -6.63 -15.11
C LEU A 602 -20.72 -7.69 -15.02
N LYS A 603 -20.93 -8.45 -16.10
CA LYS A 603 -21.95 -9.50 -16.06
C LYS A 603 -21.57 -10.62 -15.10
N THR A 604 -20.28 -10.84 -14.87
CA THR A 604 -19.85 -11.77 -13.84
C THR A 604 -20.07 -11.22 -12.45
N VAL A 605 -19.90 -9.90 -12.26
CA VAL A 605 -20.19 -9.29 -10.97
C VAL A 605 -21.67 -9.32 -10.62
N TYR A 606 -22.56 -9.22 -11.62
CA TYR A 606 -23.99 -9.22 -11.38
C TYR A 606 -24.56 -10.63 -11.25
N SER A 607 -23.76 -11.59 -10.82
CA SER A 607 -24.10 -13.00 -11.00
C SER A 607 -25.24 -13.45 -10.12
N ASP A 608 -26.47 -13.32 -10.63
CA ASP A 608 -27.66 -13.88 -9.98
C ASP A 608 -27.89 -13.32 -8.57
N VAL A 609 -27.50 -12.06 -8.35
CA VAL A 609 -27.88 -11.39 -7.12
C VAL A 609 -29.34 -10.96 -7.23
N GLU A 610 -30.07 -11.06 -6.11
CA GLU A 610 -31.53 -11.00 -6.17
C GLU A 610 -32.06 -9.57 -6.27
N ASN A 611 -31.77 -8.73 -5.29
CA ASN A 611 -32.17 -7.33 -5.29
C ASN A 611 -30.92 -6.46 -5.39
N PRO A 612 -30.29 -6.42 -6.57
CA PRO A 612 -28.90 -5.94 -6.65
C PRO A 612 -28.79 -4.42 -6.57
N HIS A 613 -27.89 -3.97 -5.70
CA HIS A 613 -27.37 -2.61 -5.71
C HIS A 613 -25.85 -2.70 -5.83
N LEU A 614 -25.23 -1.66 -6.38
CA LEU A 614 -23.80 -1.62 -6.54
C LEU A 614 -23.18 -0.67 -5.52
N MET A 615 -22.01 -1.05 -5.02
CA MET A 615 -21.26 -0.20 -4.10
C MET A 615 -19.78 -0.33 -4.43
N GLY A 616 -19.02 0.68 -4.04
CA GLY A 616 -17.59 0.66 -4.28
C GLY A 616 -16.86 1.48 -3.26
N TRP A 617 -15.53 1.36 -3.28
CA TRP A 617 -14.70 2.09 -2.34
C TRP A 617 -13.24 2.10 -2.75
N ASP A 618 -12.43 2.88 -2.06
CA ASP A 618 -10.99 2.95 -2.30
C ASP A 618 -10.33 3.34 -0.98
N TYR A 619 -9.29 2.62 -0.61
CA TYR A 619 -8.72 2.92 0.69
C TYR A 619 -7.92 4.22 0.64
N PRO A 620 -8.04 5.09 1.65
CA PRO A 620 -7.36 6.39 1.60
C PRO A 620 -5.85 6.28 1.42
N LYS A 621 -5.17 5.58 2.34
CA LYS A 621 -3.73 5.36 2.25
C LYS A 621 -3.53 3.85 2.35
N CYS A 622 -3.63 3.15 1.22
CA CYS A 622 -3.65 1.70 1.26
C CYS A 622 -2.33 1.14 1.80
N ASP A 623 -1.21 1.56 1.21
CA ASP A 623 0.07 0.95 1.56
C ASP A 623 0.61 1.47 2.89
N ARG A 624 0.38 2.73 3.20
CA ARG A 624 0.99 3.35 4.36
C ARG A 624 0.15 3.25 5.63
N ALA A 625 -1.07 2.72 5.55
CA ALA A 625 -1.91 2.53 6.72
C ALA A 625 -2.31 1.07 6.93
N MET A 626 -1.81 0.15 6.11
CA MET A 626 -2.18 -1.25 6.26
C MET A 626 -1.53 -1.83 7.51
N PRO A 627 -2.29 -2.41 8.43
CA PRO A 627 -1.67 -2.99 9.63
C PRO A 627 -0.80 -4.17 9.29
N ASN A 628 0.22 -4.39 10.12
CA ASN A 628 1.16 -5.48 9.89
C ASN A 628 0.48 -6.83 9.99
N MET A 629 -0.54 -6.96 10.85
CA MET A 629 -1.22 -8.23 11.00
C MET A 629 -1.85 -8.67 9.69
N LEU A 630 -2.52 -7.75 9.00
CA LEU A 630 -3.20 -8.11 7.77
C LEU A 630 -2.22 -8.33 6.62
N ARG A 631 -1.08 -7.64 6.62
CA ARG A 631 -0.06 -7.94 5.62
C ARG A 631 0.54 -9.32 5.85
N ILE A 632 0.79 -9.68 7.10
CA ILE A 632 1.26 -11.03 7.41
C ILE A 632 0.22 -12.05 6.98
N MET A 633 -1.06 -11.76 7.23
CA MET A 633 -2.12 -12.66 6.78
C MET A 633 -2.12 -12.81 5.27
N ALA A 634 -1.95 -11.70 4.54
CA ALA A 634 -1.93 -11.76 3.09
C ALA A 634 -0.77 -12.62 2.61
N SER A 635 0.39 -12.49 3.25
CA SER A 635 1.53 -13.35 2.89
C SER A 635 1.24 -14.80 3.23
N LEU A 636 0.50 -15.06 4.32
CA LEU A 636 0.27 -16.43 4.75
C LEU A 636 -0.71 -17.16 3.84
N VAL A 637 -1.80 -16.49 3.44
CA VAL A 637 -2.77 -17.16 2.57
C VAL A 637 -2.21 -17.37 1.17
N LEU A 638 -1.25 -16.54 0.73
CA LEU A 638 -0.59 -16.78 -0.54
C LEU A 638 0.33 -18.00 -0.47
N ALA A 639 0.84 -18.33 0.71
CA ALA A 639 1.72 -19.47 0.89
C ALA A 639 0.95 -20.77 1.15
N ARG A 640 -0.38 -20.73 1.17
CA ARG A 640 -1.17 -21.94 1.35
C ARG A 640 -0.96 -22.94 0.22
N LYS A 641 -0.41 -22.49 -0.91
CA LYS A 641 -0.21 -23.34 -2.07
C LYS A 641 1.06 -24.18 -1.99
N HIS A 642 1.88 -23.99 -0.96
CA HIS A 642 3.16 -24.67 -0.83
C HIS A 642 3.08 -25.87 0.12
N THR A 643 1.94 -26.55 0.16
CA THR A 643 1.80 -27.69 1.05
C THR A 643 2.64 -28.88 0.61
N THR A 644 3.02 -28.95 -0.65
CA THR A 644 3.75 -30.09 -1.19
C THR A 644 5.24 -29.85 -1.36
N CYS A 645 5.65 -28.61 -1.61
CA CYS A 645 7.04 -28.31 -1.92
C CYS A 645 7.85 -27.78 -0.75
N CYS A 646 7.19 -27.29 0.30
CA CYS A 646 7.87 -26.68 1.44
C CYS A 646 7.35 -27.27 2.74
N SER A 647 8.25 -27.48 3.69
CA SER A 647 7.86 -27.85 5.03
C SER A 647 7.50 -26.61 5.84
N LEU A 648 7.06 -26.82 7.08
CA LEU A 648 6.66 -25.70 7.93
C LEU A 648 7.83 -24.78 8.25
N SER A 649 9.02 -25.33 8.46
CA SER A 649 10.19 -24.48 8.72
C SER A 649 10.52 -23.62 7.51
N HIS A 650 10.48 -24.19 6.31
CA HIS A 650 10.74 -23.41 5.11
C HIS A 650 9.71 -22.31 4.94
N ARG A 651 8.43 -22.63 5.18
CA ARG A 651 7.38 -21.63 5.06
C ARG A 651 7.59 -20.50 6.06
N PHE A 652 7.94 -20.85 7.30
CA PHE A 652 8.15 -19.81 8.31
C PHE A 652 9.32 -18.92 7.93
N TYR A 653 10.42 -19.50 7.44
CA TYR A 653 11.56 -18.66 7.08
C TYR A 653 11.27 -17.82 5.84
N ARG A 654 10.46 -18.30 4.91
CA ARG A 654 10.04 -17.44 3.81
C ARG A 654 9.18 -16.28 4.30
N LEU A 655 8.27 -16.54 5.23
CA LEU A 655 7.50 -15.46 5.84
C LEU A 655 8.42 -14.47 6.56
N ALA A 656 9.43 -14.98 7.26
CA ALA A 656 10.37 -14.11 7.96
C ALA A 656 11.13 -13.24 6.99
N ASN A 657 11.57 -13.81 5.86
CA ASN A 657 12.24 -13.01 4.84
C ASN A 657 11.33 -11.91 4.33
N GLU A 658 10.10 -12.26 3.96
CA GLU A 658 9.18 -11.25 3.45
C GLU A 658 8.98 -10.13 4.46
N CYS A 659 8.75 -10.49 5.72
CA CYS A 659 8.56 -9.48 6.75
C CYS A 659 9.82 -8.64 6.93
N ALA A 660 10.99 -9.24 6.80
CA ALA A 660 12.25 -8.56 7.03
C ALA A 660 12.67 -7.66 5.88
N GLN A 661 12.08 -7.81 4.69
CA GLN A 661 12.48 -6.98 3.56
C GLN A 661 11.34 -6.26 2.85
N VAL A 662 10.08 -6.46 3.24
CA VAL A 662 9.00 -5.70 2.60
C VAL A 662 7.95 -5.25 3.62
N LEU A 663 8.21 -5.49 4.91
CA LEU A 663 7.27 -5.08 5.94
C LEU A 663 7.90 -4.07 6.89
N SER A 664 9.10 -4.37 7.38
CA SER A 664 9.79 -3.52 8.34
C SER A 664 11.26 -3.41 7.98
N GLU A 665 11.56 -3.18 6.71
CA GLU A 665 12.93 -3.10 6.25
C GLU A 665 13.55 -1.77 6.66
N MET A 666 14.76 -1.53 6.17
CA MET A 666 15.41 -0.23 6.25
C MET A 666 15.37 0.42 4.87
N VAL A 667 14.90 1.66 4.81
CA VAL A 667 14.73 2.38 3.56
C VAL A 667 15.81 3.44 3.46
N MET A 668 16.46 3.53 2.31
CA MET A 668 17.46 4.55 2.04
C MET A 668 16.75 5.70 1.32
N CYS A 669 16.45 6.76 2.06
CA CYS A 669 15.78 7.94 1.52
C CYS A 669 16.75 9.11 1.55
N GLY A 670 17.26 9.50 0.39
CA GLY A 670 18.17 10.63 0.31
C GLY A 670 19.49 10.39 1.02
N GLY A 671 20.11 9.23 0.81
CA GLY A 671 21.41 8.96 1.39
C GLY A 671 21.41 8.73 2.89
N SER A 672 20.29 8.28 3.45
CA SER A 672 20.20 8.01 4.88
C SER A 672 19.26 6.83 5.09
N LEU A 673 19.54 6.04 6.13
CA LEU A 673 18.75 4.86 6.43
C LEU A 673 17.71 5.18 7.50
N TYR A 674 16.47 4.78 7.23
CA TYR A 674 15.37 4.94 8.17
C TYR A 674 14.70 3.59 8.37
N VAL A 675 14.00 3.45 9.48
CA VAL A 675 13.27 2.24 9.82
C VAL A 675 11.81 2.41 9.43
N LYS A 676 11.29 1.51 8.63
CA LYS A 676 9.90 1.59 8.19
C LYS A 676 8.98 1.08 9.28
N PRO A 677 8.03 1.87 9.77
CA PRO A 677 7.16 1.38 10.86
C PRO A 677 6.43 0.11 10.51
N GLY A 678 5.96 -0.01 9.28
CA GLY A 678 5.17 -1.15 8.87
C GLY A 678 4.52 -0.95 7.52
N GLY A 679 3.22 -1.20 7.44
CA GLY A 679 2.55 -1.06 6.16
C GLY A 679 3.06 -2.08 5.16
N THR A 680 3.04 -1.68 3.88
CA THR A 680 3.54 -2.52 2.81
C THR A 680 4.37 -1.67 1.86
N SER A 681 5.38 -2.30 1.26
CA SER A 681 6.26 -1.63 0.32
C SER A 681 5.70 -1.85 -1.08
N SER A 682 5.04 -0.83 -1.62
CA SER A 682 4.54 -0.91 -2.99
C SER A 682 5.73 -0.96 -3.94
N GLY A 683 5.96 -2.13 -4.53
CA GLY A 683 7.12 -2.34 -5.37
C GLY A 683 7.82 -3.65 -5.08
N ASP A 684 7.20 -4.50 -4.28
CA ASP A 684 7.66 -5.86 -4.06
C ASP A 684 6.93 -6.81 -5.02
N ALA A 685 7.31 -8.08 -4.96
CA ALA A 685 6.83 -9.04 -5.96
C ALA A 685 5.33 -9.32 -5.85
N THR A 686 4.68 -8.91 -4.76
CA THR A 686 3.28 -9.25 -4.51
C THR A 686 2.47 -8.03 -4.08
N THR A 687 2.68 -6.90 -4.73
CA THR A 687 1.97 -5.68 -4.36
C THR A 687 0.46 -5.81 -4.61
N ALA A 688 0.08 -5.93 -5.89
CA ALA A 688 -1.34 -5.91 -6.24
C ALA A 688 -2.08 -7.10 -5.67
N TYR A 689 -1.45 -8.28 -5.66
CA TYR A 689 -2.13 -9.47 -5.18
C TYR A 689 -2.31 -9.44 -3.67
N ALA A 690 -1.31 -8.97 -2.94
CA ALA A 690 -1.47 -8.78 -1.51
C ALA A 690 -2.54 -7.74 -1.20
N ASN A 691 -2.61 -6.66 -2.00
CA ASN A 691 -3.67 -5.68 -1.82
C ASN A 691 -5.04 -6.31 -2.05
N SER A 692 -5.16 -7.17 -3.07
CA SER A 692 -6.43 -7.84 -3.32
C SER A 692 -6.83 -8.74 -2.16
N VAL A 693 -5.87 -9.49 -1.62
CA VAL A 693 -6.14 -10.33 -0.46
C VAL A 693 -6.63 -9.48 0.71
N PHE A 694 -5.95 -8.36 0.96
CA PHE A 694 -6.33 -7.46 2.04
C PHE A 694 -7.75 -6.93 1.83
N ASN A 695 -8.08 -6.55 0.59
CA ASN A 695 -9.40 -6.03 0.29
C ASN A 695 -10.48 -7.08 0.57
N ILE A 696 -10.25 -8.30 0.12
CA ILE A 696 -11.22 -9.37 0.35
C ILE A 696 -11.36 -9.64 1.84
N CYS A 697 -10.25 -9.60 2.58
CA CYS A 697 -10.33 -9.82 4.02
C CYS A 697 -11.16 -8.75 4.70
N GLN A 698 -10.98 -7.50 4.30
CA GLN A 698 -11.77 -6.42 4.88
C GLN A 698 -13.25 -6.59 4.56
N ALA A 699 -13.57 -6.99 3.33
CA ALA A 699 -14.97 -7.20 2.97
C ALA A 699 -15.60 -8.33 3.79
N VAL A 700 -14.88 -9.44 3.95
CA VAL A 700 -15.43 -10.55 4.72
C VAL A 700 -15.59 -10.16 6.18
N THR A 701 -14.64 -9.40 6.73
CA THR A 701 -14.77 -8.91 8.10
C THR A 701 -16.00 -8.03 8.24
N ALA A 702 -16.25 -7.15 7.26
CA ALA A 702 -17.43 -6.31 7.31
C ALA A 702 -18.70 -7.14 7.31
N ASN A 703 -18.76 -8.18 6.49
CA ASN A 703 -19.94 -9.03 6.47
C ASN A 703 -20.13 -9.76 7.79
N VAL A 704 -19.04 -10.26 8.39
CA VAL A 704 -19.15 -10.95 9.66
C VAL A 704 -19.69 -10.01 10.74
N ASN A 705 -19.14 -8.79 10.80
CA ASN A 705 -19.61 -7.83 11.80
C ASN A 705 -21.06 -7.45 11.55
N ALA A 706 -21.45 -7.28 10.28
CA ALA A 706 -22.82 -6.92 9.96
C ALA A 706 -23.79 -8.02 10.40
N LEU A 707 -23.41 -9.29 10.20
CA LEU A 707 -24.31 -10.37 10.54
C LEU A 707 -24.35 -10.64 12.03
N LEU A 708 -23.25 -10.44 12.75
CA LEU A 708 -23.24 -10.72 14.19
C LEU A 708 -23.76 -9.58 15.03
N SER A 709 -23.80 -8.36 14.49
CA SER A 709 -24.29 -7.20 15.23
C SER A 709 -25.79 -6.99 15.06
N THR A 710 -26.47 -7.89 14.36
CA THR A 710 -27.91 -7.82 14.21
C THR A 710 -28.59 -8.43 15.43
N ASP A 711 -29.81 -7.97 15.71
CA ASP A 711 -30.49 -8.37 16.94
C ASP A 711 -30.59 -9.89 17.04
N GLY A 712 -31.11 -10.54 16.00
CA GLY A 712 -31.22 -11.97 16.00
C GLY A 712 -32.65 -12.42 16.22
N ASN A 713 -33.36 -11.77 17.15
CA ASN A 713 -34.77 -12.06 17.33
C ASN A 713 -35.62 -11.47 16.21
N LYS A 714 -35.14 -10.41 15.55
CA LYS A 714 -35.89 -9.74 14.51
C LYS A 714 -35.76 -10.43 13.15
N ILE A 715 -34.71 -11.19 12.94
CA ILE A 715 -34.51 -11.89 11.67
C ILE A 715 -35.65 -12.89 11.50
N ALA A 716 -36.51 -12.64 10.52
CA ALA A 716 -37.68 -13.49 10.28
C ALA A 716 -37.38 -14.69 9.39
N ASP A 717 -36.15 -14.81 8.89
CA ASP A 717 -35.74 -15.95 8.08
C ASP A 717 -34.99 -16.94 8.96
N LYS A 718 -35.47 -18.17 9.02
CA LYS A 718 -34.86 -19.16 9.89
C LYS A 718 -33.45 -19.53 9.44
N TYR A 719 -33.22 -19.65 8.13
CA TYR A 719 -31.89 -20.07 7.66
C TYR A 719 -30.83 -19.05 8.06
N VAL A 720 -31.13 -17.76 7.88
CA VAL A 720 -30.15 -16.74 8.25
C VAL A 720 -29.97 -16.66 9.75
N ARG A 721 -31.04 -16.88 10.52
CA ARG A 721 -30.90 -16.88 11.97
C ARG A 721 -29.99 -18.00 12.44
N ASN A 722 -30.17 -19.20 11.88
CA ASN A 722 -29.28 -20.31 12.21
C ASN A 722 -27.86 -20.05 11.75
N LEU A 723 -27.72 -19.40 10.58
CA LEU A 723 -26.39 -19.05 10.10
C LEU A 723 -25.69 -18.11 11.07
N GLN A 724 -26.42 -17.13 11.61
CA GLN A 724 -25.82 -16.23 12.60
C GLN A 724 -25.46 -16.98 13.88
N HIS A 725 -26.37 -17.85 14.35
CA HIS A 725 -26.11 -18.58 15.58
C HIS A 725 -24.86 -19.42 15.44
N ARG A 726 -24.67 -20.06 14.29
N ARG A 726 -24.67 -20.06 14.29
CA ARG A 726 -23.47 -20.86 14.05
CA ARG A 726 -23.49 -20.87 14.03
C ARG A 726 -22.25 -20.02 13.71
C ARG A 726 -22.26 -20.03 13.70
N LEU A 727 -22.43 -18.81 13.18
CA LEU A 727 -21.29 -17.94 12.93
C LEU A 727 -20.68 -17.47 14.24
N TYR A 728 -21.51 -17.22 15.25
CA TYR A 728 -20.96 -16.91 16.57
C TYR A 728 -20.17 -18.09 17.11
N GLU A 729 -20.71 -19.30 16.98
CA GLU A 729 -20.03 -20.49 17.51
C GLU A 729 -18.69 -20.71 16.82
N CYS A 730 -18.67 -20.64 15.49
CA CYS A 730 -17.44 -20.93 14.77
C CYS A 730 -16.36 -19.88 15.00
N LEU A 731 -16.69 -18.74 15.61
CA LEU A 731 -15.69 -17.75 15.99
C LEU A 731 -15.28 -17.89 17.44
N TYR A 732 -16.22 -17.78 18.38
CA TYR A 732 -15.89 -17.64 19.79
C TYR A 732 -16.15 -18.90 20.60
N ARG A 733 -16.46 -20.02 19.96
CA ARG A 733 -16.63 -21.27 20.69
C ARG A 733 -16.03 -22.48 19.98
N ASN A 734 -15.33 -22.30 18.87
CA ASN A 734 -14.61 -23.36 18.19
C ASN A 734 -13.15 -22.97 18.11
N ARG A 735 -12.27 -23.91 18.46
CA ARG A 735 -10.84 -23.68 18.35
C ARG A 735 -10.29 -24.14 17.01
N ASP A 736 -10.95 -25.08 16.35
CA ASP A 736 -10.49 -25.66 15.10
C ASP A 736 -11.46 -25.29 13.98
N VAL A 737 -10.92 -25.15 12.77
CA VAL A 737 -11.72 -24.73 11.63
C VAL A 737 -12.80 -25.78 11.34
N ASP A 738 -14.02 -25.32 11.10
CA ASP A 738 -15.13 -26.17 10.69
C ASP A 738 -15.35 -25.96 9.20
N THR A 739 -14.94 -26.94 8.39
CA THR A 739 -14.98 -26.75 6.94
C THR A 739 -16.40 -26.67 6.40
N ASP A 740 -17.32 -27.41 6.99
CA ASP A 740 -18.70 -27.37 6.51
C ASP A 740 -19.26 -25.96 6.58
N PHE A 741 -19.15 -25.31 7.74
CA PHE A 741 -19.70 -23.98 7.86
C PHE A 741 -18.89 -22.95 7.10
N VAL A 742 -17.58 -23.15 6.94
CA VAL A 742 -16.82 -22.24 6.10
C VAL A 742 -17.32 -22.27 4.67
N ASN A 743 -17.57 -23.48 4.15
CA ASN A 743 -18.15 -23.59 2.82
C ASN A 743 -19.53 -22.96 2.76
N GLU A 744 -20.35 -23.18 3.77
CA GLU A 744 -21.71 -22.63 3.77
C GLU A 744 -21.68 -21.11 3.79
N PHE A 745 -20.84 -20.51 4.62
CA PHE A 745 -20.73 -19.07 4.67
C PHE A 745 -20.16 -18.50 3.38
N TYR A 746 -19.17 -19.18 2.78
CA TYR A 746 -18.64 -18.74 1.50
C TYR A 746 -19.73 -18.75 0.43
N ALA A 747 -20.55 -19.80 0.40
CA ALA A 747 -21.64 -19.86 -0.57
C ALA A 747 -22.65 -18.76 -0.33
N TYR A 748 -22.98 -18.50 0.93
CA TYR A 748 -23.92 -17.42 1.26
C TYR A 748 -23.38 -16.07 0.79
N LEU A 749 -22.10 -15.80 1.05
CA LEU A 749 -21.52 -14.54 0.60
C LEU A 749 -21.52 -14.43 -0.91
N ARG A 750 -21.18 -15.52 -1.61
CA ARG A 750 -21.18 -15.47 -3.06
C ARG A 750 -22.58 -15.24 -3.61
N LYS A 751 -23.60 -15.81 -2.96
CA LYS A 751 -24.95 -15.62 -3.44
C LYS A 751 -25.44 -14.19 -3.21
N HIS A 752 -25.16 -13.62 -2.04
CA HIS A 752 -25.74 -12.35 -1.65
C HIS A 752 -24.76 -11.20 -1.64
N PHE A 753 -23.48 -11.44 -1.91
CA PHE A 753 -22.47 -10.38 -1.83
C PHE A 753 -21.37 -10.74 -2.83
N SER A 754 -21.51 -10.24 -4.06
CA SER A 754 -20.66 -10.63 -5.18
C SER A 754 -19.64 -9.53 -5.42
N MET A 755 -18.36 -9.88 -5.33
CA MET A 755 -17.28 -8.91 -5.38
C MET A 755 -16.52 -8.99 -6.68
N MET A 756 -15.86 -7.88 -7.02
CA MET A 756 -14.91 -7.80 -8.13
C MET A 756 -13.76 -6.92 -7.64
N ILE A 757 -12.61 -7.54 -7.42
CA ILE A 757 -11.48 -6.92 -6.73
C ILE A 757 -10.33 -6.77 -7.70
N LEU A 758 -9.66 -5.61 -7.65
CA LEU A 758 -8.42 -5.37 -8.39
C LEU A 758 -7.56 -4.48 -7.49
N SER A 759 -6.66 -5.12 -6.75
CA SER A 759 -5.77 -4.43 -5.80
C SER A 759 -6.66 -3.73 -4.79
N ASP A 760 -6.55 -2.42 -4.57
CA ASP A 760 -7.37 -1.74 -3.60
C ASP A 760 -8.69 -1.23 -4.17
N ASP A 761 -8.96 -1.50 -5.44
CA ASP A 761 -10.24 -1.15 -6.04
C ASP A 761 -11.21 -2.32 -5.92
N ALA A 762 -12.47 -2.01 -5.63
CA ALA A 762 -13.47 -3.05 -5.45
C ALA A 762 -14.82 -2.56 -5.92
N VAL A 763 -15.58 -3.47 -6.51
CA VAL A 763 -16.98 -3.25 -6.85
C VAL A 763 -17.77 -4.39 -6.22
N VAL A 764 -18.96 -4.10 -5.71
CA VAL A 764 -19.77 -5.10 -5.03
C VAL A 764 -21.20 -4.98 -5.52
N CYS A 765 -21.76 -6.11 -5.95
CA CYS A 765 -23.20 -6.23 -6.19
C CYS A 765 -23.79 -6.99 -5.02
N PHE A 766 -24.70 -6.36 -4.29
CA PHE A 766 -25.22 -6.93 -3.05
C PHE A 766 -26.74 -6.88 -3.05
N ASN A 767 -27.32 -7.85 -2.35
CA ASN A 767 -28.76 -7.89 -2.14
C ASN A 767 -29.17 -6.71 -1.27
N SER A 768 -29.90 -5.76 -1.84
CA SER A 768 -30.25 -4.55 -1.09
C SER A 768 -31.16 -4.86 0.08
N THR A 769 -32.04 -5.86 -0.05
CA THR A 769 -32.97 -6.16 1.03
C THR A 769 -32.25 -6.69 2.26
N TYR A 770 -31.32 -7.63 2.06
CA TYR A 770 -30.56 -8.14 3.20
C TYR A 770 -29.72 -7.05 3.84
N ALA A 771 -29.05 -6.24 3.03
CA ALA A 771 -28.25 -5.15 3.57
C ALA A 771 -29.12 -4.19 4.37
N SER A 772 -30.34 -3.95 3.89
CA SER A 772 -31.28 -3.12 4.64
C SER A 772 -31.63 -3.77 5.98
N GLN A 773 -31.85 -5.07 5.98
CA GLN A 773 -32.18 -5.79 7.21
C GLN A 773 -30.96 -6.08 8.06
N GLY A 774 -29.76 -5.68 7.62
CA GLY A 774 -28.56 -5.90 8.37
C GLY A 774 -27.94 -7.27 8.22
N LEU A 775 -28.38 -8.05 7.24
CA LEU A 775 -27.90 -9.42 7.07
C LEU A 775 -26.68 -9.54 6.19
N VAL A 776 -26.26 -8.46 5.51
CA VAL A 776 -25.00 -8.41 4.80
C VAL A 776 -24.40 -7.02 4.98
N ALA A 777 -23.14 -6.89 4.62
CA ALA A 777 -22.41 -5.65 4.87
C ALA A 777 -22.98 -4.51 4.02
N SER A 778 -23.24 -3.38 4.65
CA SER A 778 -23.55 -2.14 3.97
C SER A 778 -22.29 -1.31 3.85
N ILE A 779 -22.43 -0.07 3.40
CA ILE A 779 -21.27 0.80 3.27
C ILE A 779 -20.83 1.38 4.60
N LYS A 780 -21.64 1.26 5.65
CA LYS A 780 -21.27 1.72 6.98
C LYS A 780 -20.57 0.63 7.79
N ASN A 781 -21.00 -0.62 7.62
CA ASN A 781 -20.31 -1.74 8.23
C ASN A 781 -18.89 -1.87 7.68
N PHE A 782 -18.62 -1.29 6.52
CA PHE A 782 -17.27 -1.27 5.97
C PHE A 782 -16.45 -0.10 6.47
N LYS A 783 -17.07 1.04 6.78
CA LYS A 783 -16.37 2.14 7.41
C LYS A 783 -16.02 1.84 8.86
N SER A 784 -16.91 1.15 9.59
CA SER A 784 -16.60 0.77 10.95
C SER A 784 -15.40 -0.17 11.02
N VAL A 785 -15.34 -1.13 10.12
CA VAL A 785 -14.23 -2.07 10.09
C VAL A 785 -12.92 -1.34 9.79
N LEU A 786 -12.95 -0.41 8.84
CA LEU A 786 -11.74 0.37 8.57
C LEU A 786 -11.34 1.20 9.76
N TYR A 787 -12.31 1.75 10.50
CA TYR A 787 -11.98 2.57 11.65
C TYR A 787 -11.28 1.75 12.74
N TYR A 788 -11.86 0.61 13.11
CA TYR A 788 -11.32 -0.13 14.25
C TYR A 788 -10.26 -1.16 13.86
N GLN A 789 -10.04 -1.41 12.57
CA GLN A 789 -9.09 -2.41 12.14
C GLN A 789 -8.07 -1.89 11.15
N ASN A 790 -8.18 -0.62 10.74
CA ASN A 790 -7.22 -0.02 9.83
C ASN A 790 -6.69 1.32 10.31
N ASN A 791 -7.24 1.87 11.39
CA ASN A 791 -6.85 3.19 11.88
C ASN A 791 -7.01 4.24 10.80
N VAL A 792 -8.11 4.12 10.05
CA VAL A 792 -8.41 5.00 8.93
C VAL A 792 -9.89 5.30 8.93
N PHE A 793 -10.25 6.56 8.69
CA PHE A 793 -11.64 6.95 8.51
C PHE A 793 -11.87 7.21 7.02
N MET A 794 -12.84 6.50 6.46
CA MET A 794 -13.14 6.59 5.03
C MET A 794 -14.32 7.54 4.82
N SER A 795 -14.09 8.60 4.08
CA SER A 795 -15.10 9.63 3.86
C SER A 795 -15.91 9.34 2.61
N GLU A 796 -17.02 10.08 2.46
CA GLU A 796 -17.93 9.87 1.34
C GLU A 796 -17.28 10.14 -0.01
N ALA A 797 -16.15 10.84 -0.03
CA ALA A 797 -15.45 11.11 -1.28
C ALA A 797 -14.75 9.88 -1.84
N LYS A 798 -14.68 8.79 -1.09
CA LYS A 798 -14.00 7.58 -1.52
C LYS A 798 -14.93 6.41 -1.75
N CYS A 799 -16.20 6.49 -1.34
CA CYS A 799 -17.16 5.42 -1.52
C CYS A 799 -18.34 5.92 -2.34
N TRP A 800 -18.98 5.01 -3.07
CA TRP A 800 -20.11 5.34 -3.91
C TRP A 800 -21.09 4.19 -3.91
N THR A 801 -22.35 4.51 -4.22
CA THR A 801 -23.42 3.54 -4.31
C THR A 801 -24.25 3.85 -5.56
N GLU A 802 -24.90 2.83 -6.10
CA GLU A 802 -25.70 2.95 -7.30
C GLU A 802 -26.89 2.00 -7.18
N THR A 803 -28.10 2.56 -7.13
CA THR A 803 -29.31 1.76 -7.08
C THR A 803 -29.77 1.30 -8.46
N ASP A 804 -29.24 1.89 -9.52
CA ASP A 804 -29.56 1.52 -10.89
C ASP A 804 -28.33 0.84 -11.48
N LEU A 805 -28.42 -0.47 -11.71
CA LEU A 805 -27.29 -1.24 -12.20
C LEU A 805 -27.30 -1.37 -13.71
N THR A 806 -28.22 -0.70 -14.40
CA THR A 806 -28.10 -0.50 -15.84
C THR A 806 -27.19 0.66 -16.18
N LYS A 807 -26.64 1.35 -15.18
CA LYS A 807 -25.66 2.39 -15.38
C LYS A 807 -24.24 1.92 -15.06
N GLY A 808 -24.08 0.76 -14.44
CA GLY A 808 -22.77 0.23 -14.14
C GLY A 808 -22.11 0.95 -13.00
N PRO A 809 -20.91 0.51 -12.62
CA PRO A 809 -20.19 1.15 -11.52
C PRO A 809 -19.94 2.62 -11.82
N HIS A 810 -20.00 3.43 -10.76
CA HIS A 810 -19.67 4.84 -10.92
C HIS A 810 -18.22 5.02 -11.33
N GLU A 811 -17.31 4.25 -10.74
CA GLU A 811 -15.90 4.30 -11.11
C GLU A 811 -15.25 2.98 -10.71
N PHE A 812 -14.42 2.45 -11.61
CA PHE A 812 -13.62 1.27 -11.33
C PHE A 812 -12.34 1.37 -12.14
N CYS A 813 -11.20 1.46 -11.46
CA CYS A 813 -9.91 1.66 -12.11
C CYS A 813 -9.92 2.95 -12.92
N SER A 814 -10.51 4.00 -12.35
CA SER A 814 -10.55 5.33 -12.98
C SER A 814 -11.30 5.30 -14.30
N GLN A 815 -12.19 4.32 -14.48
CA GLN A 815 -12.97 4.18 -15.70
C GLN A 815 -14.44 4.25 -15.36
N HIS A 816 -15.19 5.08 -16.08
CA HIS A 816 -16.63 5.11 -15.96
C HIS A 816 -17.26 4.14 -16.94
N THR A 817 -18.45 3.66 -16.61
CA THR A 817 -19.15 2.68 -17.43
C THR A 817 -20.33 3.32 -18.14
N MET A 818 -20.60 2.85 -19.36
CA MET A 818 -21.70 3.38 -20.15
C MET A 818 -22.35 2.24 -20.91
N LEU A 819 -23.68 2.17 -20.85
CA LEU A 819 -24.44 1.14 -21.57
C LEU A 819 -24.75 1.67 -22.97
N VAL A 820 -23.99 1.20 -23.95
CA VAL A 820 -24.13 1.65 -25.33
C VAL A 820 -24.65 0.50 -26.18
N LYS A 821 -24.89 0.80 -27.45
CA LYS A 821 -25.34 -0.19 -28.42
C LYS A 821 -24.30 -0.34 -29.52
N GLN A 822 -23.96 -1.58 -29.86
CA GLN A 822 -23.10 -1.86 -31.02
C GLN A 822 -23.58 -3.16 -31.65
N GLY A 823 -24.41 -3.04 -32.69
CA GLY A 823 -24.84 -4.20 -33.45
C GLY A 823 -25.91 -5.03 -32.77
N ASP A 824 -27.07 -4.45 -32.54
CA ASP A 824 -28.21 -5.17 -32.00
C ASP A 824 -27.90 -5.78 -30.64
N ASP A 825 -27.03 -5.12 -29.87
CA ASP A 825 -26.66 -5.58 -28.55
C ASP A 825 -26.29 -4.37 -27.70
N TYR A 826 -26.72 -4.40 -26.44
CA TYR A 826 -26.36 -3.37 -25.48
C TYR A 826 -25.24 -3.90 -24.60
N VAL A 827 -24.11 -3.19 -24.60
CA VAL A 827 -22.92 -3.62 -23.89
C VAL A 827 -22.38 -2.47 -23.05
N TYR A 828 -21.63 -2.82 -22.02
CA TYR A 828 -21.00 -1.84 -21.15
C TYR A 828 -19.62 -1.52 -21.68
N LEU A 829 -19.36 -0.24 -21.90
CA LEU A 829 -18.07 0.23 -22.37
C LEU A 829 -17.42 1.11 -21.30
N PRO A 830 -16.11 1.01 -21.10
CA PRO A 830 -15.41 1.93 -20.21
C PRO A 830 -14.91 3.16 -20.92
N TYR A 831 -15.18 4.35 -20.37
CA TYR A 831 -14.60 5.58 -20.89
C TYR A 831 -13.89 6.32 -19.76
N PRO A 832 -12.82 7.03 -20.06
CA PRO A 832 -12.05 7.70 -19.01
C PRO A 832 -12.60 9.10 -18.75
N ASP A 833 -11.93 9.81 -17.86
CA ASP A 833 -12.22 11.21 -17.63
C ASP A 833 -11.64 12.03 -18.77
N PRO A 834 -12.43 12.82 -19.51
CA PRO A 834 -11.86 13.55 -20.64
C PRO A 834 -10.70 14.44 -20.26
N SER A 835 -10.72 15.01 -19.07
CA SER A 835 -9.60 15.84 -18.62
C SER A 835 -8.31 15.04 -18.56
N ARG A 836 -8.38 13.76 -18.18
CA ARG A 836 -7.17 12.94 -18.13
C ARG A 836 -6.55 12.81 -19.51
N ILE A 837 -7.38 12.53 -20.52
CA ILE A 837 -6.85 12.36 -21.87
C ILE A 837 -6.33 13.68 -22.42
N LEU A 838 -7.05 14.78 -22.19
CA LEU A 838 -6.58 16.07 -22.67
C LEU A 838 -5.27 16.48 -21.99
N GLY A 839 -5.14 16.22 -20.69
CA GLY A 839 -3.89 16.50 -20.01
C GLY A 839 -2.74 15.64 -20.51
N ALA A 840 -3.01 14.36 -20.79
CA ALA A 840 -1.99 13.52 -21.39
C ALA A 840 -1.54 14.07 -22.74
N GLY A 841 -2.48 14.60 -23.51
CA GLY A 841 -2.12 15.20 -24.77
C GLY A 841 -1.31 16.48 -24.62
N CYS A 842 -1.64 17.30 -23.61
CA CYS A 842 -1.06 18.62 -23.50
C CYS A 842 0.29 18.62 -22.78
N PHE A 843 0.46 17.78 -21.77
CA PHE A 843 1.66 17.78 -20.94
C PHE A 843 2.34 16.42 -21.03
N VAL A 844 3.66 16.43 -21.19
CA VAL A 844 4.45 15.23 -21.44
C VAL A 844 5.69 15.23 -20.56
N ASP A 845 6.29 14.05 -20.43
CA ASP A 845 7.47 13.90 -19.57
C ASP A 845 8.70 14.55 -20.20
N ASP A 846 9.13 14.06 -21.37
CA ASP A 846 10.34 14.53 -22.00
C ASP A 846 10.04 15.72 -22.91
N ILE A 847 11.12 16.40 -23.32
CA ILE A 847 10.98 17.49 -24.27
C ILE A 847 10.78 16.98 -25.70
N VAL A 848 11.25 15.76 -25.98
CA VAL A 848 11.05 15.19 -27.31
C VAL A 848 9.58 14.87 -27.55
N LYS A 849 8.86 14.46 -26.51
CA LYS A 849 7.47 14.09 -26.67
C LYS A 849 6.60 15.27 -27.08
N THR A 850 7.11 16.50 -26.98
CA THR A 850 6.39 17.68 -27.43
C THR A 850 6.51 17.90 -28.93
N ASP A 851 7.20 17.01 -29.64
CA ASP A 851 7.22 17.02 -31.10
C ASP A 851 6.26 15.93 -31.58
N GLY A 852 5.17 16.37 -32.23
CA GLY A 852 4.13 15.42 -32.60
C GLY A 852 4.59 14.41 -33.63
N THR A 853 5.28 14.88 -34.67
CA THR A 853 5.57 14.02 -35.80
C THR A 853 6.42 12.82 -35.41
N LEU A 854 7.24 12.96 -34.35
CA LEU A 854 8.03 11.83 -33.87
C LEU A 854 7.21 10.87 -33.02
N MET A 855 6.08 11.31 -32.49
CA MET A 855 5.26 10.53 -31.56
C MET A 855 3.84 10.52 -32.10
N ILE A 856 3.56 9.63 -33.05
CA ILE A 856 2.21 9.47 -33.57
C ILE A 856 1.49 8.28 -32.92
N GLU A 857 2.20 7.19 -32.64
CA GLU A 857 1.61 6.10 -31.87
C GLU A 857 1.22 6.55 -30.47
N ARG A 858 1.91 7.56 -29.94
CA ARG A 858 1.56 8.10 -28.64
C ARG A 858 0.13 8.61 -28.62
N PHE A 859 -0.30 9.23 -29.72
CA PHE A 859 -1.67 9.71 -29.83
C PHE A 859 -2.64 8.63 -30.27
N VAL A 860 -2.16 7.61 -30.99
CA VAL A 860 -3.02 6.49 -31.34
C VAL A 860 -3.47 5.75 -30.09
N SER A 861 -2.55 5.57 -29.13
CA SER A 861 -2.93 4.92 -27.88
C SER A 861 -3.99 5.74 -27.13
N LEU A 862 -3.80 7.06 -27.08
CA LEU A 862 -4.77 7.91 -26.40
C LEU A 862 -6.11 7.89 -27.10
N ALA A 863 -6.12 7.86 -28.44
CA ALA A 863 -7.37 7.74 -29.17
C ALA A 863 -8.06 6.42 -28.90
N ILE A 864 -7.30 5.33 -28.79
CA ILE A 864 -7.88 4.04 -28.42
C ILE A 864 -8.54 4.16 -27.05
N ASP A 865 -7.85 4.79 -26.09
CA ASP A 865 -8.42 4.92 -24.75
C ASP A 865 -9.66 5.81 -24.75
N ALA A 866 -9.69 6.84 -25.61
CA ALA A 866 -10.75 7.84 -25.59
C ALA A 866 -11.88 7.56 -26.56
N TYR A 867 -11.81 6.48 -27.34
CA TYR A 867 -12.90 6.20 -28.28
C TYR A 867 -14.25 6.08 -27.60
N PRO A 868 -14.42 5.32 -26.51
CA PRO A 868 -15.77 5.15 -25.94
C PRO A 868 -16.45 6.45 -25.57
N LEU A 869 -15.73 7.56 -25.52
CA LEU A 869 -16.38 8.86 -25.30
C LEU A 869 -17.26 9.28 -26.46
N THR A 870 -17.16 8.61 -27.61
CA THR A 870 -17.99 8.98 -28.76
C THR A 870 -19.45 8.67 -28.51
N LYS A 871 -19.75 7.71 -27.65
CA LYS A 871 -21.12 7.31 -27.34
C LYS A 871 -21.73 8.12 -26.21
N HIS A 872 -20.97 9.02 -25.59
CA HIS A 872 -21.47 9.77 -24.47
C HIS A 872 -22.52 10.78 -24.93
N PRO A 873 -23.58 10.99 -24.15
CA PRO A 873 -24.57 12.02 -24.53
C PRO A 873 -23.98 13.42 -24.61
N ASN A 874 -22.98 13.73 -23.79
CA ASN A 874 -22.34 15.04 -23.83
C ASN A 874 -21.53 15.18 -25.11
N GLN A 875 -21.72 16.29 -25.82
CA GLN A 875 -21.11 16.45 -27.13
C GLN A 875 -19.60 16.69 -27.03
N GLU A 876 -19.17 17.43 -26.00
CA GLU A 876 -17.75 17.73 -25.87
C GLU A 876 -16.93 16.46 -25.69
N TYR A 877 -17.50 15.45 -25.03
CA TYR A 877 -16.76 14.21 -24.83
C TYR A 877 -16.48 13.54 -26.17
N ALA A 878 -17.45 13.53 -27.08
CA ALA A 878 -17.22 13.01 -28.42
C ALA A 878 -16.24 13.89 -29.18
N ASP A 879 -16.33 15.20 -28.99
CA ASP A 879 -15.38 16.10 -29.62
C ASP A 879 -13.96 15.82 -29.18
N VAL A 880 -13.76 15.26 -27.99
CA VAL A 880 -12.40 14.88 -27.58
C VAL A 880 -11.82 13.85 -28.53
N PHE A 881 -12.56 12.78 -28.79
CA PHE A 881 -12.09 11.74 -29.70
C PHE A 881 -11.90 12.29 -31.11
N HIS A 882 -12.85 13.10 -31.57
CA HIS A 882 -12.71 13.66 -32.91
C HIS A 882 -11.50 14.58 -33.01
N LEU A 883 -11.22 15.34 -31.95
CA LEU A 883 -10.01 16.15 -31.91
C LEU A 883 -8.77 15.30 -32.04
N TYR A 884 -8.73 14.18 -31.31
CA TYR A 884 -7.56 13.33 -31.40
C TYR A 884 -7.40 12.76 -32.80
N LEU A 885 -8.49 12.36 -33.44
CA LEU A 885 -8.38 11.84 -34.80
C LEU A 885 -7.87 12.91 -35.77
N GLN A 886 -8.42 14.13 -35.67
CA GLN A 886 -7.97 15.18 -36.58
C GLN A 886 -6.52 15.56 -36.33
N TYR A 887 -6.08 15.53 -35.07
CA TYR A 887 -4.69 15.83 -34.79
C TYR A 887 -3.77 14.72 -35.29
N ILE A 888 -4.22 13.47 -35.22
CA ILE A 888 -3.42 12.38 -35.79
C ILE A 888 -3.27 12.58 -37.30
N ARG A 889 -4.35 12.96 -37.97
CA ARG A 889 -4.25 13.22 -39.40
C ARG A 889 -3.30 14.37 -39.69
N LYS A 890 -3.38 15.44 -38.90
CA LYS A 890 -2.48 16.58 -39.10
C LYS A 890 -1.02 16.17 -38.88
N LEU A 891 -0.76 15.37 -37.86
CA LEU A 891 0.60 14.92 -37.61
C LEU A 891 1.11 14.06 -38.76
N HIS A 892 0.26 13.18 -39.30
CA HIS A 892 0.69 12.38 -40.45
C HIS A 892 0.99 13.26 -41.65
N ASP A 893 0.16 14.28 -41.88
CA ASP A 893 0.43 15.21 -42.98
C ASP A 893 1.76 15.92 -42.78
N GLU A 894 2.02 16.40 -41.56
CA GLU A 894 3.28 17.08 -41.30
C GLU A 894 4.48 16.14 -41.46
N LEU A 895 4.34 14.90 -41.00
CA LEU A 895 5.43 13.94 -41.15
C LEU A 895 5.71 13.66 -42.62
N THR A 896 4.66 13.48 -43.42
CA THR A 896 4.87 13.25 -44.85
C THR A 896 5.54 14.45 -45.49
N GLY A 897 5.10 15.66 -45.15
CA GLY A 897 5.73 16.86 -45.70
C GLY A 897 7.20 16.96 -45.32
N HIS A 898 7.52 16.71 -44.05
CA HIS A 898 8.91 16.76 -43.61
C HIS A 898 9.75 15.74 -44.35
N MET A 899 9.24 14.51 -44.48
CA MET A 899 9.99 13.46 -45.17
C MET A 899 10.25 13.85 -46.61
N LEU A 900 9.22 14.33 -47.31
CA LEU A 900 9.40 14.71 -48.71
C LEU A 900 10.38 15.87 -48.84
N ASP A 901 10.29 16.85 -47.93
CA ASP A 901 11.15 18.03 -48.04
C ASP A 901 12.61 17.69 -47.78
N MET A 902 12.88 16.91 -46.74
CA MET A 902 14.25 16.63 -46.33
C MET A 902 14.84 15.44 -47.09
N TYR A 903 14.21 14.27 -46.97
CA TYR A 903 14.64 13.05 -47.66
C TYR A 903 13.63 12.79 -48.76
N SER A 904 13.95 13.21 -49.99
CA SER A 904 12.94 13.29 -51.04
C SER A 904 12.51 11.92 -51.52
N VAL A 905 11.86 11.16 -50.64
CA VAL A 905 11.23 9.89 -50.99
C VAL A 905 9.94 9.77 -50.19
N MET A 906 8.85 9.40 -50.87
CA MET A 906 7.54 9.34 -50.24
C MET A 906 7.31 7.96 -49.65
N LEU A 907 6.82 7.94 -48.41
CA LEU A 907 6.55 6.68 -47.69
C LEU A 907 5.20 6.73 -46.99
N THR A 908 4.22 7.43 -47.58
CA THR A 908 2.92 7.57 -46.94
C THR A 908 2.24 6.22 -46.74
N ASN A 909 2.33 5.35 -47.75
CA ASN A 909 1.70 4.03 -47.69
C ASN A 909 0.19 4.17 -47.50
N ASP A 910 -0.49 3.04 -47.26
CA ASP A 910 -1.93 3.04 -47.08
C ASP A 910 -2.38 2.45 -45.75
N ASN A 911 -1.49 1.78 -45.02
CA ASN A 911 -1.86 1.23 -43.72
C ASN A 911 -2.08 2.32 -42.68
N THR A 912 -1.49 3.49 -42.87
CA THR A 912 -1.64 4.57 -41.89
C THR A 912 -3.02 5.21 -41.95
N SER A 913 -3.70 5.14 -43.10
CA SER A 913 -4.99 5.80 -43.24
C SER A 913 -6.00 5.28 -42.21
N ARG A 914 -5.83 4.04 -41.74
CA ARG A 914 -6.76 3.48 -40.78
C ARG A 914 -6.64 4.11 -39.40
N TYR A 915 -5.62 4.93 -39.16
CA TYR A 915 -5.43 5.52 -37.84
C TYR A 915 -6.34 6.70 -37.59
N TRP A 916 -6.65 7.49 -38.62
CA TRP A 916 -7.58 8.61 -38.47
C TRP A 916 -8.98 8.25 -38.94
N GLU A 917 -9.38 6.98 -38.79
CA GLU A 917 -10.72 6.52 -39.05
C GLU A 917 -11.25 5.81 -37.80
N PRO A 918 -12.58 5.80 -37.60
CA PRO A 918 -13.11 5.22 -36.36
C PRO A 918 -13.21 3.70 -36.34
N GLU A 919 -12.99 3.03 -37.47
CA GLU A 919 -13.14 1.58 -37.48
C GLU A 919 -12.03 0.89 -36.70
N PHE A 920 -10.78 1.34 -36.87
CA PHE A 920 -9.67 0.75 -36.14
C PHE A 920 -9.92 0.76 -34.65
N TYR A 921 -10.63 1.78 -34.15
CA TYR A 921 -10.92 1.89 -32.74
C TYR A 921 -12.24 1.24 -32.37
N GLU A 922 -13.19 1.15 -33.31
CA GLU A 922 -14.38 0.35 -33.08
C GLU A 922 -14.03 -1.10 -32.80
N ALA A 923 -13.09 -1.64 -33.57
CA ALA A 923 -12.72 -3.05 -33.44
C ALA A 923 -12.06 -3.37 -32.11
N MET A 924 -11.64 -2.38 -31.33
CA MET A 924 -10.99 -2.63 -30.06
C MET A 924 -11.97 -2.94 -28.94
N TYR A 925 -13.26 -2.64 -29.12
CA TYR A 925 -14.26 -2.85 -28.09
C TYR A 925 -15.35 -3.81 -28.55
N THR A 926 -15.10 -4.58 -29.60
CA THR A 926 -16.05 -5.56 -30.11
C THR A 926 -15.60 -6.96 -29.73
N PRO A 927 -16.49 -7.82 -29.24
CA PRO A 927 -16.07 -9.15 -28.75
C PRO A 927 -15.79 -10.16 -29.85
N HIS A 928 -14.56 -10.12 -30.37
CA HIS A 928 -14.11 -11.12 -31.33
C HIS A 928 -12.64 -11.45 -31.17
N THR A 929 -12.04 -11.11 -30.03
CA THR A 929 -10.62 -11.41 -29.78
C THR A 929 -10.33 -11.32 -28.29
N PHE B 6 26.97 -20.56 -51.48
CA PHE B 6 28.21 -20.33 -52.20
C PHE B 6 28.11 -20.84 -53.63
N SER B 7 28.67 -20.07 -54.57
CA SER B 7 28.61 -20.47 -55.98
C SER B 7 29.34 -21.78 -56.22
N SER B 8 30.51 -21.95 -55.59
CA SER B 8 31.32 -23.15 -55.77
C SER B 8 31.03 -24.17 -54.67
N LEU B 9 29.77 -24.60 -54.61
CA LEU B 9 29.38 -25.61 -53.63
C LEU B 9 29.91 -26.98 -54.06
N PRO B 10 29.98 -27.93 -53.12
CA PRO B 10 30.57 -29.24 -53.46
C PRO B 10 29.90 -29.93 -54.63
N SER B 11 28.57 -29.82 -54.76
CA SER B 11 27.82 -30.49 -55.80
C SER B 11 27.49 -29.57 -56.96
N TYR B 12 28.35 -28.60 -57.26
CA TYR B 12 28.12 -27.67 -58.36
C TYR B 12 28.56 -28.23 -59.70
N ALA B 13 29.35 -29.32 -59.71
CA ALA B 13 29.80 -29.89 -60.97
C ALA B 13 28.62 -30.40 -61.80
N ALA B 14 27.67 -31.06 -61.15
CA ALA B 14 26.51 -31.57 -61.89
C ALA B 14 25.72 -30.43 -62.51
N PHE B 15 25.50 -29.35 -61.75
CA PHE B 15 24.75 -28.22 -62.29
C PHE B 15 25.50 -27.55 -63.44
N ALA B 16 26.82 -27.41 -63.31
CA ALA B 16 27.61 -26.83 -64.40
C ALA B 16 27.52 -27.69 -65.66
N THR B 17 27.64 -29.01 -65.50
CA THR B 17 27.52 -29.90 -66.65
C THR B 17 26.14 -29.81 -67.27
N ALA B 18 25.10 -29.72 -66.44
CA ALA B 18 23.75 -29.59 -66.97
C ALA B 18 23.59 -28.32 -67.79
N GLN B 19 24.09 -27.20 -67.26
CA GLN B 19 23.98 -25.94 -67.99
C GLN B 19 24.75 -26.00 -69.30
N GLU B 20 25.97 -26.55 -69.27
CA GLU B 20 26.75 -26.65 -70.50
C GLU B 20 26.06 -27.54 -71.52
N ALA B 21 25.50 -28.66 -71.08
CA ALA B 21 24.81 -29.56 -71.98
C ALA B 21 23.57 -28.90 -72.57
N TYR B 22 22.82 -28.14 -71.77
CA TYR B 22 21.67 -27.42 -72.30
C TYR B 22 22.10 -26.41 -73.34
N GLU B 23 23.18 -25.68 -73.08
CA GLU B 23 23.67 -24.72 -74.07
C GLU B 23 24.07 -25.42 -75.36
N GLN B 24 24.76 -26.55 -75.25
CA GLN B 24 25.16 -27.29 -76.45
C GLN B 24 23.94 -27.78 -77.22
N ALA B 25 22.95 -28.31 -76.51
CA ALA B 25 21.74 -28.79 -77.17
C ALA B 25 21.01 -27.66 -77.89
N VAL B 26 20.92 -26.49 -77.23
CA VAL B 26 20.30 -25.33 -77.88
C VAL B 26 21.08 -24.96 -79.14
N ALA B 27 22.42 -24.95 -79.04
CA ALA B 27 23.23 -24.66 -80.22
C ALA B 27 23.05 -25.73 -81.29
N ASN B 28 22.97 -27.00 -80.89
CA ASN B 28 22.89 -28.12 -81.81
C ASN B 28 21.51 -28.76 -81.87
N GLY B 29 21.00 -29.25 -80.74
CA GLY B 29 19.73 -29.94 -80.74
C GLY B 29 19.81 -31.30 -81.40
N ASP B 30 20.45 -32.26 -80.72
CA ASP B 30 20.65 -33.58 -81.32
C ASP B 30 19.32 -34.21 -81.72
N SER B 31 18.37 -34.26 -80.79
CA SER B 31 17.05 -34.83 -81.08
C SER B 31 16.13 -34.52 -79.91
N GLU B 32 14.87 -34.92 -80.07
CA GLU B 32 13.87 -34.65 -79.03
C GLU B 32 14.07 -35.57 -77.82
N VAL B 33 14.33 -36.85 -78.07
CA VAL B 33 14.47 -37.80 -76.96
C VAL B 33 15.75 -37.50 -76.16
N VAL B 34 16.85 -37.24 -76.85
CA VAL B 34 18.07 -36.86 -76.15
C VAL B 34 17.88 -35.53 -75.45
N LEU B 35 17.12 -34.61 -76.05
CA LEU B 35 16.83 -33.36 -75.38
C LEU B 35 16.08 -33.59 -74.08
N LYS B 36 15.10 -34.50 -74.09
CA LYS B 36 14.37 -34.81 -72.87
C LYS B 36 15.29 -35.46 -71.84
N LYS B 37 16.19 -36.33 -72.28
CA LYS B 37 17.14 -36.92 -71.34
C LYS B 37 18.03 -35.86 -70.72
N LEU B 38 18.50 -34.90 -71.52
CA LEU B 38 19.30 -33.80 -70.99
C LEU B 38 18.49 -32.96 -70.02
N LYS B 39 17.21 -32.74 -70.31
CA LYS B 39 16.36 -31.99 -69.39
C LYS B 39 16.23 -32.73 -68.07
N LYS B 40 16.07 -34.05 -68.12
CA LYS B 40 15.98 -34.83 -66.88
C LYS B 40 17.27 -34.74 -66.08
N SER B 41 18.42 -34.83 -66.77
CA SER B 41 19.70 -34.70 -66.08
C SER B 41 19.84 -33.31 -65.45
N LEU B 42 19.44 -32.27 -66.18
CA LEU B 42 19.49 -30.92 -65.63
C LEU B 42 18.60 -30.79 -64.41
N ASN B 43 17.40 -31.37 -64.47
CA ASN B 43 16.48 -31.28 -63.34
C ASN B 43 17.04 -31.99 -62.11
N VAL B 44 17.60 -33.19 -62.30
CA VAL B 44 18.13 -33.91 -61.15
C VAL B 44 19.34 -33.20 -60.56
N ALA B 45 20.21 -32.66 -61.42
CA ALA B 45 21.35 -31.90 -60.93
C ALA B 45 20.90 -30.66 -60.18
N LYS B 46 19.87 -29.98 -60.69
CA LYS B 46 19.35 -28.79 -60.02
C LYS B 46 18.74 -29.14 -58.67
N SER B 47 18.03 -30.26 -58.60
CA SER B 47 17.47 -30.69 -57.33
C SER B 47 18.57 -30.97 -56.30
N GLU B 48 19.61 -31.69 -56.72
CA GLU B 48 20.72 -31.96 -55.81
C GLU B 48 21.41 -30.66 -55.38
N PHE B 49 21.61 -29.74 -56.33
CA PHE B 49 22.26 -28.47 -55.99
C PHE B 49 21.43 -27.67 -55.01
N ASP B 50 20.10 -27.65 -55.20
CA ASP B 50 19.24 -26.93 -54.27
C ASP B 50 19.25 -27.58 -52.89
N ARG B 51 19.24 -28.91 -52.83
CA ARG B 51 19.35 -29.59 -51.55
C ARG B 51 20.64 -29.18 -50.83
N ASP B 52 21.76 -29.22 -51.56
CA ASP B 52 23.04 -28.85 -50.95
C ASP B 52 23.05 -27.40 -50.51
N ALA B 53 22.47 -26.51 -51.31
CA ALA B 53 22.42 -25.10 -50.94
C ALA B 53 21.60 -24.88 -49.69
N ALA B 54 20.45 -25.56 -49.59
CA ALA B 54 19.64 -25.42 -48.39
C ALA B 54 20.39 -25.93 -47.16
N MET B 55 21.06 -27.08 -47.28
CA MET B 55 21.83 -27.60 -46.17
C MET B 55 22.92 -26.61 -45.75
N GLN B 56 23.64 -26.06 -46.72
CA GLN B 56 24.71 -25.12 -46.42
C GLN B 56 24.18 -23.86 -45.75
N ARG B 57 23.05 -23.34 -46.23
CA ARG B 57 22.46 -22.15 -45.61
C ARG B 57 22.04 -22.43 -44.18
N LYS B 58 21.44 -23.60 -43.93
CA LYS B 58 21.05 -23.97 -42.58
C LYS B 58 22.27 -24.05 -41.67
N LEU B 59 23.34 -24.67 -42.15
CA LEU B 59 24.56 -24.79 -41.34
C LEU B 59 25.15 -23.42 -41.06
N GLU B 60 25.15 -22.54 -42.06
CA GLU B 60 25.66 -21.18 -41.84
C GLU B 60 24.86 -20.45 -40.77
N LYS B 61 23.54 -20.56 -40.84
CA LYS B 61 22.70 -19.90 -39.83
C LYS B 61 23.00 -20.46 -38.44
N MET B 62 23.11 -21.78 -38.32
CA MET B 62 23.40 -22.37 -37.01
C MET B 62 24.75 -21.90 -36.48
N ALA B 63 25.76 -21.85 -37.35
CA ALA B 63 27.09 -21.42 -36.91
C ALA B 63 27.07 -19.96 -36.47
N ASP B 64 26.38 -19.10 -37.23
CA ASP B 64 26.30 -17.70 -36.85
C ASP B 64 25.62 -17.53 -35.50
N GLN B 65 24.51 -18.25 -35.28
CA GLN B 65 23.83 -18.17 -33.99
C GLN B 65 24.73 -18.66 -32.87
N ALA B 66 25.47 -19.75 -33.10
CA ALA B 66 26.35 -20.27 -32.06
C ALA B 66 27.44 -19.26 -31.70
N MET B 67 28.04 -18.61 -32.71
CA MET B 67 29.07 -17.63 -32.43
C MET B 67 28.51 -16.41 -31.70
N THR B 68 27.30 -15.97 -32.09
CA THR B 68 26.69 -14.86 -31.38
C THR B 68 26.45 -15.21 -29.92
N GLN B 69 25.96 -16.43 -29.65
CA GLN B 69 25.75 -16.86 -28.27
C GLN B 69 27.06 -16.91 -27.51
N MET B 70 28.13 -17.40 -28.16
CA MET B 70 29.43 -17.46 -27.51
C MET B 70 29.90 -16.08 -27.10
N TYR B 71 29.80 -15.11 -28.02
CA TYR B 71 30.22 -13.75 -27.70
C TYR B 71 29.38 -13.16 -26.57
N LYS B 72 28.06 -13.40 -26.60
CA LYS B 72 27.21 -12.87 -25.54
C LYS B 72 27.58 -13.47 -24.19
N GLN B 73 27.87 -14.77 -24.15
CA GLN B 73 28.27 -15.40 -22.89
C GLN B 73 29.61 -14.85 -22.41
N ALA B 74 30.56 -14.65 -23.31
CA ALA B 74 31.84 -14.09 -22.90
C ALA B 74 31.67 -12.70 -22.31
N ARG B 75 30.86 -11.86 -22.96
CA ARG B 75 30.62 -10.52 -22.44
C ARG B 75 29.91 -10.57 -21.08
N SER B 76 28.98 -11.50 -20.92
CA SER B 76 28.30 -11.66 -19.63
C SER B 76 29.28 -12.04 -18.53
N GLU B 77 30.20 -12.96 -18.83
CA GLU B 77 31.20 -13.33 -17.83
C GLU B 77 32.13 -12.17 -17.53
N ASP B 78 32.49 -11.37 -18.53
CA ASP B 78 33.30 -10.18 -18.28
C ASP B 78 32.59 -9.23 -17.33
N LYS B 79 31.29 -8.99 -17.56
CA LYS B 79 30.54 -8.11 -16.67
C LYS B 79 30.43 -8.68 -15.27
N ARG B 80 30.25 -10.00 -15.15
CA ARG B 80 30.21 -10.60 -13.82
C ARG B 80 31.53 -10.42 -13.08
N ALA B 81 32.64 -10.67 -13.77
CA ALA B 81 33.95 -10.49 -13.15
C ALA B 81 34.25 -9.03 -12.83
N LYS B 82 33.63 -8.09 -13.55
CA LYS B 82 33.81 -6.67 -13.24
C LYS B 82 32.94 -6.19 -12.09
N VAL B 83 31.75 -6.78 -11.89
CA VAL B 83 30.92 -6.42 -10.75
C VAL B 83 31.36 -7.13 -9.47
N THR B 84 31.95 -8.32 -9.58
CA THR B 84 32.49 -8.97 -8.38
C THR B 84 33.56 -8.13 -7.72
N SER B 85 34.47 -7.56 -8.52
CA SER B 85 35.52 -6.72 -7.97
C SER B 85 34.93 -5.46 -7.34
N ALA B 86 33.90 -4.88 -7.95
CA ALA B 86 33.28 -3.70 -7.36
C ALA B 86 32.66 -4.02 -6.02
N MET B 87 31.95 -5.15 -5.91
CA MET B 87 31.34 -5.52 -4.64
C MET B 87 32.41 -5.80 -3.59
N GLN B 88 33.50 -6.48 -3.97
CA GLN B 88 34.59 -6.72 -3.02
C GLN B 88 35.20 -5.41 -2.55
N THR B 89 35.43 -4.48 -3.47
CA THR B 89 36.02 -3.20 -3.09
C THR B 89 35.10 -2.43 -2.15
N MET B 90 33.80 -2.45 -2.42
CA MET B 90 32.86 -1.76 -1.54
C MET B 90 32.87 -2.38 -0.15
N LEU B 91 32.84 -3.72 -0.08
CA LEU B 91 32.81 -4.36 1.24
C LEU B 91 34.09 -4.10 2.01
N PHE B 92 35.25 -4.14 1.35
CA PHE B 92 36.51 -3.92 2.05
C PHE B 92 36.76 -2.44 2.34
N THR B 93 36.06 -1.53 1.66
CA THR B 93 36.16 -0.12 2.00
C THR B 93 35.41 0.19 3.29
N MET B 94 34.13 -0.22 3.36
CA MET B 94 33.37 -0.03 4.59
C MET B 94 34.03 -0.72 5.76
N LEU B 95 34.66 -1.87 5.52
CA LEU B 95 35.29 -2.62 6.60
C LEU B 95 36.40 -1.80 7.26
N ARG B 96 37.24 -1.15 6.46
CA ARG B 96 38.26 -0.28 7.00
C ARG B 96 37.69 0.99 7.61
N LYS B 97 36.41 1.30 7.35
CA LYS B 97 35.77 2.48 7.92
C LYS B 97 35.25 2.24 9.33
N LEU B 98 35.19 0.99 9.77
CA LEU B 98 34.72 0.68 11.12
C LEU B 98 35.73 1.15 12.16
N ASP B 99 35.23 1.71 13.25
CA ASP B 99 36.06 2.05 14.40
C ASP B 99 36.17 0.80 15.27
N ASN B 100 37.27 0.06 15.10
CA ASN B 100 37.34 -1.29 15.65
C ASN B 100 37.36 -1.30 17.17
N ASP B 101 37.92 -0.28 17.82
CA ASP B 101 38.02 -0.32 19.28
C ASP B 101 36.65 -0.33 19.93
N ALA B 102 35.79 0.63 19.58
CA ALA B 102 34.47 0.70 20.20
C ALA B 102 33.59 -0.47 19.77
N LEU B 103 33.70 -0.87 18.50
CA LEU B 103 32.92 -2.00 18.02
C LEU B 103 33.27 -3.27 18.78
N ASN B 104 34.57 -3.52 18.98
CA ASN B 104 34.99 -4.68 19.76
C ASN B 104 34.53 -4.55 21.21
N ASN B 105 34.62 -3.35 21.78
CA ASN B 105 34.18 -3.17 23.15
C ASN B 105 32.72 -3.54 23.33
N ILE B 106 31.86 -3.08 22.43
CA ILE B 106 30.44 -3.38 22.57
C ILE B 106 30.17 -4.85 22.26
N ILE B 107 30.85 -5.41 21.26
CA ILE B 107 30.61 -6.81 20.88
C ILE B 107 30.98 -7.74 22.03
N ASN B 108 32.12 -7.49 22.69
CA ASN B 108 32.55 -8.36 23.78
C ASN B 108 31.56 -8.34 24.92
N ASN B 109 31.05 -7.16 25.27
CA ASN B 109 30.10 -7.06 26.38
C ASN B 109 28.82 -7.85 26.11
N ALA B 110 28.52 -8.15 24.84
CA ALA B 110 27.34 -8.92 24.52
C ALA B 110 27.47 -10.35 25.05
N ARG B 111 26.34 -10.90 25.52
CA ARG B 111 26.35 -12.22 26.12
C ARG B 111 26.80 -13.27 25.11
N ASP B 112 26.30 -13.20 23.88
CA ASP B 112 26.62 -14.18 22.84
C ASP B 112 27.26 -13.54 21.62
N GLY B 113 27.86 -12.35 21.77
CA GLY B 113 28.47 -11.68 20.65
C GLY B 113 27.49 -11.19 19.60
N CYS B 114 26.20 -11.15 19.92
CA CYS B 114 25.16 -10.74 19.00
C CYS B 114 24.46 -9.51 19.58
N VAL B 115 24.39 -8.45 18.78
CA VAL B 115 23.78 -7.19 19.25
C VAL B 115 22.92 -6.62 18.15
N PRO B 116 21.89 -5.85 18.52
CA PRO B 116 21.05 -5.21 17.51
C PRO B 116 21.85 -4.25 16.65
N LEU B 117 21.46 -4.16 15.37
CA LEU B 117 22.16 -3.26 14.46
C LEU B 117 21.99 -1.80 14.87
N ASN B 118 20.79 -1.43 15.30
CA ASN B 118 20.45 -0.03 15.50
C ASN B 118 21.31 0.66 16.54
N ILE B 119 22.02 -0.09 17.39
CA ILE B 119 22.87 0.53 18.40
C ILE B 119 24.32 0.69 17.95
N ILE B 120 24.70 0.08 16.82
CA ILE B 120 26.08 0.22 16.35
C ILE B 120 26.41 1.68 16.02
N PRO B 121 25.57 2.41 15.28
CA PRO B 121 25.86 3.85 15.10
C PRO B 121 25.63 4.64 16.37
N LEU B 122 24.58 4.31 17.11
CA LEU B 122 24.19 5.09 18.28
C LEU B 122 25.23 5.04 19.38
N THR B 123 26.06 3.99 19.43
CA THR B 123 27.04 3.83 20.49
C THR B 123 28.48 3.82 19.98
N THR B 124 28.71 3.80 18.67
CA THR B 124 30.06 3.77 18.12
C THR B 124 30.36 4.85 17.10
N ALA B 125 29.34 5.42 16.46
CA ALA B 125 29.58 6.44 15.45
C ALA B 125 30.32 7.63 16.07
N ALA B 126 31.36 8.09 15.39
CA ALA B 126 32.16 9.21 15.85
C ALA B 126 31.71 10.55 15.28
N LYS B 127 30.68 10.55 14.42
CA LYS B 127 30.17 11.77 13.83
C LYS B 127 28.65 11.71 13.83
N LEU B 128 28.01 12.84 14.10
CA LEU B 128 26.57 12.95 14.14
C LEU B 128 26.10 14.00 13.16
N MET B 129 25.01 13.71 12.44
CA MET B 129 24.38 14.67 11.54
C MET B 129 22.95 14.89 12.02
N VAL B 130 22.60 16.15 12.28
CA VAL B 130 21.27 16.52 12.74
C VAL B 130 20.65 17.42 11.69
N VAL B 131 19.46 17.06 11.22
CA VAL B 131 18.72 17.82 10.22
C VAL B 131 17.60 18.55 10.94
N ILE B 132 17.66 19.88 10.94
CA ILE B 132 16.80 20.74 11.74
C ILE B 132 15.86 21.48 10.78
N PRO B 133 14.55 21.20 10.79
CA PRO B 133 13.63 21.90 9.88
C PRO B 133 13.42 23.38 10.23
N ASP B 134 13.07 23.68 11.47
CA ASP B 134 12.69 25.02 11.88
C ASP B 134 13.56 25.48 13.04
N TYR B 135 13.35 26.72 13.49
CA TYR B 135 14.20 27.29 14.53
C TYR B 135 13.85 26.76 15.91
N ASN B 136 12.58 26.44 16.17
CA ASN B 136 12.23 25.88 17.47
C ASN B 136 12.94 24.57 17.71
N THR B 137 13.04 23.73 16.67
CA THR B 137 13.79 22.49 16.80
C THR B 137 15.25 22.76 17.11
N TYR B 138 15.84 23.76 16.48
CA TYR B 138 17.23 24.11 16.77
C TYR B 138 17.39 24.53 18.22
N LYS B 139 16.48 25.37 18.72
CA LYS B 139 16.55 25.78 20.11
C LYS B 139 16.41 24.61 21.05
N ASN B 140 15.50 23.68 20.73
CA ASN B 140 15.27 22.53 21.62
C ASN B 140 16.46 21.59 21.65
N THR B 141 16.98 21.22 20.47
CA THR B 141 17.96 20.14 20.39
C THR B 141 19.41 20.62 20.39
N CYS B 142 19.79 21.39 19.37
CA CYS B 142 21.20 21.67 19.09
C CYS B 142 21.62 23.07 19.52
N ASP B 143 20.95 23.64 20.52
CA ASP B 143 21.31 24.99 20.95
C ASP B 143 22.73 25.00 21.50
N GLY B 144 23.49 26.02 21.12
CA GLY B 144 24.86 26.17 21.57
C GLY B 144 25.85 25.46 20.67
N THR B 145 27.11 25.52 21.08
CA THR B 145 28.21 24.88 20.37
C THR B 145 28.50 23.47 20.88
N THR B 146 27.72 22.98 21.83
CA THR B 146 27.88 21.63 22.36
C THR B 146 26.54 21.16 22.88
N PHE B 147 26.10 19.97 22.46
CA PHE B 147 24.81 19.45 22.87
C PHE B 147 24.95 18.01 23.30
N THR B 148 23.84 17.42 23.73
CA THR B 148 23.81 16.05 24.25
C THR B 148 22.79 15.24 23.48
N TYR B 149 23.19 14.04 23.06
CA TYR B 149 22.28 13.13 22.38
C TYR B 149 22.80 11.70 22.54
N ALA B 150 21.88 10.76 22.69
CA ALA B 150 22.21 9.35 22.84
C ALA B 150 23.20 9.13 23.98
N SER B 151 23.00 9.88 25.07
CA SER B 151 23.85 9.78 26.26
C SER B 151 25.30 10.10 25.94
N ALA B 152 25.52 10.98 24.97
CA ALA B 152 26.87 11.39 24.60
C ALA B 152 26.89 12.89 24.38
N LEU B 153 28.08 13.48 24.55
CA LEU B 153 28.28 14.91 24.37
C LEU B 153 28.91 15.14 23.00
N TRP B 154 28.21 15.88 22.14
CA TRP B 154 28.67 16.18 20.80
C TRP B 154 29.04 17.65 20.70
N GLU B 155 30.17 17.91 20.06
CA GLU B 155 30.65 19.27 19.81
C GLU B 155 30.41 19.62 18.35
N ILE B 156 29.63 20.68 18.12
CA ILE B 156 29.28 21.04 16.75
C ILE B 156 30.54 21.37 15.96
N GLN B 157 30.63 20.81 14.76
CA GLN B 157 31.78 21.01 13.88
C GLN B 157 31.47 21.89 12.69
N GLN B 158 30.31 21.73 12.06
CA GLN B 158 29.99 22.54 10.89
C GLN B 158 28.49 22.51 10.62
N VAL B 159 27.92 23.68 10.35
CA VAL B 159 26.50 23.81 10.04
C VAL B 159 26.38 24.33 8.61
N VAL B 160 25.63 23.60 7.78
CA VAL B 160 25.36 24.01 6.42
C VAL B 160 23.85 24.12 6.26
N ASP B 161 23.44 24.83 5.22
CA ASP B 161 22.02 25.01 4.92
C ASP B 161 21.62 24.06 3.79
N ALA B 162 20.35 24.14 3.40
CA ALA B 162 19.83 23.23 2.38
C ALA B 162 20.63 23.33 1.09
N ASP B 163 21.27 24.48 0.86
CA ASP B 163 22.11 24.67 -0.32
C ASP B 163 23.53 24.14 -0.11
N SER B 164 23.83 23.59 1.07
CA SER B 164 25.16 23.07 1.37
C SER B 164 26.18 24.20 1.39
N LYS B 165 25.85 25.27 2.11
CA LYS B 165 26.72 26.42 2.27
C LYS B 165 26.96 26.66 3.76
N ILE B 166 28.20 26.95 4.12
CA ILE B 166 28.57 27.08 5.53
C ILE B 166 27.75 28.18 6.17
N VAL B 167 27.19 27.89 7.35
CA VAL B 167 26.39 28.84 8.11
C VAL B 167 27.05 29.02 9.47
N GLN B 168 27.37 30.26 9.80
CA GLN B 168 27.97 30.56 11.10
C GLN B 168 26.93 30.45 12.21
N LEU B 169 27.38 29.98 13.37
CA LEU B 169 26.48 29.79 14.49
C LEU B 169 25.90 31.10 15.00
N SER B 170 26.49 32.24 14.67
CA SER B 170 25.93 33.54 15.03
C SER B 170 24.81 33.97 14.10
N GLU B 171 24.63 33.32 12.96
CA GLU B 171 23.59 33.65 12.02
C GLU B 171 22.30 32.87 12.26
N ILE B 172 22.29 31.94 13.22
CA ILE B 172 21.11 31.13 13.50
C ILE B 172 20.43 31.78 14.71
N SER B 173 19.50 32.67 14.43
CA SER B 173 18.73 33.34 15.47
C SER B 173 17.30 33.54 14.97
N MET B 174 16.40 33.78 15.93
CA MET B 174 14.99 33.92 15.57
C MET B 174 14.77 35.08 14.61
N ASP B 175 15.61 36.11 14.69
CA ASP B 175 15.49 37.25 13.79
C ASP B 175 15.98 36.90 12.38
N ASN B 176 17.06 36.13 12.28
CA ASN B 176 17.62 35.72 11.00
C ASN B 176 17.00 34.43 10.48
N SER B 177 16.09 33.82 11.25
CA SER B 177 15.48 32.57 10.83
C SER B 177 14.86 32.63 9.44
N PRO B 178 14.08 33.65 9.07
CA PRO B 178 13.52 33.68 7.72
C PRO B 178 14.55 33.86 6.62
N ASN B 179 15.76 34.31 6.96
CA ASN B 179 16.79 34.56 5.96
C ASN B 179 17.68 33.36 5.68
N LEU B 180 17.41 32.22 6.31
CA LEU B 180 18.21 31.02 6.16
C LEU B 180 17.48 30.00 5.30
N ALA B 181 18.25 29.18 4.60
CA ALA B 181 17.71 28.15 3.72
C ALA B 181 17.56 26.87 4.52
N TRP B 182 16.43 26.73 5.21
CA TRP B 182 16.17 25.55 5.99
C TRP B 182 15.90 24.35 5.08
N PRO B 183 16.11 23.13 5.57
CA PRO B 183 16.58 22.74 6.90
C PRO B 183 18.08 22.91 7.06
N LEU B 184 18.58 23.11 8.28
CA LEU B 184 20.01 23.20 8.51
C LEU B 184 20.55 21.83 8.92
N ILE B 185 21.67 21.45 8.33
CA ILE B 185 22.32 20.19 8.64
C ILE B 185 23.57 20.51 9.45
N VAL B 186 23.61 20.05 10.69
CA VAL B 186 24.72 20.30 11.59
C VAL B 186 25.46 18.99 11.82
N THR B 187 26.76 18.98 11.51
CA THR B 187 27.63 17.83 11.74
C THR B 187 28.46 18.13 12.96
N ALA B 188 28.43 17.21 13.92
CA ALA B 188 29.12 17.32 15.19
C ALA B 188 30.01 16.11 15.43
N LEU B 189 31.03 16.30 16.26
CA LEU B 189 32.04 15.28 16.54
C LEU B 189 31.93 14.85 17.99
N ARG B 190 31.87 13.54 18.22
CA ARG B 190 31.76 13.03 19.58
C ARG B 190 32.94 13.50 20.42
N ALA B 191 32.65 13.91 21.65
CA ALA B 191 33.68 14.40 22.56
C ALA B 191 34.23 13.26 23.42
N SER C 1 -11.33 32.00 -22.57
CA SER C 1 -10.27 30.96 -22.47
C SER C 1 -9.02 31.51 -21.81
N LYS C 2 -9.20 32.46 -20.89
CA LYS C 2 -8.10 33.08 -20.18
C LYS C 2 -7.73 32.36 -18.88
N MET C 3 -8.45 31.31 -18.52
CA MET C 3 -8.15 30.55 -17.31
C MET C 3 -7.27 29.35 -17.56
N SER C 4 -7.36 28.74 -18.73
CA SER C 4 -6.46 27.67 -19.12
C SER C 4 -5.20 28.18 -19.81
N ASP C 5 -5.15 29.46 -20.14
CA ASP C 5 -3.95 30.06 -20.68
C ASP C 5 -2.97 30.49 -19.62
N VAL C 6 -3.44 30.77 -18.40
CA VAL C 6 -2.52 31.13 -17.32
C VAL C 6 -1.91 29.90 -16.71
N LYS C 7 -2.60 28.76 -16.74
CA LYS C 7 -2.03 27.53 -16.20
C LYS C 7 -0.93 27.00 -17.11
N CYS C 8 -1.17 26.98 -18.42
CA CYS C 8 -0.12 26.58 -19.36
C CYS C 8 1.06 27.55 -19.29
N THR C 9 0.77 28.84 -19.19
CA THR C 9 1.85 29.81 -19.07
C THR C 9 2.63 29.62 -17.77
N SER C 10 1.95 29.26 -16.68
CA SER C 10 2.65 29.00 -15.44
C SER C 10 3.55 27.76 -15.56
N VAL C 11 3.07 26.72 -16.23
CA VAL C 11 3.89 25.53 -16.43
C VAL C 11 5.14 25.89 -17.24
N VAL C 12 4.96 26.66 -18.32
CA VAL C 12 6.10 27.05 -19.14
C VAL C 12 7.05 27.95 -18.36
N LEU C 13 6.50 28.81 -17.50
CA LEU C 13 7.33 29.74 -16.74
C LEU C 13 8.18 29.00 -15.71
N LEU C 14 7.59 28.02 -15.02
CA LEU C 14 8.40 27.25 -14.09
C LEU C 14 9.39 26.35 -14.81
N SER C 15 9.05 25.88 -16.01
CA SER C 15 10.04 25.15 -16.81
C SER C 15 11.21 26.05 -17.17
N VAL C 16 10.94 27.29 -17.54
CA VAL C 16 12.02 28.23 -17.86
C VAL C 16 12.86 28.52 -16.63
N LEU C 17 12.21 28.67 -15.48
CA LEU C 17 12.97 28.89 -14.25
C LEU C 17 13.86 27.70 -13.92
N GLN C 18 13.34 26.49 -14.09
CA GLN C 18 14.10 25.30 -13.73
C GLN C 18 15.38 25.19 -14.55
N GLN C 19 15.29 25.44 -15.86
CA GLN C 19 16.46 25.34 -16.72
C GLN C 19 17.36 26.56 -16.62
N LEU C 20 16.94 27.59 -15.91
CA LEU C 20 17.78 28.74 -15.60
C LEU C 20 18.56 28.54 -14.31
N ARG C 21 18.46 27.36 -13.70
CA ARG C 21 19.24 26.99 -12.53
C ARG C 21 18.78 27.76 -11.28
N VAL C 22 17.46 27.94 -11.17
CA VAL C 22 16.87 28.44 -9.94
C VAL C 22 16.72 27.34 -8.90
N GLU C 23 16.88 26.08 -9.31
CA GLU C 23 16.77 24.95 -8.40
C GLU C 23 17.93 24.87 -7.42
N SER C 24 18.99 25.66 -7.63
CA SER C 24 20.14 25.67 -6.73
C SER C 24 19.95 26.61 -5.54
N SER C 25 18.81 27.29 -5.46
CA SER C 25 18.44 28.10 -4.32
C SER C 25 17.19 27.46 -3.73
N SER C 26 17.35 26.76 -2.61
CA SER C 26 16.24 25.98 -2.07
C SER C 26 15.07 26.88 -1.70
N LYS C 27 15.34 28.02 -1.08
CA LYS C 27 14.27 28.91 -0.66
C LYS C 27 13.50 29.46 -1.85
N LEU C 28 14.22 29.99 -2.84
CA LEU C 28 13.56 30.55 -4.02
C LEU C 28 12.82 29.47 -4.79
N TRP C 29 13.42 28.29 -4.92
CA TRP C 29 12.75 27.21 -5.64
C TRP C 29 11.49 26.78 -4.90
N ALA C 30 11.53 26.75 -3.57
CA ALA C 30 10.33 26.39 -2.81
C ALA C 30 9.23 27.41 -3.04
N GLN C 31 9.58 28.70 -3.03
CA GLN C 31 8.58 29.73 -3.31
C GLN C 31 7.98 29.57 -4.70
N CYS C 32 8.83 29.32 -5.69
CA CYS C 32 8.34 29.14 -7.06
C CYS C 32 7.43 27.94 -7.17
N VAL C 33 7.79 26.83 -6.52
CA VAL C 33 6.96 25.64 -6.55
C VAL C 33 5.61 25.92 -5.91
N GLN C 34 5.62 26.63 -4.77
CA GLN C 34 4.35 26.98 -4.13
C GLN C 34 3.47 27.78 -5.07
N LEU C 35 4.03 28.81 -5.71
CA LEU C 35 3.24 29.64 -6.61
C LEU C 35 2.71 28.83 -7.78
N HIS C 36 3.55 27.97 -8.37
CA HIS C 36 3.14 27.18 -9.52
C HIS C 36 2.01 26.23 -9.15
N ASN C 37 2.17 25.49 -8.05
CA ASN C 37 1.14 24.55 -7.64
C ASN C 37 -0.15 25.26 -7.27
N ASP C 38 -0.06 26.44 -6.65
CA ASP C 38 -1.27 27.18 -6.33
C ASP C 38 -1.98 27.66 -7.59
N ILE C 39 -1.23 28.09 -8.60
CA ILE C 39 -1.85 28.51 -9.85
C ILE C 39 -2.54 27.33 -10.53
N LEU C 40 -1.89 26.16 -10.53
CA LEU C 40 -2.44 25.03 -11.29
C LEU C 40 -3.82 24.64 -10.79
N LEU C 41 -3.99 24.54 -9.48
CA LEU C 41 -5.27 24.12 -8.89
C LEU C 41 -6.07 25.29 -8.36
N ALA C 42 -5.96 26.45 -9.00
CA ALA C 42 -6.77 27.61 -8.66
C ALA C 42 -8.10 27.55 -9.42
N LYS C 43 -9.07 28.32 -8.92
CA LYS C 43 -10.39 28.37 -9.52
C LYS C 43 -10.81 29.77 -9.94
N ASP C 44 -10.23 30.82 -9.37
CA ASP C 44 -10.52 32.20 -9.72
C ASP C 44 -9.39 32.74 -10.59
N THR C 45 -9.75 33.36 -11.72
CA THR C 45 -8.73 33.86 -12.63
C THR C 45 -7.94 35.00 -12.01
N THR C 46 -8.58 35.84 -11.19
CA THR C 46 -7.89 36.96 -10.58
C THR C 46 -6.79 36.51 -9.62
N GLU C 47 -7.01 35.43 -8.87
CA GLU C 47 -5.98 34.92 -7.98
C GLU C 47 -4.81 34.34 -8.77
N ALA C 48 -5.11 33.56 -9.81
CA ALA C 48 -4.06 33.04 -10.67
C ALA C 48 -3.27 34.16 -11.33
N PHE C 49 -3.89 35.29 -11.63
CA PHE C 49 -3.21 36.39 -12.28
C PHE C 49 -2.37 37.23 -11.31
N GLU C 50 -2.56 37.07 -10.00
CA GLU C 50 -1.65 37.66 -9.03
C GLU C 50 -0.49 36.72 -8.73
N LYS C 51 -0.77 35.42 -8.61
CA LYS C 51 0.32 34.46 -8.44
C LYS C 51 1.23 34.44 -9.67
N MET C 52 0.65 34.62 -10.86
CA MET C 52 1.45 34.70 -12.07
C MET C 52 2.35 35.93 -12.06
N VAL C 53 1.84 37.05 -11.57
CA VAL C 53 2.67 38.24 -11.47
C VAL C 53 3.83 37.99 -10.52
N SER C 54 3.57 37.31 -9.40
CA SER C 54 4.64 37.00 -8.47
C SER C 54 5.69 36.10 -9.12
N LEU C 55 5.25 35.05 -9.84
CA LEU C 55 6.19 34.13 -10.47
C LEU C 55 7.01 34.82 -11.56
N LEU C 56 6.35 35.64 -12.38
CA LEU C 56 7.07 36.36 -13.42
C LEU C 56 8.02 37.39 -12.82
N SER C 57 7.70 37.95 -11.65
CA SER C 57 8.65 38.79 -10.95
C SER C 57 9.86 37.99 -10.52
N VAL C 58 9.66 36.76 -10.05
CA VAL C 58 10.79 35.90 -9.72
C VAL C 58 11.68 35.75 -10.95
N LEU C 59 11.10 35.46 -12.10
CA LEU C 59 11.91 35.28 -13.29
C LEU C 59 12.62 36.56 -13.69
N LEU C 60 11.92 37.69 -13.64
CA LEU C 60 12.51 38.96 -14.07
C LEU C 60 13.60 39.44 -13.11
N SER C 61 13.62 38.95 -11.87
CA SER C 61 14.67 39.33 -10.94
C SER C 61 16.05 38.94 -11.46
N MET C 62 16.14 37.86 -12.24
CA MET C 62 17.41 37.38 -12.78
C MET C 62 17.64 38.08 -14.12
N GLN C 63 18.10 39.33 -14.04
CA GLN C 63 18.27 40.14 -15.24
C GLN C 63 19.35 39.56 -16.16
N GLY C 64 20.46 39.09 -15.59
CA GLY C 64 21.54 38.57 -16.41
C GLY C 64 21.15 37.32 -17.17
N ALA C 65 20.30 36.47 -16.59
CA ALA C 65 19.99 35.19 -17.21
C ALA C 65 19.37 35.39 -18.60
N VAL C 66 18.23 36.06 -18.67
CA VAL C 66 17.52 36.26 -19.92
C VAL C 66 17.70 37.70 -20.38
N ASP C 67 17.48 37.91 -21.67
CA ASP C 67 17.55 39.24 -22.29
C ASP C 67 16.13 39.61 -22.71
N ILE C 68 15.45 40.40 -21.88
CA ILE C 68 14.05 40.73 -22.15
C ILE C 68 13.92 41.55 -23.42
N ASN C 69 14.93 42.37 -23.74
CA ASN C 69 14.82 43.23 -24.93
C ASN C 69 14.68 42.40 -26.20
N LYS C 70 15.49 41.34 -26.34
CA LYS C 70 15.41 40.52 -27.54
C LYS C 70 14.15 39.67 -27.55
N LEU C 71 13.83 39.03 -26.42
CA LEU C 71 12.67 38.14 -26.38
C LEU C 71 11.37 38.91 -26.61
N CYS C 72 11.26 40.10 -26.02
CA CYS C 72 10.08 40.94 -26.18
C CYS C 72 10.19 41.89 -27.38
N GLU C 73 10.91 41.49 -28.41
CA GLU C 73 11.06 42.30 -29.61
C GLU C 73 9.69 42.65 -30.20
N PHE D 6 5.45 -2.86 -59.71
CA PHE D 6 6.87 -3.18 -59.75
C PHE D 6 7.34 -3.39 -61.18
N SER D 7 6.77 -2.61 -62.11
CA SER D 7 7.14 -2.72 -63.51
C SER D 7 8.55 -2.17 -63.72
N SER D 8 9.01 -2.21 -64.97
CA SER D 8 10.32 -1.75 -65.42
C SER D 8 11.42 -2.75 -65.07
N LEU D 9 11.13 -3.80 -64.30
CA LEU D 9 12.16 -4.79 -64.00
C LEU D 9 12.45 -5.63 -65.25
N PRO D 10 13.66 -6.18 -65.34
CA PRO D 10 13.98 -7.05 -66.49
C PRO D 10 13.09 -8.27 -66.58
N SER D 11 12.53 -8.73 -65.45
CA SER D 11 11.66 -9.90 -65.46
C SER D 11 10.24 -9.52 -65.89
N TYR D 12 9.64 -8.57 -65.19
CA TYR D 12 8.26 -8.17 -65.48
C TYR D 12 8.05 -7.99 -66.97
N ALA D 13 8.82 -7.10 -67.59
CA ALA D 13 8.65 -6.84 -69.02
C ALA D 13 8.68 -8.14 -69.81
N ALA D 14 9.70 -8.98 -69.57
CA ALA D 14 9.75 -10.27 -70.24
C ALA D 14 8.46 -11.05 -70.02
N PHE D 15 8.05 -11.19 -68.75
CA PHE D 15 6.79 -11.85 -68.45
C PHE D 15 5.66 -11.23 -69.27
N ALA D 16 5.60 -9.90 -69.30
CA ALA D 16 4.55 -9.23 -70.06
C ALA D 16 4.55 -9.72 -71.50
N THR D 17 5.73 -9.73 -72.14
CA THR D 17 5.81 -10.23 -73.51
C THR D 17 5.32 -11.66 -73.58
N ALA D 18 5.73 -12.50 -72.64
CA ALA D 18 5.24 -13.87 -72.61
C ALA D 18 3.72 -13.89 -72.56
N GLN D 19 3.12 -13.03 -71.74
CA GLN D 19 1.66 -12.97 -71.69
C GLN D 19 1.10 -12.65 -73.07
N GLU D 20 1.71 -11.69 -73.77
CA GLU D 20 1.28 -11.41 -75.14
C GLU D 20 1.44 -12.64 -76.01
N ALA D 21 2.56 -13.34 -75.87
CA ALA D 21 2.75 -14.59 -76.61
C ALA D 21 1.64 -15.59 -76.30
N TYR D 22 1.11 -15.56 -75.07
CA TYR D 22 0.00 -16.45 -74.74
C TYR D 22 -1.30 -15.96 -75.36
N GLU D 23 -1.46 -14.64 -75.51
CA GLU D 23 -2.69 -14.11 -76.10
C GLU D 23 -2.82 -14.53 -77.56
N GLN D 24 -1.72 -14.52 -78.30
CA GLN D 24 -1.77 -14.90 -79.70
C GLN D 24 -2.06 -16.39 -79.86
N ALA D 25 -1.34 -17.24 -79.12
CA ALA D 25 -1.46 -18.68 -79.31
C ALA D 25 -2.90 -19.15 -79.08
N VAL D 26 -3.53 -18.66 -78.02
CA VAL D 26 -4.91 -19.06 -77.75
C VAL D 26 -5.81 -18.64 -78.90
N ALA D 27 -5.54 -17.48 -79.50
CA ALA D 27 -6.29 -17.07 -80.68
C ALA D 27 -5.87 -17.86 -81.92
N ASN D 28 -4.62 -18.30 -81.96
CA ASN D 28 -4.12 -19.04 -83.11
C ASN D 28 -4.64 -20.47 -83.13
N GLY D 29 -4.91 -21.06 -81.97
CA GLY D 29 -5.36 -22.44 -81.91
C GLY D 29 -4.31 -23.40 -82.45
N ASP D 30 -3.06 -23.22 -82.03
CA ASP D 30 -1.96 -24.04 -82.52
C ASP D 30 -1.96 -25.39 -81.79
N SER D 31 -0.89 -26.16 -81.99
CA SER D 31 -0.81 -27.49 -81.39
C SER D 31 -0.77 -27.41 -79.88
N GLU D 32 -1.23 -28.48 -79.24
CA GLU D 32 -1.29 -28.51 -77.77
C GLU D 32 0.11 -28.44 -77.17
N VAL D 33 1.08 -29.10 -77.79
CA VAL D 33 2.44 -29.12 -77.24
C VAL D 33 3.00 -27.70 -77.15
N VAL D 34 2.82 -26.92 -78.22
CA VAL D 34 3.33 -25.55 -78.22
C VAL D 34 2.57 -24.70 -77.21
N LEU D 35 1.26 -24.93 -77.08
CA LEU D 35 0.47 -24.17 -76.11
C LEU D 35 0.96 -24.42 -74.69
N LYS D 36 1.21 -25.68 -74.34
CA LYS D 36 1.72 -25.98 -73.01
C LYS D 36 3.15 -25.48 -72.82
N LYS D 37 3.96 -25.50 -73.88
CA LYS D 37 5.29 -24.92 -73.80
C LYS D 37 5.21 -23.44 -73.45
N LEU D 38 4.33 -22.71 -74.15
CA LEU D 38 4.17 -21.29 -73.88
C LEU D 38 3.63 -21.05 -72.47
N LYS D 39 2.69 -21.89 -72.03
CA LYS D 39 2.18 -21.77 -70.67
C LYS D 39 3.29 -21.97 -69.64
N LYS D 40 4.14 -22.97 -69.86
CA LYS D 40 5.26 -23.22 -68.95
C LYS D 40 6.23 -22.05 -68.93
N SER D 41 6.54 -21.49 -70.11
CA SER D 41 7.42 -20.33 -70.17
C SER D 41 6.82 -19.15 -69.43
N LEU D 42 5.51 -18.92 -69.60
CA LEU D 42 4.86 -17.83 -68.90
C LEU D 42 4.90 -18.04 -67.40
N ASN D 43 4.67 -19.27 -66.94
CA ASN D 43 4.70 -19.55 -65.50
C ASN D 43 6.08 -19.31 -64.93
N VAL D 44 7.13 -19.78 -65.60
CA VAL D 44 8.48 -19.58 -65.07
C VAL D 44 8.85 -18.10 -65.07
N ALA D 45 8.45 -17.37 -66.13
CA ALA D 45 8.72 -15.93 -66.16
C ALA D 45 7.99 -15.23 -65.02
N LYS D 46 6.74 -15.62 -64.76
CA LYS D 46 5.99 -15.01 -63.68
C LYS D 46 6.65 -15.29 -62.34
N SER D 47 7.14 -16.51 -62.16
CA SER D 47 7.83 -16.85 -60.91
C SER D 47 9.09 -16.00 -60.73
N GLU D 48 9.88 -15.85 -61.81
CA GLU D 48 11.07 -15.01 -61.73
C GLU D 48 10.72 -13.56 -61.39
N PHE D 49 9.69 -13.03 -62.06
CA PHE D 49 9.26 -11.66 -61.77
C PHE D 49 8.80 -11.52 -60.34
N ASP D 50 8.06 -12.50 -59.83
CA ASP D 50 7.60 -12.45 -58.45
C ASP D 50 8.77 -12.46 -57.48
N ARG D 51 9.77 -13.31 -57.73
CA ARG D 51 10.96 -13.31 -56.89
C ARG D 51 11.63 -11.94 -56.87
N ASP D 52 11.87 -11.38 -58.06
CA ASP D 52 12.55 -10.09 -58.12
C ASP D 52 11.73 -8.99 -57.45
N ALA D 53 10.41 -8.99 -57.67
CA ALA D 53 9.56 -7.98 -57.07
C ALA D 53 9.56 -8.09 -55.55
N ALA D 54 9.51 -9.31 -55.02
CA ALA D 54 9.56 -9.48 -53.58
C ALA D 54 10.87 -8.98 -53.01
N MET D 55 11.99 -9.30 -53.66
CA MET D 55 13.28 -8.82 -53.18
C MET D 55 13.34 -7.30 -53.22
N GLN D 56 12.87 -6.69 -54.30
CA GLN D 56 12.88 -5.23 -54.41
C GLN D 56 12.02 -4.60 -53.33
N ARG D 57 10.84 -5.17 -53.07
CA ARG D 57 9.97 -4.62 -52.04
C ARG D 57 10.60 -4.74 -50.67
N LYS D 58 11.29 -5.85 -50.40
CA LYS D 58 11.99 -5.99 -49.13
C LYS D 58 13.06 -4.92 -48.98
N LEU D 59 13.85 -4.69 -50.04
CA LEU D 59 14.88 -3.68 -49.98
C LEU D 59 14.28 -2.29 -49.76
N GLU D 60 13.18 -2.00 -50.44
CA GLU D 60 12.53 -0.69 -50.27
C GLU D 60 12.00 -0.53 -48.85
N LYS D 61 11.45 -1.61 -48.28
CA LYS D 61 10.99 -1.56 -46.89
C LYS D 61 12.14 -1.23 -45.95
N MET D 62 13.28 -1.90 -46.13
CA MET D 62 14.43 -1.62 -45.27
C MET D 62 14.90 -0.18 -45.44
N ALA D 63 14.94 0.30 -46.68
CA ALA D 63 15.36 1.68 -46.93
C ALA D 63 14.44 2.68 -46.24
N ASP D 64 13.13 2.46 -46.34
CA ASP D 64 12.18 3.37 -45.70
C ASP D 64 12.32 3.34 -44.18
N GLN D 65 12.52 2.15 -43.61
CA GLN D 65 12.73 2.08 -42.16
C GLN D 65 13.96 2.87 -41.75
N ALA D 66 15.06 2.70 -42.48
CA ALA D 66 16.27 3.45 -42.16
C ALA D 66 16.03 4.94 -42.29
N MET D 67 15.31 5.37 -43.32
CA MET D 67 15.06 6.79 -43.54
C MET D 67 14.25 7.38 -42.39
N THR D 68 13.20 6.68 -41.95
CA THR D 68 12.39 7.19 -40.85
C THR D 68 13.21 7.23 -39.56
N GLN D 69 14.04 6.22 -39.32
CA GLN D 69 14.88 6.24 -38.12
C GLN D 69 15.84 7.41 -38.14
N MET D 70 16.43 7.70 -39.30
CA MET D 70 17.35 8.83 -39.41
C MET D 70 16.62 10.15 -39.19
N TYR D 71 15.40 10.27 -39.72
CA TYR D 71 14.61 11.48 -39.47
C TYR D 71 14.33 11.67 -37.99
N LYS D 72 13.94 10.58 -37.31
CA LYS D 72 13.70 10.65 -35.87
C LYS D 72 14.95 11.11 -35.13
N GLN D 73 16.10 10.51 -35.47
CA GLN D 73 17.33 10.89 -34.81
C GLN D 73 17.68 12.35 -35.05
N ALA D 74 17.49 12.82 -36.29
CA ALA D 74 17.82 14.21 -36.60
C ALA D 74 16.94 15.17 -35.80
N ARG D 75 15.64 14.89 -35.71
CA ARG D 75 14.76 15.85 -35.04
C ARG D 75 14.85 15.78 -33.52
N SER D 76 15.19 14.63 -32.96
CA SER D 76 15.34 14.57 -31.50
C SER D 76 16.45 15.49 -31.02
N GLU D 77 17.57 15.52 -31.74
CA GLU D 77 18.68 16.39 -31.36
C GLU D 77 18.30 17.85 -31.49
N ASP D 78 17.55 18.21 -32.54
CA ASP D 78 17.09 19.58 -32.67
C ASP D 78 16.12 19.97 -31.56
N LYS D 79 15.33 19.02 -31.05
CA LYS D 79 14.47 19.32 -29.91
C LYS D 79 15.29 19.50 -28.64
N ARG D 80 16.28 18.65 -28.40
CA ARG D 80 17.04 18.71 -27.16
C ARG D 80 18.12 19.78 -27.14
N ALA D 81 18.49 20.33 -28.30
CA ALA D 81 19.57 21.31 -28.37
C ALA D 81 19.09 22.74 -28.31
N LYS D 82 17.84 23.01 -28.68
CA LYS D 82 17.26 24.35 -28.65
C LYS D 82 16.17 24.46 -27.59
N VAL D 83 16.28 23.69 -26.51
CA VAL D 83 15.26 23.71 -25.47
C VAL D 83 15.24 25.06 -24.78
N THR D 84 16.41 25.62 -24.49
CA THR D 84 16.47 26.86 -23.71
C THR D 84 15.87 28.02 -24.49
N SER D 85 16.29 28.22 -25.73
CA SER D 85 15.77 29.34 -26.51
C SER D 85 14.30 29.15 -26.85
N ALA D 86 13.93 27.93 -27.26
CA ALA D 86 12.55 27.68 -27.66
C ALA D 86 11.60 27.87 -26.48
N MET D 87 11.99 27.41 -25.30
CA MET D 87 11.11 27.53 -24.14
C MET D 87 10.90 29.00 -23.77
N GLN D 88 11.96 29.81 -23.80
CA GLN D 88 11.81 31.23 -23.48
C GLN D 88 10.97 31.95 -24.53
N THR D 89 11.17 31.62 -25.80
CA THR D 89 10.36 32.22 -26.84
C THR D 89 8.90 31.85 -26.67
N MET D 90 8.61 30.59 -26.35
CA MET D 90 7.24 30.16 -26.08
C MET D 90 6.67 30.90 -24.89
N LEU D 91 7.47 31.04 -23.82
CA LEU D 91 6.99 31.73 -22.63
C LEU D 91 6.55 33.14 -22.97
N PHE D 92 7.39 33.88 -23.70
CA PHE D 92 7.04 35.26 -23.97
C PHE D 92 5.94 35.38 -25.02
N THR D 93 5.83 34.41 -25.93
CA THR D 93 4.67 34.38 -26.82
C THR D 93 3.38 34.24 -26.02
N MET D 94 3.36 33.32 -25.07
CA MET D 94 2.16 33.10 -24.26
C MET D 94 1.86 34.33 -23.42
N LEU D 95 2.89 34.95 -22.85
CA LEU D 95 2.67 36.17 -22.06
C LEU D 95 2.14 37.31 -22.92
N ARG D 96 2.61 37.40 -24.17
CA ARG D 96 2.04 38.38 -25.09
C ARG D 96 0.56 38.08 -25.37
N LYS D 97 0.24 36.79 -25.54
CA LYS D 97 -1.14 36.41 -25.81
C LYS D 97 -2.05 36.72 -24.62
N LEU D 98 -1.57 36.53 -23.39
CA LEU D 98 -2.42 36.74 -22.22
C LEU D 98 -2.93 38.16 -22.15
N ASP D 99 -2.06 39.14 -22.42
CA ASP D 99 -2.45 40.55 -22.45
C ASP D 99 -3.07 40.98 -21.13
N ASN D 100 -2.33 40.79 -20.05
CA ASN D 100 -2.74 41.26 -18.73
C ASN D 100 -2.04 42.57 -18.42
N ASP D 101 -2.77 43.48 -17.77
CA ASP D 101 -2.20 44.79 -17.47
C ASP D 101 -1.00 44.68 -16.54
N ALA D 102 -1.09 43.86 -15.50
CA ALA D 102 0.02 43.74 -14.55
C ALA D 102 1.23 43.07 -15.21
N LEU D 103 1.00 41.95 -15.89
CA LEU D 103 2.10 41.24 -16.52
C LEU D 103 2.77 42.11 -17.56
N ASN D 104 1.98 42.76 -18.42
CA ASN D 104 2.55 43.62 -19.45
C ASN D 104 3.29 44.80 -18.84
N ASN D 105 2.74 45.37 -17.77
CA ASN D 105 3.40 46.51 -17.13
C ASN D 105 4.77 46.12 -16.59
N ILE D 106 4.84 44.99 -15.86
CA ILE D 106 6.12 44.60 -15.30
C ILE D 106 7.09 44.20 -16.40
N ILE D 107 6.59 43.57 -17.46
CA ILE D 107 7.47 43.18 -18.57
C ILE D 107 8.05 44.42 -19.25
N ASN D 108 7.21 45.43 -19.48
CA ASN D 108 7.71 46.66 -20.10
C ASN D 108 8.71 47.37 -19.18
N ASN D 109 8.43 47.42 -17.88
CA ASN D 109 9.38 48.02 -16.95
C ASN D 109 10.71 47.30 -16.98
N ALA D 110 10.68 45.96 -16.95
CA ALA D 110 11.92 45.20 -17.04
C ALA D 110 12.63 45.47 -18.36
N ARG D 111 11.86 45.70 -19.42
CA ARG D 111 12.46 46.05 -20.70
C ARG D 111 13.20 47.39 -20.60
N ASP D 112 12.64 48.34 -19.86
CA ASP D 112 13.28 49.62 -19.66
C ASP D 112 14.36 49.57 -18.58
N GLY D 113 14.52 48.45 -17.89
CA GLY D 113 15.54 48.30 -16.87
C GLY D 113 15.05 48.43 -15.44
N CYS D 114 13.76 48.68 -15.23
CA CYS D 114 13.20 48.81 -13.88
C CYS D 114 12.80 47.44 -13.34
N VAL D 115 13.81 46.58 -13.20
CA VAL D 115 13.60 45.21 -12.73
C VAL D 115 13.39 45.23 -11.23
N PRO D 116 12.78 44.20 -10.65
CA PRO D 116 12.66 44.12 -9.19
C PRO D 116 13.93 43.53 -8.58
N LEU D 117 13.90 43.41 -7.25
CA LEU D 117 14.98 42.75 -6.51
C LEU D 117 14.52 41.53 -5.74
N ASN D 118 13.23 41.43 -5.39
CA ASN D 118 12.69 40.27 -4.71
C ASN D 118 11.35 39.92 -5.36
N ILE D 119 10.69 38.92 -4.79
CA ILE D 119 9.40 38.49 -5.32
C ILE D 119 8.36 39.55 -5.00
N ILE D 120 7.53 39.88 -5.98
CA ILE D 120 6.47 40.88 -5.79
C ILE D 120 5.47 40.33 -4.77
N PRO D 121 5.22 41.04 -3.66
CA PRO D 121 4.33 40.48 -2.63
C PRO D 121 2.87 40.48 -3.05
N LEU D 122 2.12 39.57 -2.45
CA LEU D 122 0.68 39.50 -2.64
C LEU D 122 -0.11 39.87 -1.40
N THR D 123 0.52 39.93 -0.23
CA THR D 123 -0.18 40.24 1.00
C THR D 123 -0.76 41.66 0.94
N THR D 124 -1.54 41.99 1.97
CA THR D 124 -2.14 43.33 2.03
C THR D 124 -1.06 44.40 2.11
N ALA D 125 0.02 44.14 2.83
CA ALA D 125 1.13 45.07 2.95
C ALA D 125 2.42 44.27 3.10
N ALA D 126 3.38 44.54 2.22
CA ALA D 126 4.68 43.87 2.27
C ALA D 126 5.68 44.69 1.49
N LYS D 127 6.96 44.36 1.69
CA LYS D 127 8.05 45.15 1.13
C LYS D 127 8.34 44.73 -0.31
N LEU D 128 8.69 45.71 -1.14
CA LEU D 128 9.10 45.49 -2.52
C LEU D 128 10.24 46.44 -2.84
N MET D 129 11.37 45.88 -3.29
CA MET D 129 12.54 46.66 -3.69
C MET D 129 12.69 46.57 -5.20
N VAL D 130 12.81 47.73 -5.84
CA VAL D 130 12.82 47.80 -7.31
C VAL D 130 13.91 48.76 -7.76
N VAL D 131 14.55 48.45 -8.88
CA VAL D 131 15.60 49.28 -9.43
C VAL D 131 14.98 50.38 -10.30
N ILE D 132 15.61 51.55 -10.28
CA ILE D 132 15.21 52.67 -11.14
C ILE D 132 16.46 53.14 -11.88
N PRO D 133 16.71 52.66 -13.10
CA PRO D 133 17.96 53.00 -13.77
C PRO D 133 18.13 54.48 -14.07
N ASP D 134 17.05 55.19 -14.39
CA ASP D 134 17.18 56.56 -14.88
C ASP D 134 15.96 57.37 -14.45
N TYR D 135 16.11 58.69 -14.51
CA TYR D 135 15.04 59.58 -14.05
C TYR D 135 13.80 59.46 -14.91
N ASN D 136 13.95 59.09 -16.18
CA ASN D 136 12.78 58.95 -17.05
C ASN D 136 11.82 57.90 -16.49
N THR D 137 12.36 56.74 -16.10
CA THR D 137 11.53 55.71 -15.50
C THR D 137 10.94 56.18 -14.17
N TYR D 138 11.72 56.96 -13.41
CA TYR D 138 11.23 57.46 -12.13
C TYR D 138 10.01 58.35 -12.32
N LYS D 139 10.07 59.26 -13.29
CA LYS D 139 8.93 60.13 -13.53
C LYS D 139 7.77 59.37 -14.15
N ASN D 140 8.05 58.36 -14.98
CA ASN D 140 6.97 57.55 -15.53
C ASN D 140 6.22 56.80 -14.43
N THR D 141 6.94 56.28 -13.44
CA THR D 141 6.34 55.49 -12.37
C THR D 141 6.17 56.29 -11.09
N CYS D 142 7.27 56.81 -10.54
CA CYS D 142 7.26 57.43 -9.22
C CYS D 142 6.74 58.86 -9.32
N ASP D 143 5.63 59.12 -8.63
CA ASP D 143 5.10 60.47 -8.46
C ASP D 143 4.82 60.69 -6.99
N GLY D 144 5.39 61.74 -6.42
CA GLY D 144 5.24 61.96 -4.99
C GLY D 144 5.74 60.77 -4.21
N THR D 145 4.91 60.28 -3.30
CA THR D 145 5.24 59.11 -2.49
C THR D 145 4.61 57.83 -3.03
N THR D 146 3.91 57.90 -4.16
CA THR D 146 3.26 56.73 -4.74
C THR D 146 4.08 56.22 -5.92
N PHE D 147 4.02 54.91 -6.13
CA PHE D 147 4.81 54.23 -7.13
C PHE D 147 3.92 53.22 -7.83
N THR D 148 3.87 53.27 -9.16
CA THR D 148 2.96 52.44 -9.96
C THR D 148 3.74 51.28 -10.53
N TYR D 149 3.42 50.07 -10.07
CA TYR D 149 4.10 48.88 -10.54
C TYR D 149 3.16 47.69 -10.42
N ALA D 150 3.13 46.85 -11.45
CA ALA D 150 2.25 45.69 -11.48
C ALA D 150 0.79 46.09 -11.31
N SER D 151 0.41 47.22 -11.90
CA SER D 151 -0.96 47.73 -11.84
C SER D 151 -1.43 47.84 -10.39
N ALA D 152 -0.55 48.35 -9.53
CA ALA D 152 -0.88 48.57 -8.13
C ALA D 152 -0.12 49.80 -7.64
N LEU D 153 -0.59 50.37 -6.54
CA LEU D 153 0.02 51.55 -5.94
C LEU D 153 0.83 51.14 -4.73
N TRP D 154 2.09 51.57 -4.67
CA TRP D 154 3.00 51.25 -3.58
C TRP D 154 3.46 52.55 -2.93
N GLU D 155 3.42 52.60 -1.61
CA GLU D 155 3.92 53.76 -0.88
C GLU D 155 5.43 53.66 -0.76
N ILE D 156 6.13 54.65 -1.33
CA ILE D 156 7.59 54.67 -1.21
C ILE D 156 7.97 54.87 0.24
N GLN D 157 8.96 54.10 0.71
CA GLN D 157 9.43 54.22 2.07
C GLN D 157 10.94 54.38 2.19
N GLN D 158 11.68 54.29 1.08
CA GLN D 158 13.11 54.54 1.09
C GLN D 158 13.61 54.55 -0.34
N VAL D 159 14.61 55.38 -0.60
CA VAL D 159 15.23 55.50 -1.92
C VAL D 159 16.74 55.46 -1.70
N VAL D 160 17.33 54.28 -1.83
CA VAL D 160 18.76 54.11 -1.63
C VAL D 160 19.51 54.56 -2.87
N ASP D 161 20.59 55.31 -2.66
CA ASP D 161 21.42 55.78 -3.76
C ASP D 161 22.29 54.63 -4.29
N ALA D 162 22.95 54.90 -5.42
CA ALA D 162 23.84 53.90 -6.00
C ALA D 162 24.97 53.53 -5.05
N ASP D 163 25.31 54.41 -4.10
CA ASP D 163 26.39 54.17 -3.15
C ASP D 163 25.88 53.66 -1.80
N SER D 164 24.67 53.11 -1.76
CA SER D 164 24.02 52.66 -0.53
C SER D 164 23.70 53.82 0.41
N LYS D 165 23.66 55.04 -0.11
CA LYS D 165 23.31 56.22 0.68
C LYS D 165 21.85 56.57 0.46
N ILE D 166 21.18 57.01 1.51
CA ILE D 166 19.76 57.31 1.43
C ILE D 166 19.55 58.59 0.62
N VAL D 167 18.40 58.69 -0.04
CA VAL D 167 18.05 59.83 -0.87
C VAL D 167 16.68 60.33 -0.47
N GLN D 168 16.56 61.64 -0.29
CA GLN D 168 15.26 62.26 0.01
C GLN D 168 14.45 62.38 -1.27
N LEU D 169 13.13 62.18 -1.14
CA LEU D 169 12.26 62.21 -2.31
C LEU D 169 12.28 63.56 -3.02
N SER D 170 12.71 64.62 -2.32
CA SER D 170 12.80 65.95 -2.92
C SER D 170 14.12 66.18 -3.65
N GLU D 171 15.10 65.29 -3.49
CA GLU D 171 16.36 65.42 -4.21
C GLU D 171 16.26 64.96 -5.66
N ILE D 172 15.23 64.19 -5.99
CA ILE D 172 15.12 63.56 -7.31
C ILE D 172 14.36 64.49 -8.24
N SER D 173 15.02 64.91 -9.32
CA SER D 173 14.40 65.77 -10.32
C SER D 173 15.33 65.94 -11.51
N MET D 174 14.78 66.20 -12.69
CA MET D 174 15.62 66.39 -13.87
C MET D 174 16.60 67.54 -13.68
N ASP D 175 16.21 68.54 -12.89
CA ASP D 175 17.14 69.63 -12.57
C ASP D 175 18.34 69.11 -11.80
N ASN D 176 18.10 68.21 -10.84
CA ASN D 176 19.17 67.67 -10.01
C ASN D 176 19.53 66.24 -10.37
N SER D 177 18.84 65.62 -11.34
CA SER D 177 19.10 64.23 -11.67
C SER D 177 20.56 63.97 -12.05
N PRO D 178 21.21 64.79 -12.88
CA PRO D 178 22.62 64.49 -13.22
C PRO D 178 23.53 64.42 -12.02
N ASN D 179 23.24 65.22 -10.98
CA ASN D 179 24.09 65.20 -9.79
C ASN D 179 24.05 63.83 -9.10
N LEU D 180 22.87 63.23 -9.03
CA LEU D 180 22.70 61.99 -8.29
C LEU D 180 23.40 60.83 -9.01
N ALA D 181 23.50 59.70 -8.31
CA ALA D 181 24.17 58.50 -8.82
C ALA D 181 23.13 57.39 -8.98
N TRP D 182 22.73 57.15 -10.22
CA TRP D 182 21.81 56.08 -10.57
C TRP D 182 22.56 54.77 -10.73
N PRO D 183 21.88 53.62 -10.62
CA PRO D 183 20.44 53.42 -10.41
C PRO D 183 19.99 53.69 -8.98
N LEU D 184 18.70 53.91 -8.76
CA LEU D 184 18.16 54.18 -7.42
C LEU D 184 17.31 52.97 -7.01
N ILE D 185 17.62 52.38 -5.86
CA ILE D 185 16.79 51.30 -5.36
C ILE D 185 15.66 51.90 -4.52
N VAL D 186 14.43 51.67 -4.94
CA VAL D 186 13.24 52.19 -4.28
C VAL D 186 12.60 51.05 -3.50
N THR D 187 12.40 51.28 -2.21
CA THR D 187 11.69 50.35 -1.35
C THR D 187 10.29 50.89 -1.06
N ALA D 188 9.28 50.06 -1.29
CA ALA D 188 7.90 50.52 -1.15
C ALA D 188 7.08 49.41 -0.52
N LEU D 189 5.94 49.81 0.05
CA LEU D 189 5.01 48.87 0.67
C LEU D 189 3.68 48.93 -0.07
N ARG D 190 3.10 47.76 -0.31
CA ARG D 190 1.85 47.69 -1.07
C ARG D 190 0.75 48.46 -0.34
N ALA D 191 -0.05 49.18 -1.12
CA ALA D 191 -1.17 49.94 -0.57
C ALA D 191 -2.50 49.37 -1.06
N ASN E 1 -26.71 -12.34 28.50
CA ASN E 1 -27.06 -13.77 28.75
C ASN E 1 -26.25 -14.69 27.87
N ASN E 2 -25.05 -15.04 28.33
CA ASN E 2 -24.16 -15.93 27.61
C ASN E 2 -24.03 -17.22 28.41
N GLU E 3 -24.39 -18.34 27.81
CA GLU E 3 -24.53 -19.62 28.50
C GLU E 3 -23.41 -20.56 28.10
N LEU E 4 -23.13 -21.52 29.00
CA LEU E 4 -22.08 -22.50 28.74
C LEU E 4 -22.50 -23.49 27.66
N SER E 5 -23.54 -24.26 27.94
CA SER E 5 -24.05 -25.26 27.00
C SER E 5 -25.57 -25.10 26.93
N PRO E 6 -26.07 -24.27 26.01
CA PRO E 6 -27.53 -24.14 25.89
C PRO E 6 -28.22 -25.46 25.61
N VAL E 7 -27.58 -26.35 24.86
CA VAL E 7 -28.10 -27.67 24.55
C VAL E 7 -27.24 -28.69 25.29
N ALA E 8 -27.89 -29.58 26.04
CA ALA E 8 -27.16 -30.55 26.83
C ALA E 8 -26.22 -31.36 25.94
N LEU E 9 -24.99 -31.54 26.41
CA LEU E 9 -23.98 -32.21 25.60
C LEU E 9 -24.32 -33.69 25.44
N ARG E 10 -24.22 -34.18 24.22
CA ARG E 10 -24.58 -35.57 23.93
C ARG E 10 -23.60 -36.52 24.62
N GLN E 11 -24.10 -37.72 24.94
CA GLN E 11 -23.30 -38.71 25.65
C GLN E 11 -23.62 -40.10 25.12
N MET E 12 -22.68 -41.01 25.32
CA MET E 12 -22.86 -42.41 24.96
C MET E 12 -21.94 -43.25 25.86
N SER E 13 -22.16 -44.57 25.81
CA SER E 13 -21.37 -45.50 26.61
C SER E 13 -20.11 -45.90 25.85
N CYS E 14 -19.04 -46.14 26.60
CA CYS E 14 -17.75 -46.50 26.02
C CYS E 14 -16.97 -47.32 27.04
N ALA E 15 -15.79 -47.77 26.62
CA ALA E 15 -14.93 -48.62 27.43
C ALA E 15 -13.60 -47.94 27.68
N ALA E 16 -13.05 -48.15 28.88
CA ALA E 16 -11.78 -47.54 29.25
C ALA E 16 -11.15 -48.36 30.37
N GLY E 17 -9.86 -48.12 30.60
CA GLY E 17 -9.14 -48.81 31.65
C GLY E 17 -7.84 -48.13 31.96
N THR E 18 -7.16 -48.66 32.98
CA THR E 18 -5.88 -48.09 33.40
C THR E 18 -4.87 -48.14 32.27
N THR E 19 -4.67 -49.32 31.68
CA THR E 19 -3.81 -49.49 30.52
C THR E 19 -4.68 -49.66 29.27
N GLN E 20 -4.06 -50.14 28.19
CA GLN E 20 -4.77 -50.49 26.97
C GLN E 20 -5.30 -51.92 26.99
N THR E 21 -5.39 -52.54 28.17
CA THR E 21 -5.82 -53.93 28.30
C THR E 21 -7.27 -54.08 28.70
N ALA E 22 -7.79 -53.18 29.55
CA ALA E 22 -9.13 -53.30 30.11
C ALA E 22 -10.16 -52.49 29.33
N CYS E 23 -9.95 -52.31 28.03
CA CYS E 23 -10.88 -51.57 27.19
C CYS E 23 -11.90 -52.48 26.51
N THR E 24 -11.85 -53.79 26.76
CA THR E 24 -12.78 -54.71 26.11
C THR E 24 -14.22 -54.46 26.56
N ASP E 25 -14.42 -54.20 27.85
CA ASP E 25 -15.75 -54.08 28.43
C ASP E 25 -16.11 -52.62 28.62
N ASP E 26 -17.32 -52.26 28.21
CA ASP E 26 -17.81 -50.90 28.36
C ASP E 26 -18.33 -50.69 29.78
N ASN E 27 -17.76 -49.70 30.48
CA ASN E 27 -18.12 -49.44 31.86
C ASN E 27 -18.20 -47.95 32.19
N ALA E 28 -18.16 -47.06 31.19
CA ALA E 28 -18.11 -45.63 31.46
C ALA E 28 -18.98 -44.88 30.46
N LEU E 29 -19.46 -43.72 30.90
CA LEU E 29 -20.22 -42.79 30.08
C LEU E 29 -19.28 -41.67 29.61
N ALA E 30 -19.45 -41.26 28.36
CA ALA E 30 -18.60 -40.24 27.77
C ALA E 30 -19.45 -39.18 27.10
N TYR E 31 -19.10 -37.92 27.33
CA TYR E 31 -19.73 -36.80 26.63
C TYR E 31 -18.93 -36.48 25.39
N TYR E 32 -19.61 -36.30 24.27
CA TYR E 32 -18.95 -36.05 22.99
C TYR E 32 -19.65 -34.93 22.25
N ASN E 33 -18.87 -34.09 21.58
CA ASN E 33 -19.44 -33.04 20.75
C ASN E 33 -20.22 -33.68 19.61
N THR E 34 -21.47 -33.27 19.45
CA THR E 34 -22.41 -34.02 18.61
C THR E 34 -21.93 -34.06 17.16
N THR E 35 -21.58 -32.92 16.58
CA THR E 35 -21.28 -32.82 15.16
C THR E 35 -19.92 -32.18 14.93
N LYS E 36 -18.91 -32.64 15.68
CA LYS E 36 -17.52 -32.24 15.44
C LYS E 36 -16.90 -33.28 14.50
N GLY E 37 -17.19 -33.11 13.21
CA GLY E 37 -16.78 -34.09 12.23
C GLY E 37 -17.44 -35.41 12.53
N GLY E 38 -16.74 -36.30 13.23
CA GLY E 38 -17.31 -37.54 13.70
C GLY E 38 -17.76 -37.48 15.15
N ARG E 39 -17.07 -38.21 16.02
CA ARG E 39 -17.29 -38.19 17.46
C ARG E 39 -16.02 -37.75 18.15
N PHE E 40 -16.15 -36.80 19.08
CA PHE E 40 -15.01 -36.32 19.87
C PHE E 40 -15.44 -36.32 21.32
N VAL E 41 -14.87 -37.21 22.11
CA VAL E 41 -15.25 -37.31 23.52
C VAL E 41 -14.46 -36.28 24.32
N LEU E 42 -15.16 -35.53 25.15
CA LEU E 42 -14.53 -34.51 25.97
C LEU E 42 -14.18 -35.03 27.36
N ALA E 43 -15.03 -35.88 27.93
CA ALA E 43 -14.80 -36.36 29.29
C ALA E 43 -15.41 -37.74 29.46
N LEU E 44 -15.00 -38.41 30.53
CA LEU E 44 -15.47 -39.76 30.85
C LEU E 44 -16.02 -39.74 32.26
N LEU E 45 -17.27 -40.17 32.42
CA LEU E 45 -17.92 -40.28 33.73
C LEU E 45 -18.06 -41.76 34.06
N SER E 46 -17.49 -42.18 35.18
CA SER E 46 -17.51 -43.56 35.60
C SER E 46 -17.46 -43.65 37.12
N ASP E 47 -17.90 -44.78 37.65
CA ASP E 47 -17.79 -45.05 39.09
C ASP E 47 -16.50 -45.80 39.42
N LEU E 48 -15.38 -45.26 38.96
CA LEU E 48 -14.08 -45.87 39.15
C LEU E 48 -13.05 -44.78 39.41
N GLN E 49 -11.94 -45.17 40.05
CA GLN E 49 -10.94 -44.20 40.50
C GLN E 49 -9.53 -44.56 40.04
N ASP E 50 -9.39 -45.27 38.91
CA ASP E 50 -8.06 -45.63 38.43
C ASP E 50 -7.92 -45.50 36.91
N LEU E 51 -8.93 -45.00 36.21
CA LEU E 51 -8.87 -44.95 34.75
C LEU E 51 -7.77 -44.00 34.29
N LYS E 52 -7.02 -44.43 33.27
CA LYS E 52 -5.98 -43.61 32.67
C LYS E 52 -5.99 -43.62 31.16
N TRP E 53 -6.63 -44.59 30.50
CA TRP E 53 -6.72 -44.63 29.06
C TRP E 53 -8.11 -45.10 28.65
N ALA E 54 -8.57 -44.62 27.50
CA ALA E 54 -9.86 -44.99 26.94
C ALA E 54 -9.70 -45.31 25.46
N ARG E 55 -10.55 -46.20 24.96
CA ARG E 55 -10.52 -46.63 23.57
C ARG E 55 -11.90 -46.50 22.95
N PHE E 56 -11.94 -46.14 21.68
CA PHE E 56 -13.18 -45.97 20.94
C PHE E 56 -13.04 -46.57 19.56
N PRO E 57 -14.16 -46.97 18.91
CA PRO E 57 -14.14 -47.51 17.55
C PRO E 57 -13.18 -46.79 16.62
N GLY E 63 -11.28 -46.98 12.56
CA GLY E 63 -10.33 -47.79 13.30
C GLY E 63 -10.28 -47.43 14.77
N THR E 64 -9.83 -48.38 15.60
CA THR E 64 -9.74 -48.14 17.03
C THR E 64 -8.80 -46.99 17.32
N ILE E 65 -9.24 -46.08 18.19
CA ILE E 65 -8.46 -44.92 18.59
C ILE E 65 -8.36 -44.92 20.11
N TYR E 66 -7.13 -44.78 20.61
CA TYR E 66 -6.87 -44.71 22.05
C TYR E 66 -6.62 -43.26 22.44
N THR E 67 -7.33 -42.79 23.46
CA THR E 67 -7.26 -41.40 23.90
C THR E 67 -6.68 -41.34 25.30
N GLU E 68 -5.69 -40.48 25.49
CA GLU E 68 -5.08 -40.31 26.81
C GLU E 68 -6.06 -39.61 27.74
N LEU E 69 -6.21 -40.13 28.94
CA LEU E 69 -7.05 -39.53 29.96
C LEU E 69 -6.21 -38.58 30.82
N GLU E 70 -6.80 -38.08 31.89
CA GLU E 70 -6.10 -37.25 32.86
C GLU E 70 -6.54 -37.66 34.25
N PRO E 71 -5.73 -37.38 35.27
CA PRO E 71 -6.17 -37.60 36.64
C PRO E 71 -7.35 -36.71 36.95
N PRO E 72 -8.31 -37.18 37.75
CA PRO E 72 -9.48 -36.35 38.05
C PRO E 72 -9.23 -35.46 39.26
N CYS E 73 -9.67 -34.21 39.14
CA CYS E 73 -9.71 -33.33 40.30
C CYS E 73 -10.49 -34.00 41.41
N ARG E 74 -10.28 -33.55 42.64
CA ARG E 74 -10.93 -34.21 43.77
C ARG E 74 -12.42 -33.95 43.68
N PHE E 75 -13.13 -34.86 43.02
CA PHE E 75 -14.49 -34.61 42.58
C PHE E 75 -15.43 -35.69 43.12
N VAL E 76 -16.44 -35.26 43.86
CA VAL E 76 -17.57 -36.10 44.18
C VAL E 76 -18.74 -35.56 43.38
N THR E 77 -18.89 -36.05 42.16
CA THR E 77 -19.84 -35.46 41.23
C THR E 77 -21.27 -35.73 41.70
N ASP E 78 -22.14 -34.73 41.54
CA ASP E 78 -23.53 -34.85 41.94
C ASP E 78 -24.34 -35.36 40.77
N THR E 79 -24.79 -36.61 40.86
CA THR E 79 -25.58 -37.23 39.80
C THR E 79 -26.85 -36.43 39.50
N LYS E 84 -21.54 -40.27 44.78
CA LYS E 84 -20.49 -41.23 45.02
C LYS E 84 -19.13 -40.68 44.59
N VAL E 85 -18.11 -41.52 44.63
CA VAL E 85 -16.74 -41.10 44.33
C VAL E 85 -16.52 -41.15 42.82
N LYS E 86 -17.57 -41.43 42.06
CA LYS E 86 -17.50 -41.41 40.61
C LYS E 86 -16.82 -40.14 40.12
N TYR E 87 -15.67 -40.29 39.49
CA TYR E 87 -14.87 -39.16 39.06
C TYR E 87 -15.32 -38.68 37.68
N LEU E 88 -14.65 -37.63 37.19
CA LEU E 88 -14.92 -37.06 35.88
C LEU E 88 -13.58 -36.75 35.23
N TYR E 89 -13.21 -37.52 34.21
CA TYR E 89 -11.88 -37.47 33.61
C TYR E 89 -11.93 -36.65 32.33
N PHE E 90 -11.20 -35.53 32.32
CA PHE E 90 -11.03 -34.76 31.11
C PHE E 90 -9.99 -35.41 30.21
N ILE E 91 -10.20 -35.28 28.90
CA ILE E 91 -9.16 -35.66 27.95
C ILE E 91 -8.01 -34.67 28.06
N LYS E 92 -6.79 -35.18 27.98
CA LYS E 92 -5.62 -34.32 28.10
C LYS E 92 -5.61 -33.26 27.01
N GLY E 93 -5.21 -32.05 27.37
CA GLY E 93 -5.15 -30.95 26.43
C GLY E 93 -6.46 -30.25 26.18
N LEU E 94 -7.48 -30.53 26.99
CA LEU E 94 -8.79 -29.92 26.79
C LEU E 94 -8.74 -28.43 27.12
N ASN E 95 -9.52 -27.64 26.38
CA ASN E 95 -9.54 -26.20 26.58
C ASN E 95 -10.63 -25.82 27.58
N ASN E 96 -10.63 -24.55 27.99
CA ASN E 96 -11.52 -24.10 29.05
C ASN E 96 -12.98 -24.21 28.64
N LEU E 97 -13.31 -23.85 27.40
CA LEU E 97 -14.71 -23.89 26.99
C LEU E 97 -15.25 -25.31 27.03
N ASN E 98 -14.47 -26.28 26.56
CA ASN E 98 -14.90 -27.68 26.62
C ASN E 98 -14.98 -28.18 28.05
N ARG E 99 -14.07 -27.72 28.91
CA ARG E 99 -14.16 -28.07 30.32
C ARG E 99 -15.44 -27.51 30.94
N GLY E 100 -15.81 -26.29 30.55
CA GLY E 100 -17.05 -25.72 31.06
C GLY E 100 -18.28 -26.47 30.59
N MET E 101 -18.33 -26.82 29.31
CA MET E 101 -19.50 -27.53 28.78
C MET E 101 -19.70 -28.87 29.47
N VAL E 102 -18.60 -29.58 29.76
CA VAL E 102 -18.72 -30.85 30.46
C VAL E 102 -19.40 -30.65 31.81
N LEU E 103 -19.05 -29.58 32.52
CA LEU E 103 -19.69 -29.23 33.78
C LEU E 103 -20.95 -28.41 33.57
N GLY E 104 -21.00 -27.58 32.53
CA GLY E 104 -22.21 -26.85 32.21
C GLY E 104 -23.34 -27.75 31.76
N SER E 105 -23.02 -28.82 31.05
CA SER E 105 -23.99 -29.87 30.78
C SER E 105 -24.24 -30.75 31.99
N LEU E 106 -23.75 -30.35 33.16
CA LEU E 106 -24.04 -31.02 34.43
C LEU E 106 -23.19 -32.27 34.57
N ALA E 107 -22.95 -32.68 35.82
CA ALA E 107 -22.18 -33.88 36.10
C ALA E 107 -22.36 -34.26 37.57
#